data_7RHS
#
_entry.id   7RHS
#
_cell.length_a   1.00
_cell.length_b   1.00
_cell.length_c   1.00
_cell.angle_alpha   90.00
_cell.angle_beta   90.00
_cell.angle_gamma   90.00
#
_symmetry.space_group_name_H-M   'P 1'
#
loop_
_entity.id
_entity.type
_entity.pdbx_description
1 polymer 'Cyclic nucleotide-gated cation channel alpha-3'
2 polymer 'Cyclic nucleotide-gated cation channel beta-3'
3 non-polymer 2-acetamido-2-deoxy-beta-D-glucopyranose
4 non-polymer 'SODIUM ION'
#
loop_
_entity_poly.entity_id
_entity_poly.type
_entity_poly.pdbx_seq_one_letter_code
_entity_poly.pdbx_strand_id
1 'polypeptide(L)'
;GPGSMAKINTQYSHPSRTHLKVKTSDRDLNRAENGLSRAHSSSEETSSVLQPGIAMETRGLADSGQGSFTGQGIARLSRL
IFLLRRWAARHVHHQDQGPDSFPDRFRGAELKEVSSQESNAQANVGSQEPADRGRSAWPLAKCNTNTSNNTEEEKKTKKK
DAIVVDPSSNLYYRWLTAIALPVFYNWYLLICRACFDELQSEYLMLWLVLDYSADVLYVLDVLVRARTGFLEQGLMVSDT
NRLWQHYKTTTQFKLDVLSLVPTDLAYLKVGTNYPEVRFNRLLKFSRLFEFFDRTETRTNYPNMFRIGNLVLYILIIIHW
NACIYFAISKFIGFGTDSWVYPNISIPEHGRLSRKYIYSLYWSTLTLTTIGETPPPVKDEEYLFVVVDFLVGVLIFATIV
GNVGSMISNMNASRAEFQAKIDSIKQYMQFRKVTKDLETRVIRWFDYLWANKKTVDEKEVLKSLPDKLKAEIAINVHLDT
LKKVRIFQDCEAGLLVELVLKLRPTVFSPGDYICKKGDIGKEMYIINEGKLAVVADDGVTQFVVLSDGSYFGEISILNIK
GSKSGNRRTANIRSIGYSDLFCLSKDDLMEALTEYPEAKKALEEKGRQILMKDNLIDEELARAGADPKDLEEKVEQLGSS
LDTLQTRFARLLAEYNATQMKMKQRLSQLESQVKGGGDKPLADGEVPGDATKTEDKQQDYKDDDDK
;
A,B,C
2 'polypeptide(L)'
;MGSWSHPQFEKGGGSGGGSGGSAWSHPQFEKGSFKSLTKVNKVKPIGENNENEQSSRRNEEGSHPSNQSQQTTAQEENKG
EEKSLKTKSTPVTSEEPHTNIQDKLSKKNSSGDLTTNPDPQNAAEPTGTVPEQKEMDPGKEGPNSPQNKPPAAPVINEYA
DAQLHNLVKRMRQRTALYKKKLVEGDLSSPEASPQTAKPTAVPPVKESDDKPTEHYYRLLWFKVKKMPLTEYLKRIKLPN
SIDSYTDRLYLLWLLLVTLAYNWNCCFIPLRLVFPYQTADNIHYWLIADIICDIIYLYDMLFIQPRLQFVRGGDIIVDSN
ELRKHYRTSTKFQLDVASIIPFDICYLFFGFNPMFRANRMLKYTSFFEFNHHLESIMDKAYIYRVIRTTGYLLFILHINA
CVYYWASNYEGIGTTRWVYDGEGNEYLRCYYWAVRTLITIGGLPEPQTLFEIVFQLLNFFSGVFVFSSLIGQMRDVIGAA
TANQNYFRACMDDTIAYMNNYSIPKLVQKRVRTWYEYTWDSQRMLDESDLLKTLPTTVQLALAIDVNFSIISKVDLFKGC
DTQMIYDMLLRLKSVLYLPGDFVCKKGEIGKEMYIIKHGEVQVLGGPDGTKVLVTLKAGSVFGEISLLAAGGGNRRTANV
VAHGFANLLTLDKKTLQEILVHYPDSERILMKKARVLLKQKAKTAEATPPRKDLALLFPPKEETPKLFKTLLGGTGKASL
ARLLKLKREQAAQKKENSEGGEEEGKENEDKQKENEDKQKENEDKGKENEDKDKGREPEEKPLDRPECTASPIAVEEEPH
SVRRTVLPRGTSRQSLIISMAPSAEGGEEVLTIEVKEKAKQ
;
D
#
# COMPACT_ATOMS: atom_id res chain seq x y z
N ILE A 163 -26.68 4.09 39.53
CA ILE A 163 -26.02 3.28 38.52
C ILE A 163 -25.50 4.20 37.39
N VAL A 164 -24.29 3.94 36.93
CA VAL A 164 -23.66 4.68 35.84
C VAL A 164 -23.17 3.65 34.83
N VAL A 165 -23.61 3.79 33.59
CA VAL A 165 -23.28 2.83 32.53
C VAL A 165 -21.91 3.18 31.97
N ASP A 166 -20.99 2.22 32.01
CA ASP A 166 -19.69 2.38 31.37
C ASP A 166 -19.84 2.11 29.89
N PRO A 167 -19.37 3.02 29.02
CA PRO A 167 -19.58 2.83 27.57
C PRO A 167 -18.68 1.80 26.93
N SER A 168 -17.67 1.30 27.64
CA SER A 168 -16.82 0.23 27.11
C SER A 168 -17.22 -1.14 27.63
N SER A 169 -18.41 -1.27 28.20
CA SER A 169 -18.84 -2.53 28.80
C SER A 169 -19.36 -3.50 27.74
N ASN A 170 -19.78 -4.67 28.23
CA ASN A 170 -20.64 -5.54 27.43
C ASN A 170 -22.08 -5.10 27.52
N LEU A 171 -22.46 -4.48 28.65
CA LEU A 171 -23.83 -4.01 28.86
C LEU A 171 -24.17 -2.86 27.93
N TYR A 172 -23.19 -1.99 27.66
CA TYR A 172 -23.41 -0.89 26.71
C TYR A 172 -23.53 -1.41 25.29
N TYR A 173 -22.84 -2.49 24.93
CA TYR A 173 -23.03 -3.05 23.60
C TYR A 173 -24.35 -3.80 23.48
N ARG A 174 -24.82 -4.41 24.58
CA ARG A 174 -26.15 -5.01 24.59
C ARG A 174 -27.24 -3.96 24.46
N TRP A 175 -27.03 -2.80 25.07
CA TRP A 175 -27.96 -1.70 24.88
C TRP A 175 -27.83 -1.08 23.48
N LEU A 176 -26.64 -1.11 22.89
CA LEU A 176 -26.47 -0.62 21.53
C LEU A 176 -27.19 -1.52 20.52
N THR A 177 -27.23 -2.83 20.79
CA THR A 177 -28.06 -3.72 19.99
C THR A 177 -29.55 -3.46 20.23
N ALA A 178 -29.94 -3.28 21.49
CA ALA A 178 -31.35 -3.08 21.83
C ALA A 178 -31.89 -1.72 21.43
N ILE A 179 -31.03 -0.76 21.09
CA ILE A 179 -31.46 0.51 20.51
C ILE A 179 -31.20 0.59 19.01
N ALA A 180 -30.30 -0.25 18.47
CA ALA A 180 -30.14 -0.29 17.02
C ALA A 180 -31.23 -1.11 16.35
N LEU A 181 -31.94 -1.94 17.10
CA LEU A 181 -33.11 -2.61 16.51
C LEU A 181 -34.29 -1.66 16.20
N PRO A 182 -34.77 -0.78 17.12
CA PRO A 182 -35.87 0.11 16.71
C PRO A 182 -35.45 1.24 15.78
N VAL A 183 -34.17 1.57 15.69
CA VAL A 183 -33.74 2.62 14.75
C VAL A 183 -33.80 2.10 13.32
N PHE A 184 -33.29 0.90 13.09
CA PHE A 184 -33.38 0.27 11.77
C PHE A 184 -34.82 -0.08 11.42
N TYR A 185 -35.62 -0.45 12.44
CA TYR A 185 -37.06 -0.59 12.29
C TYR A 185 -37.70 0.70 11.81
N ASN A 186 -37.34 1.82 12.43
CA ASN A 186 -37.93 3.12 12.13
C ASN A 186 -37.58 3.58 10.72
N TRP A 187 -36.31 3.37 10.30
CA TRP A 187 -35.86 3.73 8.96
C TRP A 187 -36.60 2.94 7.87
N TYR A 188 -36.47 1.60 7.93
CA TYR A 188 -37.01 0.71 6.90
C TYR A 188 -38.54 0.75 6.89
N LEU A 189 -39.16 0.43 8.03
CA LEU A 189 -40.59 0.30 8.05
C LEU A 189 -41.31 1.65 8.05
N LEU A 190 -40.67 2.75 8.47
CA LEU A 190 -41.38 4.02 8.40
C LEU A 190 -41.39 4.58 6.99
N ILE A 191 -40.33 4.33 6.19
CA ILE A 191 -40.43 4.84 4.82
C ILE A 191 -41.39 3.96 4.00
N CYS A 192 -41.51 2.66 4.28
CA CYS A 192 -42.48 1.92 3.46
C CYS A 192 -43.91 2.06 3.98
N ARG A 193 -44.10 2.38 5.27
CA ARG A 193 -45.43 2.74 5.72
C ARG A 193 -45.84 4.12 5.25
N ALA A 194 -44.88 5.03 5.07
CA ALA A 194 -45.22 6.36 4.59
C ALA A 194 -45.53 6.36 3.10
N CYS A 195 -44.84 5.51 2.34
CA CYS A 195 -45.02 5.54 0.89
C CYS A 195 -46.00 4.51 0.35
N PHE A 196 -46.26 3.41 1.04
CA PHE A 196 -47.01 2.34 0.41
C PHE A 196 -48.49 2.30 0.75
N ASP A 197 -48.89 2.82 1.92
CA ASP A 197 -50.25 3.15 2.34
C ASP A 197 -51.20 1.95 2.50
N GLU A 198 -50.77 0.73 2.21
CA GLU A 198 -51.52 -0.46 2.60
C GLU A 198 -50.89 -1.17 3.78
N LEU A 199 -49.58 -0.99 3.97
CA LEU A 199 -48.93 -1.43 5.20
C LEU A 199 -49.44 -0.65 6.40
N GLN A 200 -49.63 0.66 6.24
CA GLN A 200 -50.10 1.48 7.35
C GLN A 200 -51.58 1.27 7.60
N SER A 201 -52.37 1.06 6.55
CA SER A 201 -53.80 0.91 6.73
C SER A 201 -54.18 -0.48 7.20
N GLU A 202 -53.47 -1.52 6.75
CA GLU A 202 -53.88 -2.88 7.03
C GLU A 202 -53.45 -3.33 8.43
N TYR A 203 -52.14 -3.35 8.68
CA TYR A 203 -51.60 -3.89 9.92
C TYR A 203 -51.39 -2.77 10.95
N LEU A 204 -52.47 -2.06 11.25
CA LEU A 204 -52.38 -0.77 11.95
C LEU A 204 -52.04 -0.95 13.42
N MET A 205 -52.68 -1.91 14.11
CA MET A 205 -52.42 -2.12 15.53
C MET A 205 -51.05 -2.73 15.75
N LEU A 206 -50.54 -3.47 14.77
CA LEU A 206 -49.16 -3.97 14.80
C LEU A 206 -48.17 -2.83 14.78
N TRP A 207 -48.41 -1.81 13.93
CA TRP A 207 -47.50 -0.67 13.93
C TRP A 207 -47.71 0.23 15.13
N LEU A 208 -48.90 0.22 15.73
CA LEU A 208 -49.08 0.99 16.96
C LEU A 208 -48.34 0.36 18.13
N VAL A 209 -48.36 -0.98 18.23
CA VAL A 209 -47.59 -1.69 19.26
C VAL A 209 -46.10 -1.55 19.02
N LEU A 210 -45.64 -1.66 17.76
CA LEU A 210 -44.22 -1.55 17.46
C LEU A 210 -43.71 -0.12 17.62
N ASP A 211 -44.55 0.88 17.33
CA ASP A 211 -44.13 2.26 17.53
C ASP A 211 -44.15 2.66 18.99
N TYR A 212 -45.06 2.09 19.79
CA TYR A 212 -45.03 2.32 21.23
C TYR A 212 -43.81 1.67 21.87
N SER A 213 -43.42 0.49 21.39
CA SER A 213 -42.20 -0.16 21.87
C SER A 213 -40.94 0.59 21.45
N ALA A 214 -40.93 1.12 20.22
CA ALA A 214 -39.80 1.92 19.76
C ALA A 214 -39.71 3.25 20.50
N ASP A 215 -40.83 3.86 20.86
CA ASP A 215 -40.77 5.12 21.59
C ASP A 215 -40.40 4.92 23.05
N VAL A 216 -40.84 3.81 23.70
CA VAL A 216 -40.40 3.58 25.07
C VAL A 216 -38.93 3.15 25.11
N LEU A 217 -38.44 2.52 24.03
CA LEU A 217 -37.00 2.30 23.89
C LEU A 217 -36.25 3.60 23.64
N TYR A 218 -36.90 4.59 23.02
CA TYR A 218 -36.24 5.89 22.81
C TYR A 218 -36.13 6.68 24.11
N VAL A 219 -37.17 6.63 24.94
CA VAL A 219 -37.11 7.30 26.25
C VAL A 219 -36.12 6.58 27.18
N LEU A 220 -36.05 5.24 27.09
CA LEU A 220 -35.01 4.52 27.81
C LEU A 220 -33.62 4.82 27.26
N ASP A 221 -33.50 5.15 25.97
CA ASP A 221 -32.22 5.54 25.41
C ASP A 221 -31.78 6.91 25.89
N VAL A 222 -32.72 7.86 26.05
CA VAL A 222 -32.29 9.17 26.51
C VAL A 222 -31.99 9.15 28.01
N LEU A 223 -32.62 8.22 28.77
CA LEU A 223 -32.21 8.14 30.17
C LEU A 223 -30.95 7.30 30.36
N VAL A 224 -30.63 6.41 29.42
CA VAL A 224 -29.34 5.73 29.45
C VAL A 224 -28.23 6.70 29.04
N ARG A 225 -28.48 7.53 28.02
CA ARG A 225 -27.51 8.53 27.60
C ARG A 225 -27.35 9.65 28.62
N ALA A 226 -28.37 9.87 29.47
CA ALA A 226 -28.20 10.83 30.56
C ALA A 226 -27.31 10.26 31.67
N ARG A 227 -27.17 8.95 31.75
CA ARG A 227 -26.39 8.30 32.81
C ARG A 227 -25.37 7.33 32.23
N THR A 228 -24.70 7.73 31.16
CA THR A 228 -23.59 6.96 30.60
C THR A 228 -22.28 7.67 30.92
N GLY A 229 -21.21 6.88 31.04
CA GLY A 229 -19.94 7.44 31.42
C GLY A 229 -19.20 8.06 30.26
N PHE A 230 -18.23 8.90 30.60
CA PHE A 230 -17.29 9.44 29.63
C PHE A 230 -15.94 9.59 30.31
N LEU A 231 -14.88 9.29 29.57
CA LEU A 231 -13.54 9.30 30.14
C LEU A 231 -13.03 10.73 30.25
N GLU A 232 -12.65 11.11 31.47
CA GLU A 232 -11.97 12.38 31.71
C GLU A 232 -10.72 12.08 32.53
N GLN A 233 -9.56 12.45 31.98
CA GLN A 233 -8.21 12.17 32.52
C GLN A 233 -7.98 10.68 32.76
N GLY A 234 -8.47 9.86 31.83
CA GLY A 234 -8.26 8.44 31.87
C GLY A 234 -9.18 7.65 32.78
N LEU A 235 -10.04 8.31 33.55
CA LEU A 235 -10.94 7.65 34.48
C LEU A 235 -12.38 8.02 34.17
N MET A 236 -13.29 7.09 34.39
CA MET A 236 -14.70 7.29 34.09
C MET A 236 -15.36 8.16 35.15
N VAL A 237 -16.15 9.14 34.69
CA VAL A 237 -16.88 10.03 35.58
C VAL A 237 -18.17 9.36 36.00
N SER A 238 -18.43 9.33 37.31
CA SER A 238 -19.63 8.70 37.84
C SER A 238 -20.54 9.70 38.54
N ASP A 239 -20.21 10.99 38.52
CA ASP A 239 -21.09 12.01 39.07
C ASP A 239 -22.23 12.23 38.08
N THR A 240 -23.45 11.87 38.50
CA THR A 240 -24.60 11.84 37.59
C THR A 240 -25.03 13.23 37.18
N ASN A 241 -24.79 14.24 38.03
CA ASN A 241 -25.03 15.62 37.63
C ASN A 241 -24.05 16.07 36.55
N ARG A 242 -22.80 15.59 36.63
CA ARG A 242 -21.82 15.90 35.60
C ARG A 242 -22.13 15.17 34.30
N LEU A 243 -22.65 13.95 34.39
CA LEU A 243 -23.10 13.21 33.21
C LEU A 243 -24.31 13.88 32.58
N TRP A 244 -25.21 14.42 33.40
CA TRP A 244 -26.38 15.11 32.89
C TRP A 244 -26.04 16.43 32.23
N GLN A 245 -25.08 17.18 32.79
CA GLN A 245 -24.67 18.43 32.16
C GLN A 245 -23.85 18.20 30.90
N HIS A 246 -23.01 17.15 30.90
CA HIS A 246 -22.24 16.81 29.71
C HIS A 246 -23.13 16.26 28.61
N TYR A 247 -24.23 15.59 28.98
CA TYR A 247 -25.21 15.19 27.97
C TYR A 247 -26.01 16.39 27.48
N LYS A 248 -26.32 17.34 28.37
CA LYS A 248 -27.13 18.49 28.00
C LYS A 248 -26.40 19.47 27.08
N THR A 249 -25.08 19.59 27.22
CA THR A 249 -24.32 20.43 26.30
C THR A 249 -23.89 19.71 25.03
N THR A 250 -24.40 18.51 24.76
CA THR A 250 -24.06 17.77 23.56
C THR A 250 -25.12 18.03 22.50
N THR A 251 -24.72 17.99 21.23
CA THR A 251 -25.66 18.10 20.11
C THR A 251 -26.45 16.83 19.88
N GLN A 252 -26.08 15.72 20.52
CA GLN A 252 -26.87 14.50 20.45
C GLN A 252 -28.16 14.62 21.24
N PHE A 253 -28.15 15.44 22.30
CA PHE A 253 -29.35 15.65 23.12
C PHE A 253 -30.44 16.38 22.37
N LYS A 254 -30.04 17.31 21.49
CA LYS A 254 -31.00 18.03 20.66
C LYS A 254 -31.65 17.10 19.65
N LEU A 255 -30.86 16.22 19.02
CA LEU A 255 -31.42 15.24 18.10
C LEU A 255 -32.28 14.20 18.81
N ASP A 256 -31.96 13.90 20.08
CA ASP A 256 -32.78 12.97 20.84
C ASP A 256 -34.12 13.57 21.24
N VAL A 257 -34.13 14.83 21.68
CA VAL A 257 -35.40 15.43 22.07
C VAL A 257 -36.22 15.85 20.85
N LEU A 258 -35.57 16.08 19.70
CA LEU A 258 -36.36 16.22 18.48
C LEU A 258 -36.85 14.88 17.96
N SER A 259 -36.17 13.79 18.28
CA SER A 259 -36.70 12.47 17.92
C SER A 259 -37.81 12.05 18.86
N LEU A 260 -37.96 12.69 20.01
CA LEU A 260 -39.04 12.34 20.94
C LEU A 260 -40.06 13.45 21.15
N VAL A 261 -40.28 14.33 20.18
CA VAL A 261 -41.45 15.22 20.31
C VAL A 261 -42.71 14.45 19.97
N PRO A 262 -43.83 14.70 20.65
CA PRO A 262 -45.07 13.98 20.31
C PRO A 262 -45.76 14.53 19.06
N THR A 263 -45.29 14.09 17.90
CA THR A 263 -45.98 14.36 16.65
C THR A 263 -47.09 13.37 16.37
N ASP A 264 -47.25 12.35 17.22
CA ASP A 264 -48.36 11.42 17.11
C ASP A 264 -49.67 12.03 17.55
N LEU A 265 -49.64 13.16 18.27
CA LEU A 265 -50.82 13.99 18.46
C LEU A 265 -51.31 14.59 17.15
N ALA A 266 -50.40 14.77 16.17
CA ALA A 266 -50.80 15.08 14.79
C ALA A 266 -51.50 13.91 14.10
N TYR A 267 -51.46 12.70 14.67
CA TYR A 267 -52.35 11.62 14.27
C TYR A 267 -53.82 11.92 14.57
N LEU A 268 -54.09 12.82 15.53
CA LEU A 268 -55.47 13.13 15.90
C LEU A 268 -56.18 13.92 14.81
N LYS A 269 -55.44 14.67 14.00
CA LYS A 269 -56.05 15.44 12.93
C LYS A 269 -56.06 14.66 11.61
N VAL A 270 -54.91 14.10 11.22
CA VAL A 270 -54.80 13.46 9.91
C VAL A 270 -55.36 12.04 9.88
N GLY A 271 -55.68 11.46 11.03
CA GLY A 271 -56.35 10.18 11.07
C GLY A 271 -55.49 8.98 10.72
N THR A 272 -54.26 8.92 11.25
CA THR A 272 -53.31 7.79 11.36
C THR A 272 -52.87 7.13 10.05
N ASN A 273 -53.32 7.62 8.90
CA ASN A 273 -52.89 7.12 7.60
C ASN A 273 -51.62 7.81 7.11
N TYR A 274 -51.13 8.81 7.83
CA TYR A 274 -49.94 9.56 7.46
C TYR A 274 -48.85 9.34 8.49
N PRO A 275 -48.02 8.28 8.37
CA PRO A 275 -47.01 8.03 9.39
C PRO A 275 -45.68 8.73 9.12
N GLU A 276 -45.66 9.68 8.18
CA GLU A 276 -44.45 10.45 7.92
C GLU A 276 -44.19 11.52 8.96
N VAL A 277 -45.11 11.74 9.91
CA VAL A 277 -44.87 12.62 11.04
C VAL A 277 -43.91 12.01 12.06
N ARG A 278 -43.64 10.71 11.97
CA ARG A 278 -42.66 10.03 12.81
C ARG A 278 -41.26 10.03 12.21
N PHE A 279 -41.02 10.81 11.15
CA PHE A 279 -39.70 10.88 10.52
C PHE A 279 -38.66 11.58 11.39
N ASN A 280 -39.10 12.33 12.40
CA ASN A 280 -38.18 12.82 13.43
C ASN A 280 -37.55 11.68 14.22
N ARG A 281 -38.26 10.54 14.32
CA ARG A 281 -37.71 9.30 14.87
C ARG A 281 -36.56 8.72 14.05
N LEU A 282 -36.36 9.16 12.81
CA LEU A 282 -35.17 8.78 12.05
C LEU A 282 -33.94 9.58 12.47
N LEU A 283 -34.07 10.55 13.37
CA LEU A 283 -32.94 11.38 13.78
C LEU A 283 -31.96 10.67 14.71
N LYS A 284 -32.30 9.49 15.21
CA LYS A 284 -31.39 8.71 16.05
C LYS A 284 -30.57 7.72 15.23
N PHE A 285 -29.94 8.20 14.16
CA PHE A 285 -29.12 7.35 13.29
C PHE A 285 -27.77 7.03 13.93
N SER A 286 -27.35 7.88 14.87
CA SER A 286 -26.05 7.78 15.49
C SER A 286 -25.92 6.55 16.38
N ARG A 287 -27.02 6.05 16.93
CA ARG A 287 -26.96 4.80 17.68
C ARG A 287 -26.78 3.60 16.77
N LEU A 288 -27.32 3.66 15.55
CA LEU A 288 -27.10 2.60 14.57
C LEU A 288 -25.67 2.62 14.04
N PHE A 289 -25.13 3.81 13.77
CA PHE A 289 -23.73 3.91 13.35
C PHE A 289 -22.77 3.55 14.47
N GLU A 290 -23.12 3.88 15.72
CA GLU A 290 -22.32 3.48 16.87
C GLU A 290 -22.36 1.98 17.09
N PHE A 291 -23.50 1.35 16.81
CA PHE A 291 -23.61 -0.10 16.90
C PHE A 291 -22.78 -0.79 15.83
N PHE A 292 -22.75 -0.22 14.61
CA PHE A 292 -21.93 -0.81 13.54
C PHE A 292 -20.44 -0.63 13.82
N ASP A 293 -20.04 0.53 14.38
CA ASP A 293 -18.65 0.76 14.75
C ASP A 293 -18.21 -0.14 15.89
N ARG A 294 -19.04 -0.29 16.91
CA ARG A 294 -18.70 -1.17 18.03
C ARG A 294 -18.76 -2.64 17.63
N THR A 295 -19.58 -2.99 16.64
CA THR A 295 -19.62 -4.38 16.20
C THR A 295 -18.39 -4.73 15.36
N GLU A 296 -17.96 -3.84 14.47
CA GLU A 296 -16.74 -4.15 13.71
C GLU A 296 -15.47 -3.94 14.55
N THR A 297 -15.57 -3.21 15.66
CA THR A 297 -14.46 -3.19 16.61
C THR A 297 -14.44 -4.46 17.45
N ARG A 298 -15.62 -5.00 17.76
CA ARG A 298 -15.71 -6.13 18.68
C ARG A 298 -15.52 -7.48 18.00
N THR A 299 -15.88 -7.59 16.72
CA THR A 299 -15.91 -8.91 16.09
C THR A 299 -14.51 -9.37 15.69
N ASN A 300 -14.42 -10.64 15.35
CA ASN A 300 -13.19 -11.25 14.84
C ASN A 300 -13.25 -11.52 13.35
N TYR A 301 -14.37 -11.22 12.69
CA TYR A 301 -14.48 -11.21 11.24
C TYR A 301 -14.77 -9.78 10.80
N PRO A 302 -13.76 -8.93 10.63
CA PRO A 302 -14.05 -7.52 10.30
C PRO A 302 -14.42 -7.31 8.84
N ASN A 303 -13.84 -8.09 7.93
CA ASN A 303 -14.16 -7.96 6.52
C ASN A 303 -15.53 -8.57 6.21
N MET A 304 -15.91 -9.62 6.94
CA MET A 304 -17.24 -10.21 6.77
C MET A 304 -18.33 -9.28 7.29
N PHE A 305 -18.06 -8.59 8.40
CA PHE A 305 -19.02 -7.59 8.86
C PHE A 305 -19.01 -6.35 7.97
N ARG A 306 -17.88 -6.06 7.32
CA ARG A 306 -17.87 -4.90 6.42
C ARG A 306 -18.63 -5.16 5.13
N ILE A 307 -18.54 -6.38 4.58
CA ILE A 307 -19.37 -6.69 3.41
C ILE A 307 -20.82 -6.86 3.82
N GLY A 308 -21.10 -7.35 5.03
CA GLY A 308 -22.47 -7.39 5.51
C GLY A 308 -23.06 -6.00 5.77
N ASN A 309 -22.23 -5.06 6.22
CA ASN A 309 -22.68 -3.69 6.42
C ASN A 309 -22.88 -2.98 5.09
N LEU A 310 -22.07 -3.30 4.08
CA LEU A 310 -22.29 -2.74 2.75
C LEU A 310 -23.53 -3.33 2.10
N VAL A 311 -23.82 -4.61 2.34
CA VAL A 311 -25.05 -5.23 1.85
C VAL A 311 -26.27 -4.64 2.55
N LEU A 312 -26.15 -4.33 3.85
CA LEU A 312 -27.24 -3.67 4.57
C LEU A 312 -27.44 -2.23 4.11
N TYR A 313 -26.36 -1.55 3.74
CA TYR A 313 -26.49 -0.18 3.21
C TYR A 313 -27.12 -0.16 1.83
N ILE A 314 -26.76 -1.13 0.96
CA ILE A 314 -27.43 -1.16 -0.34
C ILE A 314 -28.87 -1.66 -0.20
N LEU A 315 -29.19 -2.44 0.83
CA LEU A 315 -30.58 -2.87 0.99
C LEU A 315 -31.46 -1.73 1.50
N ILE A 316 -30.92 -0.88 2.39
CA ILE A 316 -31.63 0.32 2.84
C ILE A 316 -31.79 1.32 1.69
N ILE A 317 -30.77 1.43 0.83
CA ILE A 317 -30.83 2.41 -0.27
C ILE A 317 -31.77 1.93 -1.38
N ILE A 318 -31.74 0.63 -1.71
CA ILE A 318 -32.66 0.02 -2.69
C ILE A 318 -34.10 0.10 -2.19
N HIS A 319 -34.31 -0.12 -0.88
CA HIS A 319 -35.63 -0.06 -0.28
C HIS A 319 -36.18 1.37 -0.25
N TRP A 320 -35.33 2.34 0.10
CA TRP A 320 -35.76 3.73 0.14
C TRP A 320 -36.03 4.27 -1.25
N ASN A 321 -35.27 3.81 -2.25
CA ASN A 321 -35.54 4.21 -3.62
C ASN A 321 -36.79 3.54 -4.17
N ALA A 322 -37.10 2.33 -3.69
CA ALA A 322 -38.35 1.66 -4.05
C ALA A 322 -39.55 2.43 -3.53
N CYS A 323 -39.46 2.91 -2.30
CA CYS A 323 -40.53 3.72 -1.72
C CYS A 323 -40.64 5.08 -2.40
N ILE A 324 -39.50 5.65 -2.80
CA ILE A 324 -39.49 6.94 -3.49
C ILE A 324 -40.09 6.81 -4.90
N TYR A 325 -39.79 5.69 -5.58
CA TYR A 325 -40.36 5.43 -6.90
C TYR A 325 -41.85 5.15 -6.82
N PHE A 326 -42.30 4.45 -5.77
CA PHE A 326 -43.74 4.24 -5.60
C PHE A 326 -44.47 5.52 -5.23
N ALA A 327 -43.84 6.41 -4.46
CA ALA A 327 -44.47 7.68 -4.12
C ALA A 327 -44.51 8.61 -5.32
N ILE A 328 -43.49 8.55 -6.18
CA ILE A 328 -43.49 9.36 -7.40
C ILE A 328 -44.50 8.82 -8.40
N SER A 329 -44.65 7.50 -8.46
CA SER A 329 -45.69 6.88 -9.29
C SER A 329 -47.08 7.14 -8.76
N LYS A 330 -47.23 7.34 -7.45
CA LYS A 330 -48.53 7.71 -6.91
C LYS A 330 -48.82 9.18 -7.14
N PHE A 331 -47.80 10.03 -7.13
CA PHE A 331 -48.02 11.46 -7.33
C PHE A 331 -48.31 11.79 -8.79
N ILE A 332 -47.59 11.14 -9.71
CA ILE A 332 -47.90 11.31 -11.13
C ILE A 332 -49.20 10.61 -11.48
N GLY A 333 -49.41 9.41 -10.97
CA GLY A 333 -50.62 8.67 -11.23
C GLY A 333 -50.28 7.29 -11.75
N PHE A 334 -51.02 6.29 -11.27
CA PHE A 334 -50.75 4.90 -11.62
C PHE A 334 -51.34 4.59 -12.98
N GLY A 335 -50.55 3.98 -13.85
CA GLY A 335 -51.04 3.52 -15.13
C GLY A 335 -51.19 4.59 -16.20
N THR A 336 -50.94 5.85 -15.88
CA THR A 336 -51.06 6.92 -16.86
C THR A 336 -49.88 6.93 -17.83
N ASP A 337 -48.77 6.32 -17.47
CA ASP A 337 -47.55 6.34 -18.25
C ASP A 337 -46.97 4.94 -18.33
N SER A 338 -46.06 4.75 -19.28
CA SER A 338 -45.39 3.47 -19.40
C SER A 338 -44.26 3.32 -18.40
N TRP A 339 -43.84 4.42 -17.77
CA TRP A 339 -42.71 4.38 -16.85
C TRP A 339 -43.17 4.11 -15.41
N VAL A 340 -44.33 4.64 -15.01
CA VAL A 340 -44.82 4.57 -13.64
C VAL A 340 -45.26 3.16 -13.27
N TYR A 341 -45.53 2.95 -11.98
CA TYR A 341 -46.15 1.71 -11.53
C TYR A 341 -47.54 1.59 -12.14
N PRO A 342 -47.95 0.38 -12.58
CA PRO A 342 -49.24 0.25 -13.29
C PRO A 342 -50.49 0.46 -12.45
N ASN A 343 -51.64 0.24 -13.08
CA ASN A 343 -52.93 0.59 -12.50
C ASN A 343 -53.27 -0.34 -11.34
N ILE A 344 -53.44 0.24 -10.15
CA ILE A 344 -53.62 -0.55 -8.94
C ILE A 344 -55.04 -1.04 -8.77
N SER A 345 -55.99 -0.59 -9.60
CA SER A 345 -57.33 -1.15 -9.57
C SER A 345 -57.37 -2.52 -10.23
N ILE A 346 -56.42 -2.81 -11.10
CA ILE A 346 -56.23 -4.16 -11.65
C ILE A 346 -55.78 -5.08 -10.51
N PRO A 347 -56.40 -6.25 -10.34
CA PRO A 347 -56.06 -7.10 -9.18
C PRO A 347 -54.71 -7.79 -9.28
N GLU A 348 -54.08 -7.78 -10.46
CA GLU A 348 -52.71 -8.28 -10.55
C GLU A 348 -51.73 -7.30 -9.92
N HIS A 349 -51.81 -6.03 -10.30
CA HIS A 349 -50.91 -5.02 -9.76
C HIS A 349 -51.37 -4.42 -8.44
N GLY A 350 -52.58 -4.76 -7.99
CA GLY A 350 -53.12 -4.13 -6.80
C GLY A 350 -52.70 -4.76 -5.50
N ARG A 351 -52.00 -5.88 -5.53
CA ARG A 351 -51.51 -6.49 -4.32
C ARG A 351 -50.30 -5.73 -3.79
N LEU A 352 -50.17 -5.72 -2.45
CA LEU A 352 -49.06 -5.02 -1.81
C LEU A 352 -47.74 -5.73 -2.05
N SER A 353 -47.78 -7.05 -2.24
CA SER A 353 -46.58 -7.82 -2.53
C SER A 353 -46.01 -7.47 -3.89
N ARG A 354 -46.86 -7.33 -4.92
CA ARG A 354 -46.35 -6.95 -6.24
C ARG A 354 -45.94 -5.47 -6.26
N LYS A 355 -46.58 -4.63 -5.44
CA LYS A 355 -46.21 -3.23 -5.29
C LYS A 355 -44.78 -3.09 -4.75
N TYR A 356 -44.50 -3.76 -3.62
CA TYR A 356 -43.19 -3.67 -3.01
C TYR A 356 -42.13 -4.41 -3.83
N ILE A 357 -42.49 -5.54 -4.42
CA ILE A 357 -41.50 -6.35 -5.12
C ILE A 357 -41.17 -5.77 -6.50
N TYR A 358 -42.15 -5.15 -7.19
CA TYR A 358 -41.83 -4.47 -8.44
C TYR A 358 -41.13 -3.14 -8.21
N SER A 359 -41.44 -2.43 -7.11
CA SER A 359 -40.69 -1.21 -6.81
C SER A 359 -39.25 -1.53 -6.43
N LEU A 360 -39.05 -2.66 -5.72
CA LEU A 360 -37.71 -3.15 -5.41
C LEU A 360 -36.99 -3.59 -6.68
N TYR A 361 -37.73 -4.13 -7.65
CA TYR A 361 -37.15 -4.53 -8.93
C TYR A 361 -36.73 -3.31 -9.75
N TRP A 362 -37.55 -2.26 -9.73
CA TRP A 362 -37.21 -1.02 -10.42
C TRP A 362 -36.00 -0.36 -9.82
N SER A 363 -35.89 -0.39 -8.49
CA SER A 363 -34.73 0.25 -7.87
C SER A 363 -33.47 -0.57 -7.99
N THR A 364 -33.58 -1.90 -8.00
CA THR A 364 -32.40 -2.74 -8.23
C THR A 364 -31.93 -2.64 -9.67
N LEU A 365 -32.85 -2.47 -10.62
CA LEU A 365 -32.44 -2.27 -12.01
C LEU A 365 -31.90 -0.86 -12.23
N THR A 366 -32.40 0.12 -11.49
CA THR A 366 -32.03 1.51 -11.77
C THR A 366 -30.77 1.94 -11.02
N LEU A 367 -30.67 1.63 -9.73
CA LEU A 367 -29.53 2.08 -8.94
C LEU A 367 -28.26 1.30 -9.21
N THR A 368 -28.34 0.10 -9.76
CA THR A 368 -27.14 -0.65 -10.13
C THR A 368 -26.66 -0.32 -11.53
N THR A 369 -27.30 0.67 -12.19
CA THR A 369 -27.01 1.15 -13.55
C THR A 369 -27.07 0.05 -14.60
N ILE A 370 -27.96 -0.92 -14.41
CA ILE A 370 -28.25 -1.87 -15.47
C ILE A 370 -29.28 -1.28 -16.41
N GLY A 371 -30.39 -0.79 -15.86
CA GLY A 371 -31.35 0.03 -16.57
C GLY A 371 -32.14 -0.67 -17.65
N GLU A 372 -32.86 -1.72 -17.29
CA GLU A 372 -33.71 -2.43 -18.22
C GLU A 372 -35.18 -2.23 -17.92
N THR A 373 -35.50 -1.14 -17.22
CA THR A 373 -36.85 -0.72 -16.96
C THR A 373 -37.41 -0.05 -18.23
N PRO A 374 -38.73 0.17 -18.30
CA PRO A 374 -39.28 1.05 -19.34
C PRO A 374 -38.78 2.46 -19.21
N PRO A 375 -38.45 3.12 -20.32
CA PRO A 375 -37.84 4.46 -20.26
C PRO A 375 -38.87 5.51 -19.91
N PRO A 376 -38.44 6.67 -19.40
CA PRO A 376 -39.41 7.71 -19.04
C PRO A 376 -40.07 8.36 -20.25
N VAL A 377 -41.24 8.93 -20.00
CA VAL A 377 -41.98 9.63 -21.05
C VAL A 377 -42.24 11.09 -20.70
N LYS A 378 -42.21 11.49 -19.44
CA LYS A 378 -42.39 12.87 -19.03
C LYS A 378 -41.07 13.40 -18.48
N ASP A 379 -40.97 14.73 -18.42
CA ASP A 379 -39.69 15.34 -18.05
C ASP A 379 -39.42 15.27 -16.56
N GLU A 380 -40.46 15.15 -15.74
CA GLU A 380 -40.25 14.88 -14.31
C GLU A 380 -39.68 13.49 -14.10
N GLU A 381 -40.16 12.53 -14.89
CA GLU A 381 -39.63 11.17 -14.83
C GLU A 381 -38.23 11.09 -15.42
N TYR A 382 -37.94 11.89 -16.45
CA TYR A 382 -36.59 11.99 -17.00
C TYR A 382 -35.62 12.59 -15.98
N LEU A 383 -36.06 13.61 -15.25
CA LEU A 383 -35.23 14.23 -14.22
C LEU A 383 -34.99 13.28 -13.04
N PHE A 384 -36.02 12.51 -12.66
CA PHE A 384 -35.86 11.55 -11.58
C PHE A 384 -34.97 10.38 -11.97
N VAL A 385 -35.06 9.92 -13.23
CA VAL A 385 -34.23 8.81 -13.66
C VAL A 385 -32.78 9.25 -13.87
N VAL A 386 -32.56 10.51 -14.28
CA VAL A 386 -31.20 11.06 -14.36
C VAL A 386 -30.58 11.19 -12.97
N VAL A 387 -31.34 11.75 -12.01
CA VAL A 387 -30.88 11.91 -10.63
C VAL A 387 -30.67 10.55 -9.97
N ASP A 388 -31.50 9.56 -10.31
CA ASP A 388 -31.42 8.25 -9.70
C ASP A 388 -30.28 7.43 -10.29
N PHE A 389 -30.01 7.57 -11.59
CA PHE A 389 -28.82 6.98 -12.21
C PHE A 389 -27.54 7.59 -11.67
N LEU A 390 -27.54 8.90 -11.40
CA LEU A 390 -26.35 9.55 -10.87
C LEU A 390 -26.08 9.16 -9.42
N VAL A 391 -27.13 9.11 -8.59
CA VAL A 391 -27.04 8.64 -7.21
C VAL A 391 -26.63 7.18 -7.17
N GLY A 392 -27.12 6.37 -8.12
CA GLY A 392 -26.77 4.98 -8.17
C GLY A 392 -25.34 4.71 -8.63
N VAL A 393 -24.85 5.50 -9.59
CA VAL A 393 -23.47 5.28 -10.02
C VAL A 393 -22.49 5.82 -8.98
N LEU A 394 -22.86 6.86 -8.22
CA LEU A 394 -21.97 7.35 -7.16
C LEU A 394 -21.94 6.38 -5.98
N ILE A 395 -23.10 5.84 -5.61
CA ILE A 395 -23.22 4.91 -4.50
C ILE A 395 -22.54 3.58 -4.84
N PHE A 396 -22.89 3.04 -6.01
CA PHE A 396 -22.19 1.77 -6.36
CA PHE A 396 -22.22 1.80 -6.50
C PHE A 396 -20.69 1.84 -6.86
N ALA A 397 -20.29 3.04 -7.29
CA ALA A 397 -18.86 3.22 -7.50
C ALA A 397 -18.12 3.33 -6.18
N THR A 398 -18.75 3.97 -5.18
CA THR A 398 -18.21 4.00 -3.82
C THR A 398 -18.15 2.60 -3.22
N ILE A 399 -19.15 1.77 -3.50
CA ILE A 399 -19.22 0.46 -2.86
C ILE A 399 -18.32 -0.55 -3.56
N VAL A 400 -18.16 -0.44 -4.88
CA VAL A 400 -17.19 -1.26 -5.61
C VAL A 400 -15.75 -0.84 -5.26
N GLY A 401 -15.50 0.46 -5.05
CA GLY A 401 -14.21 0.89 -4.54
C GLY A 401 -13.94 0.49 -3.12
N ASN A 402 -14.99 0.39 -2.29
CA ASN A 402 -14.83 -0.06 -0.91
C ASN A 402 -14.53 -1.55 -0.84
N VAL A 403 -15.18 -2.35 -1.68
CA VAL A 403 -14.90 -3.79 -1.76
C VAL A 403 -13.51 -4.02 -2.35
N GLY A 404 -13.08 -3.15 -3.28
CA GLY A 404 -11.74 -3.25 -3.83
C GLY A 404 -10.64 -2.88 -2.84
N SER A 405 -10.88 -1.84 -2.03
CA SER A 405 -9.95 -1.48 -0.97
C SER A 405 -9.90 -2.53 0.13
N MET A 406 -11.04 -3.16 0.43
CA MET A 406 -11.09 -4.18 1.45
C MET A 406 -10.42 -5.47 0.98
N ILE A 407 -10.54 -5.81 -0.31
CA ILE A 407 -9.86 -6.97 -0.85
C ILE A 407 -8.36 -6.71 -0.95
N SER A 408 -7.98 -5.48 -1.30
CA SER A 408 -6.56 -5.11 -1.38
C SER A 408 -5.90 -5.05 -0.01
N ASN A 409 -6.68 -4.79 1.05
CA ASN A 409 -6.14 -4.92 2.40
C ASN A 409 -6.34 -6.30 2.99
N MET A 410 -7.11 -7.17 2.33
CA MET A 410 -7.25 -8.54 2.82
C MET A 410 -6.02 -9.37 2.47
N ASN A 411 -5.52 -9.23 1.24
CA ASN A 411 -4.34 -9.95 0.78
C ASN A 411 -3.12 -9.06 0.68
N ALA A 412 -2.97 -8.10 1.60
CA ALA A 412 -1.78 -7.28 1.62
C ALA A 412 -0.61 -8.02 2.24
N SER A 413 -0.89 -8.88 3.23
CA SER A 413 0.19 -9.61 3.91
C SER A 413 0.73 -10.73 3.02
N ARG A 414 -0.14 -11.37 2.23
CA ARG A 414 0.32 -12.34 1.25
C ARG A 414 1.10 -11.67 0.13
N ALA A 415 0.73 -10.43 -0.22
CA ALA A 415 1.49 -9.67 -1.22
C ALA A 415 2.87 -9.29 -0.71
N GLU A 416 2.95 -8.92 0.58
CA GLU A 416 4.24 -8.58 1.18
C GLU A 416 5.13 -9.82 1.34
N PHE A 417 4.54 -10.96 1.71
CA PHE A 417 5.30 -12.19 1.84
C PHE A 417 5.75 -12.74 0.49
N GLN A 418 4.92 -12.59 -0.55
CA GLN A 418 5.32 -13.00 -1.87
C GLN A 418 6.36 -12.06 -2.46
N ALA A 419 6.34 -10.77 -2.09
CA ALA A 419 7.38 -9.85 -2.50
C ALA A 419 8.72 -10.19 -1.84
N LYS A 420 8.69 -10.58 -0.56
CA LYS A 420 9.91 -11.00 0.13
C LYS A 420 10.46 -12.31 -0.44
N ILE A 421 9.56 -13.26 -0.74
CA ILE A 421 9.96 -14.54 -1.32
C ILE A 421 10.55 -14.35 -2.71
N ASP A 422 9.93 -13.50 -3.55
CA ASP A 422 10.44 -13.29 -4.90
C ASP A 422 11.71 -12.44 -4.90
N SER A 423 11.89 -11.56 -3.91
CA SER A 423 13.13 -10.80 -3.79
C SER A 423 14.29 -11.69 -3.39
N ILE A 424 14.06 -12.60 -2.42
CA ILE A 424 15.11 -13.53 -2.01
C ILE A 424 15.38 -14.58 -3.08
N LYS A 425 14.34 -14.94 -3.86
CA LYS A 425 14.51 -15.84 -5.01
C LYS A 425 15.34 -15.21 -6.10
N GLN A 426 15.08 -13.94 -6.44
CA GLN A 426 15.86 -13.26 -7.46
C GLN A 426 17.28 -12.96 -6.98
N TYR A 427 17.47 -12.79 -5.67
CA TYR A 427 18.81 -12.70 -5.11
C TYR A 427 19.57 -14.01 -5.25
N MET A 428 18.89 -15.13 -4.99
CA MET A 428 19.59 -16.42 -5.03
C MET A 428 19.83 -16.90 -6.46
N GLN A 429 18.98 -16.53 -7.41
CA GLN A 429 19.34 -16.83 -8.80
C GLN A 429 20.34 -15.82 -9.35
N PHE A 430 20.42 -14.62 -8.76
CA PHE A 430 21.40 -13.65 -9.24
C PHE A 430 22.80 -13.97 -8.71
N ARG A 431 22.91 -14.36 -7.44
CA ARG A 431 24.21 -14.52 -6.80
C ARG A 431 24.80 -15.92 -6.96
N LYS A 432 24.16 -16.77 -7.76
CA LYS A 432 24.58 -18.14 -8.08
C LYS A 432 24.74 -19.02 -6.83
N VAL A 433 23.73 -18.94 -5.95
CA VAL A 433 23.66 -19.84 -4.81
C VAL A 433 23.32 -21.24 -5.30
N THR A 434 23.93 -22.25 -4.69
CA THR A 434 23.69 -23.63 -5.07
C THR A 434 22.26 -24.05 -4.71
N LYS A 435 21.73 -25.01 -5.47
CA LYS A 435 20.30 -25.26 -5.44
C LYS A 435 19.86 -26.13 -4.27
N ASP A 436 20.78 -26.77 -3.55
CA ASP A 436 20.38 -27.44 -2.32
C ASP A 436 20.08 -26.43 -1.21
N LEU A 437 20.89 -25.39 -1.11
CA LEU A 437 20.59 -24.31 -0.16
C LEU A 437 19.39 -23.49 -0.62
N GLU A 438 19.21 -23.34 -1.93
CA GLU A 438 18.03 -22.67 -2.46
C GLU A 438 16.76 -23.47 -2.17
N THR A 439 16.85 -24.80 -2.25
CA THR A 439 15.75 -25.66 -1.84
C THR A 439 15.50 -25.57 -0.33
N ARG A 440 16.56 -25.40 0.45
CA ARG A 440 16.40 -25.23 1.91
C ARG A 440 15.72 -23.90 2.26
N VAL A 441 16.03 -22.85 1.51
CA VAL A 441 15.42 -21.53 1.75
C VAL A 441 13.95 -21.54 1.30
N ILE A 442 13.66 -22.19 0.18
CA ILE A 442 12.29 -22.25 -0.32
C ILE A 442 11.45 -23.20 0.55
N ARG A 443 12.07 -24.24 1.10
CA ARG A 443 11.37 -25.10 2.06
C ARG A 443 11.13 -24.41 3.39
N TRP A 444 12.03 -23.51 3.81
CA TRP A 444 11.79 -22.74 5.02
C TRP A 444 10.70 -21.70 4.80
N PHE A 445 10.60 -21.15 3.59
CA PHE A 445 9.51 -20.21 3.31
C PHE A 445 8.17 -20.93 3.16
N ASP A 446 8.18 -22.16 2.64
CA ASP A 446 6.97 -22.99 2.58
C ASP A 446 6.52 -23.38 3.98
N TYR A 447 7.47 -23.68 4.88
CA TYR A 447 7.15 -23.93 6.28
C TYR A 447 6.60 -22.68 6.95
N LEU A 448 7.16 -21.51 6.63
CA LEU A 448 6.77 -20.28 7.29
C LEU A 448 5.41 -19.80 6.84
N TRP A 449 5.03 -20.11 5.59
CA TRP A 449 3.67 -19.76 5.16
C TRP A 449 2.66 -20.83 5.57
N ALA A 450 3.05 -22.12 5.54
CA ALA A 450 2.09 -23.17 5.84
C ALA A 450 1.85 -23.32 7.34
N ASN A 451 2.73 -22.77 8.17
CA ASN A 451 2.57 -22.88 9.61
C ASN A 451 2.23 -21.56 10.28
N LYS A 452 1.85 -20.54 9.49
CA LYS A 452 1.27 -19.26 9.93
C LYS A 452 2.20 -18.47 10.85
N LYS A 453 3.50 -18.45 10.52
CA LYS A 453 4.51 -17.81 11.35
C LYS A 453 5.21 -16.67 10.62
N THR A 454 4.48 -15.96 9.75
CA THR A 454 5.14 -15.05 8.80
C THR A 454 5.58 -13.75 9.45
N VAL A 455 4.78 -13.21 10.38
CA VAL A 455 5.18 -12.01 11.10
C VAL A 455 6.21 -12.38 12.16
N ASP A 456 7.00 -11.38 12.57
CA ASP A 456 8.09 -11.59 13.50
C ASP A 456 7.88 -10.81 14.80
N GLU A 457 8.46 -11.36 15.87
CA GLU A 457 8.16 -10.92 17.24
C GLU A 457 8.68 -9.52 17.52
N LYS A 458 9.84 -9.17 16.93
CA LYS A 458 10.50 -7.89 17.20
C LYS A 458 9.71 -6.72 16.62
N GLU A 459 8.98 -6.97 15.53
CA GLU A 459 8.14 -5.93 14.94
C GLU A 459 6.69 -5.99 15.36
N VAL A 460 6.16 -7.15 15.76
CA VAL A 460 4.79 -7.12 16.25
C VAL A 460 4.74 -6.69 17.72
N LEU A 461 5.87 -6.69 18.43
CA LEU A 461 5.90 -6.18 19.79
C LEU A 461 6.72 -4.90 19.80
N LYS A 462 6.80 -4.18 18.67
CA LYS A 462 7.59 -2.95 18.68
C LYS A 462 6.88 -1.76 19.34
N SER A 463 5.56 -1.68 19.14
CA SER A 463 4.78 -0.56 19.66
C SER A 463 4.23 -0.65 21.07
N LEU A 464 4.23 -1.85 21.66
CA LEU A 464 3.71 -2.04 23.01
C LEU A 464 4.70 -1.47 24.03
N PRO A 465 4.23 -1.05 25.19
CA PRO A 465 5.16 -0.65 26.26
C PRO A 465 5.80 -1.85 26.91
N ASP A 466 6.80 -1.60 27.74
CA ASP A 466 7.56 -2.67 28.37
C ASP A 466 6.78 -3.35 29.49
N LYS A 467 5.71 -2.74 29.99
CA LYS A 467 4.85 -3.39 30.97
C LYS A 467 4.11 -4.57 30.36
N LEU A 468 3.47 -4.34 29.21
CA LEU A 468 2.70 -5.39 28.57
C LEU A 468 3.59 -6.37 27.81
N LYS A 469 4.73 -5.89 27.28
CA LYS A 469 5.73 -6.81 26.73
C LYS A 469 6.34 -7.66 27.81
N ALA A 470 6.49 -7.11 29.02
CA ALA A 470 6.99 -7.86 30.15
C ALA A 470 5.98 -8.91 30.61
N GLU A 471 4.68 -8.58 30.57
CA GLU A 471 3.64 -9.54 30.94
C GLU A 471 3.53 -10.66 29.91
N ILE A 472 3.61 -10.31 28.62
CA ILE A 472 3.62 -11.28 27.52
C ILE A 472 4.83 -12.20 27.61
N ALA A 473 6.00 -11.64 27.94
CA ALA A 473 7.21 -12.44 28.00
C ALA A 473 7.31 -13.28 29.27
N ILE A 474 6.77 -12.82 30.40
CA ILE A 474 6.75 -13.70 31.57
C ILE A 474 5.65 -14.73 31.49
N ASN A 475 4.68 -14.56 30.59
CA ASN A 475 3.69 -15.60 30.42
C ASN A 475 4.17 -16.74 29.51
N VAL A 476 5.36 -16.64 28.93
CA VAL A 476 5.90 -17.74 28.13
C VAL A 476 7.28 -18.18 28.64
N HIS A 477 8.15 -17.23 29.00
CA HIS A 477 9.55 -17.53 29.23
C HIS A 477 9.94 -17.69 30.69
N LEU A 478 9.10 -17.29 31.65
CA LEU A 478 9.56 -17.15 33.02
C LEU A 478 9.70 -18.48 33.74
N ASP A 479 8.82 -19.45 33.43
CA ASP A 479 8.96 -20.78 34.05
C ASP A 479 10.15 -21.55 33.47
N THR A 480 10.57 -21.23 32.27
CA THR A 480 11.79 -21.82 31.71
C THR A 480 13.02 -21.11 32.25
N LEU A 481 12.96 -19.78 32.41
CA LEU A 481 14.10 -19.02 32.87
C LEU A 481 14.36 -19.23 34.36
N LYS A 482 13.32 -19.54 35.14
CA LYS A 482 13.52 -19.87 36.55
C LYS A 482 14.13 -21.25 36.75
N LYS A 483 14.08 -22.11 35.73
CA LYS A 483 14.69 -23.43 35.81
C LYS A 483 16.17 -23.43 35.48
N VAL A 484 16.73 -22.30 35.05
CA VAL A 484 18.15 -22.19 34.77
C VAL A 484 18.91 -22.17 36.10
N ARG A 485 20.06 -22.86 36.14
CA ARG A 485 20.84 -23.05 37.36
C ARG A 485 21.40 -21.75 37.89
N ILE A 486 21.74 -20.81 37.01
CA ILE A 486 22.26 -19.53 37.47
C ILE A 486 21.13 -18.54 37.75
N PHE A 487 20.05 -18.60 36.96
CA PHE A 487 18.89 -17.74 37.16
C PHE A 487 17.84 -18.38 38.07
N GLN A 488 18.25 -19.29 38.94
CA GLN A 488 17.33 -19.95 39.87
C GLN A 488 16.79 -18.98 40.91
N ASP A 489 17.69 -18.34 41.68
CA ASP A 489 17.29 -17.53 42.83
C ASP A 489 17.50 -16.04 42.60
N CYS A 490 17.35 -15.58 41.36
CA CYS A 490 17.52 -14.17 41.08
C CYS A 490 16.29 -13.37 41.50
N GLU A 491 16.43 -12.05 41.45
CA GLU A 491 15.33 -11.15 41.77
C GLU A 491 14.30 -11.18 40.64
N ALA A 492 13.08 -10.72 40.95
CA ALA A 492 11.98 -10.81 39.99
C ALA A 492 12.13 -9.79 38.87
N GLY A 493 12.61 -8.58 39.21
CA GLY A 493 12.78 -7.55 38.19
C GLY A 493 13.91 -7.84 37.23
N LEU A 494 14.95 -8.55 37.70
CA LEU A 494 16.01 -9.00 36.81
C LEU A 494 15.51 -10.03 35.82
N LEU A 495 14.64 -10.94 36.27
CA LEU A 495 14.06 -11.92 35.37
C LEU A 495 13.06 -11.29 34.40
N VAL A 496 12.39 -10.21 34.81
CA VAL A 496 11.56 -9.43 33.88
C VAL A 496 12.43 -8.77 32.81
N GLU A 497 13.59 -8.22 33.20
CA GLU A 497 14.51 -7.65 32.22
C GLU A 497 15.12 -8.71 31.31
N LEU A 498 15.38 -9.90 31.83
CA LEU A 498 15.98 -10.97 31.02
C LEU A 498 14.98 -11.60 30.06
N VAL A 499 13.71 -11.70 30.44
CA VAL A 499 12.72 -12.14 29.46
C VAL A 499 12.36 -11.03 28.49
N LEU A 500 12.66 -9.77 28.83
CA LEU A 500 12.58 -8.74 27.80
C LEU A 500 13.77 -8.79 26.84
N LYS A 501 14.91 -9.29 27.30
CA LYS A 501 16.10 -9.33 26.45
C LYS A 501 16.15 -10.55 25.53
N LEU A 502 15.19 -11.47 25.59
CA LEU A 502 15.26 -12.69 24.82
C LEU A 502 14.90 -12.44 23.36
N ARG A 503 15.69 -13.03 22.45
CA ARG A 503 15.56 -12.81 21.03
C ARG A 503 15.33 -14.14 20.32
N PRO A 504 14.27 -14.28 19.53
CA PRO A 504 13.96 -15.58 18.94
C PRO A 504 14.81 -15.88 17.71
N THR A 505 15.15 -17.17 17.56
CA THR A 505 15.74 -17.70 16.34
C THR A 505 15.07 -19.01 15.97
N VAL A 506 14.84 -19.21 14.69
CA VAL A 506 14.19 -20.40 14.16
C VAL A 506 15.24 -21.19 13.39
N PHE A 507 15.25 -22.51 13.59
CA PHE A 507 16.22 -23.38 12.95
C PHE A 507 15.52 -24.50 12.18
N SER A 508 16.08 -24.82 11.01
CA SER A 508 15.58 -25.90 10.18
C SER A 508 16.01 -27.25 10.76
N PRO A 509 15.43 -28.37 10.31
CA PRO A 509 15.95 -29.68 10.70
C PRO A 509 17.33 -29.93 10.10
N GLY A 510 18.25 -30.38 10.96
CA GLY A 510 19.62 -30.59 10.56
C GLY A 510 20.51 -29.38 10.70
N ASP A 511 19.95 -28.22 11.04
CA ASP A 511 20.74 -27.01 11.23
C ASP A 511 21.53 -27.12 12.52
N TYR A 512 22.83 -26.92 12.44
CA TYR A 512 23.67 -26.91 13.63
C TYR A 512 23.43 -25.62 14.41
N ILE A 513 23.09 -25.76 15.69
CA ILE A 513 22.97 -24.58 16.55
C ILE A 513 24.36 -24.05 16.86
N CYS A 514 25.26 -24.94 17.24
CA CYS A 514 26.64 -24.62 17.57
C CYS A 514 27.47 -25.88 17.40
N LYS A 515 28.69 -25.72 16.93
CA LYS A 515 29.62 -26.83 16.78
C LYS A 515 30.75 -26.68 17.79
N LYS A 516 31.58 -27.71 17.89
CA LYS A 516 32.73 -27.67 18.79
C LYS A 516 33.78 -26.69 18.27
N GLY A 517 34.08 -25.67 19.07
CA GLY A 517 35.04 -24.66 18.68
C GLY A 517 34.45 -23.35 18.24
N ASP A 518 33.12 -23.22 18.22
CA ASP A 518 32.51 -21.93 17.91
C ASP A 518 32.61 -21.00 19.10
N ILE A 519 32.44 -19.71 18.85
CA ILE A 519 32.47 -18.70 19.90
C ILE A 519 31.13 -18.70 20.60
N GLY A 520 31.16 -19.02 21.90
CA GLY A 520 29.94 -19.04 22.68
C GLY A 520 29.63 -17.70 23.32
N LYS A 521 28.68 -16.97 22.73
CA LYS A 521 28.25 -15.70 23.29
C LYS A 521 26.74 -15.61 23.45
N GLU A 522 26.02 -16.72 23.27
CA GLU A 522 24.57 -16.74 23.40
C GLU A 522 24.15 -17.96 24.21
N MET A 523 23.09 -17.79 24.99
CA MET A 523 22.45 -18.87 25.72
C MET A 523 21.11 -19.14 25.09
N TYR A 524 20.89 -20.37 24.65
CA TYR A 524 19.70 -20.72 23.90
C TYR A 524 18.69 -21.37 24.82
N ILE A 525 17.49 -20.81 24.88
CA ILE A 525 16.35 -21.39 25.58
C ILE A 525 15.51 -22.09 24.53
N ILE A 526 15.24 -23.37 24.73
CA ILE A 526 14.52 -24.16 23.74
C ILE A 526 13.02 -24.06 24.01
N ASN A 527 12.28 -23.63 23.00
CA ASN A 527 10.84 -23.57 23.04
C ASN A 527 10.33 -24.09 21.70
N GLU A 528 9.46 -25.12 21.76
CA GLU A 528 8.87 -25.79 20.59
C GLU A 528 9.96 -26.35 19.66
N GLY A 529 10.67 -27.36 20.15
CA GLY A 529 11.73 -27.94 19.35
C GLY A 529 12.41 -29.07 20.09
N LYS A 530 13.27 -29.77 19.36
CA LYS A 530 14.07 -30.85 19.92
C LYS A 530 15.47 -30.78 19.33
N LEU A 531 16.45 -30.45 20.15
CA LEU A 531 17.84 -30.43 19.72
C LEU A 531 18.51 -31.73 20.11
N ALA A 532 19.70 -31.95 19.55
CA ALA A 532 20.45 -33.17 19.80
C ALA A 532 21.92 -32.86 19.91
N VAL A 533 22.55 -33.31 20.99
CA VAL A 533 23.98 -33.14 21.19
C VAL A 533 24.69 -34.28 20.47
N VAL A 534 25.00 -34.07 19.19
CA VAL A 534 25.52 -35.13 18.35
C VAL A 534 27.05 -35.20 18.47
N ALA A 535 27.61 -36.28 17.94
CA ALA A 535 29.05 -36.48 17.91
C ALA A 535 29.68 -35.69 16.77
N ASP A 536 31.01 -35.77 16.69
CA ASP A 536 31.76 -34.98 15.72
C ASP A 536 31.64 -35.57 14.31
N ASP A 537 31.96 -36.85 14.15
CA ASP A 537 32.04 -37.43 12.82
C ASP A 537 30.65 -37.78 12.28
N GLY A 538 29.83 -38.45 13.07
CA GLY A 538 28.50 -38.80 12.64
C GLY A 538 27.48 -38.37 13.67
N VAL A 539 26.21 -38.54 13.33
CA VAL A 539 25.13 -38.12 14.20
C VAL A 539 24.77 -39.21 15.20
N THR A 540 25.53 -39.27 16.29
CA THR A 540 25.25 -40.15 17.41
C THR A 540 24.77 -39.28 18.56
N GLN A 541 23.46 -39.30 18.80
CA GLN A 541 22.84 -38.38 19.74
C GLN A 541 23.14 -38.82 21.17
N PHE A 542 23.94 -38.03 21.87
CA PHE A 542 24.21 -38.31 23.28
C PHE A 542 23.03 -37.91 24.14
N VAL A 543 22.67 -36.62 24.10
CA VAL A 543 21.53 -36.08 24.82
C VAL A 543 20.59 -35.47 23.79
N VAL A 544 19.30 -35.77 23.91
CA VAL A 544 18.27 -35.13 23.10
C VAL A 544 17.62 -34.09 24.00
N LEU A 545 17.93 -32.83 23.75
CA LEU A 545 17.34 -31.74 24.52
C LEU A 545 15.94 -31.45 24.00
N SER A 546 15.01 -31.20 24.91
CA SER A 546 13.60 -31.04 24.61
C SER A 546 13.16 -29.61 24.88
N ASP A 547 11.84 -29.40 24.82
CA ASP A 547 11.22 -28.14 25.19
C ASP A 547 11.48 -27.81 26.66
N GLY A 548 11.75 -26.54 26.94
CA GLY A 548 12.06 -26.10 28.27
C GLY A 548 13.50 -26.27 28.69
N SER A 549 14.34 -26.85 27.83
CA SER A 549 15.74 -27.05 28.17
C SER A 549 16.54 -25.81 27.79
N TYR A 550 17.84 -25.87 28.05
CA TYR A 550 18.73 -24.73 27.89
C TYR A 550 20.15 -25.25 27.80
N PHE A 551 21.02 -24.43 27.21
CA PHE A 551 22.46 -24.68 27.21
C PHE A 551 23.17 -23.36 26.98
N GLY A 552 24.45 -23.34 27.34
CA GLY A 552 25.30 -22.22 27.02
C GLY A 552 25.17 -21.03 27.94
N GLU A 553 24.84 -21.23 29.22
CA GLU A 553 24.81 -20.11 30.14
C GLU A 553 26.22 -19.78 30.65
N ILE A 554 27.13 -20.76 30.64
CA ILE A 554 28.51 -20.52 31.02
C ILE A 554 29.23 -19.74 29.92
N SER A 555 28.73 -19.85 28.68
CA SER A 555 29.30 -19.08 27.59
C SER A 555 28.96 -17.60 27.69
N ILE A 556 27.83 -17.27 28.32
CA ILE A 556 27.48 -15.87 28.51
C ILE A 556 27.84 -15.33 29.89
N LEU A 557 28.36 -16.18 30.78
CA LEU A 557 28.81 -15.65 32.10
C LEU A 557 30.27 -15.19 31.99
N ASN A 558 31.09 -15.93 31.24
CA ASN A 558 32.53 -15.58 31.06
C ASN A 558 33.24 -15.39 32.41
N ILE A 559 33.15 -16.38 33.30
CA ILE A 559 33.85 -16.32 34.62
C ILE A 559 35.37 -16.37 34.38
N LYS A 560 36.17 -15.77 35.26
CA LYS A 560 37.61 -15.68 35.09
C LYS A 560 38.27 -17.05 35.21
N GLY A 561 39.19 -17.33 34.28
CA GLY A 561 39.97 -18.54 34.35
C GLY A 561 39.28 -19.81 33.91
N SER A 562 38.50 -19.75 32.84
CA SER A 562 37.79 -20.92 32.33
C SER A 562 38.65 -21.65 31.30
N LYS A 563 38.67 -22.98 31.40
CA LYS A 563 39.37 -23.79 30.40
C LYS A 563 38.58 -23.95 29.12
N SER A 564 37.29 -23.62 29.13
CA SER A 564 36.53 -23.57 27.88
C SER A 564 36.98 -22.38 27.04
N GLY A 565 36.99 -21.18 27.63
CA GLY A 565 37.43 -20.00 26.94
C GLY A 565 36.43 -19.53 25.91
N ASN A 566 35.18 -19.35 26.35
CA ASN A 566 33.96 -19.06 25.57
C ASN A 566 33.81 -19.92 24.30
N ARG A 567 34.24 -21.18 24.37
CA ARG A 567 33.99 -22.15 23.31
C ARG A 567 32.77 -22.99 23.66
N ARG A 568 32.29 -23.73 22.67
CA ARG A 568 30.96 -24.31 22.80
C ARG A 568 31.00 -25.72 23.38
N THR A 569 32.03 -26.50 23.02
CA THR A 569 32.32 -27.87 23.48
C THR A 569 31.17 -28.87 23.23
N ALA A 570 30.31 -28.62 22.24
CA ALA A 570 29.19 -29.49 21.96
C ALA A 570 28.75 -29.27 20.51
N ASN A 571 28.47 -30.35 19.81
CA ASN A 571 27.87 -30.30 18.47
C ASN A 571 26.37 -30.45 18.67
N ILE A 572 25.65 -29.34 18.60
CA ILE A 572 24.20 -29.34 18.84
C ILE A 572 23.51 -28.99 17.54
N ARG A 573 22.79 -29.95 16.98
CA ARG A 573 22.01 -29.73 15.77
C ARG A 573 20.55 -30.05 16.03
N SER A 574 19.68 -29.44 15.22
CA SER A 574 18.26 -29.55 15.44
C SER A 574 17.70 -30.79 14.76
N ILE A 575 16.87 -31.53 15.48
CA ILE A 575 16.20 -32.69 14.89
C ILE A 575 15.05 -32.24 14.00
N GLY A 576 14.18 -31.40 14.52
CA GLY A 576 13.11 -30.83 13.74
C GLY A 576 13.20 -29.32 13.75
N TYR A 577 12.10 -28.64 13.47
CA TYR A 577 12.09 -27.19 13.52
C TYR A 577 12.06 -26.73 14.97
N SER A 578 13.01 -25.86 15.33
CA SER A 578 13.12 -25.36 16.68
C SER A 578 12.87 -23.86 16.69
N ASP A 579 12.36 -23.34 17.81
CA ASP A 579 12.18 -21.90 17.97
C ASP A 579 12.97 -21.49 19.22
N LEU A 580 14.27 -21.30 19.05
CA LEU A 580 15.12 -21.04 20.20
C LEU A 580 15.11 -19.55 20.53
N PHE A 581 15.24 -19.25 21.81
CA PHE A 581 15.30 -17.88 22.29
C PHE A 581 16.69 -17.63 22.87
N CYS A 582 17.35 -16.58 22.39
CA CYS A 582 18.75 -16.35 22.64
C CYS A 582 18.93 -15.20 23.64
N LEU A 583 19.56 -15.49 24.76
CA LEU A 583 19.99 -14.47 25.71
C LEU A 583 21.49 -14.31 25.54
N SER A 584 21.90 -13.25 24.87
CA SER A 584 23.30 -13.07 24.54
C SER A 584 24.02 -12.58 25.79
N LYS A 585 25.34 -12.46 25.67
CA LYS A 585 26.16 -11.92 26.76
C LYS A 585 26.01 -10.40 26.90
N ASP A 586 25.79 -9.72 25.76
CA ASP A 586 25.68 -8.27 25.77
C ASP A 586 24.34 -7.90 26.39
N ASP A 587 23.29 -8.67 26.10
CA ASP A 587 21.98 -8.40 26.67
C ASP A 587 21.94 -8.75 28.15
N LEU A 588 22.65 -9.80 28.56
CA LEU A 588 22.73 -10.15 29.97
C LEU A 588 23.55 -9.12 30.75
N MET A 589 24.69 -8.70 30.21
CA MET A 589 25.52 -7.70 30.88
C MET A 589 24.91 -6.31 30.83
N GLU A 590 23.99 -6.05 29.91
CA GLU A 590 23.24 -4.81 29.93
C GLU A 590 22.09 -4.87 30.93
N ALA A 591 21.44 -6.03 31.05
CA ALA A 591 20.34 -6.19 32.01
C ALA A 591 20.85 -6.24 33.45
N LEU A 592 22.10 -6.63 33.65
CA LEU A 592 22.68 -6.68 34.99
C LEU A 592 23.30 -5.36 35.43
N THR A 593 23.09 -4.26 34.70
CA THR A 593 23.68 -2.98 35.11
C THR A 593 22.98 -2.39 36.32
N GLU A 594 21.70 -2.69 36.50
CA GLU A 594 20.98 -2.25 37.68
C GLU A 594 21.04 -3.25 38.83
N TYR A 595 21.69 -4.39 38.63
CA TYR A 595 21.77 -5.44 39.64
C TYR A 595 23.22 -5.91 39.72
N PRO A 596 24.06 -5.24 40.52
CA PRO A 596 25.45 -5.67 40.65
C PRO A 596 25.62 -6.87 41.58
N GLU A 597 24.75 -6.95 42.60
CA GLU A 597 24.80 -8.06 43.55
C GLU A 597 24.38 -9.36 42.89
N ALA A 598 23.38 -9.30 42.00
CA ALA A 598 22.98 -10.47 41.25
C ALA A 598 24.00 -10.84 40.20
N LYS A 599 24.75 -9.87 39.68
CA LYS A 599 25.84 -10.16 38.76
C LYS A 599 26.99 -10.89 39.46
N LYS A 600 27.32 -10.47 40.69
CA LYS A 600 28.31 -11.18 41.48
C LYS A 600 27.82 -12.57 41.89
N ALA A 601 26.53 -12.72 42.12
CA ALA A 601 25.96 -14.05 42.40
C ALA A 601 26.01 -14.95 41.18
N LEU A 602 25.82 -14.38 39.98
CA LEU A 602 25.94 -15.16 38.74
C LEU A 602 27.37 -15.58 38.48
N GLU A 603 28.34 -14.69 38.72
CA GLU A 603 29.76 -15.03 38.55
C GLU A 603 30.18 -16.09 39.56
N GLU A 604 29.67 -16.02 40.80
CA GLU A 604 30.01 -17.02 41.80
C GLU A 604 29.35 -18.37 41.51
N LYS A 605 28.14 -18.36 40.95
CA LYS A 605 27.48 -19.63 40.62
C LYS A 605 28.12 -20.30 39.42
N GLY A 606 28.55 -19.50 38.43
CA GLY A 606 29.29 -20.08 37.32
C GLY A 606 30.68 -20.55 37.70
N ARG A 607 31.32 -19.86 38.66
CA ARG A 607 32.59 -20.33 39.20
C ARG A 607 32.41 -21.62 40.00
N GLN A 608 31.26 -21.76 40.67
CA GLN A 608 30.91 -23.01 41.36
C GLN A 608 30.77 -24.17 40.40
N ILE A 609 30.07 -23.95 39.28
CA ILE A 609 29.88 -25.01 38.26
C ILE A 609 31.22 -25.36 37.61
N LEU A 610 32.03 -24.36 37.29
CA LEU A 610 33.28 -24.63 36.58
C LEU A 610 34.36 -25.23 37.50
N MET A 611 34.38 -24.91 38.78
CA MET A 611 35.30 -25.66 39.64
C MET A 611 34.69 -26.94 40.18
N LYS A 612 33.40 -27.20 39.91
CA LYS A 612 32.96 -28.59 39.96
C LYS A 612 33.43 -29.38 38.73
N ASP A 613 33.69 -28.71 37.61
CA ASP A 613 34.20 -29.44 36.44
C ASP A 613 35.62 -29.07 36.03
N ASN A 614 35.89 -27.85 35.56
CA ASN A 614 37.15 -27.58 34.86
C ASN A 614 37.49 -26.08 34.84
N LEU A 615 38.44 -25.66 35.69
CA LEU A 615 39.00 -24.32 35.59
C LEU A 615 40.45 -24.30 36.05
N ILE A 616 41.20 -23.31 35.55
CA ILE A 616 42.54 -22.98 36.03
C ILE A 616 42.45 -21.72 36.87
N ASP A 617 43.07 -21.77 38.06
CA ASP A 617 43.14 -20.59 38.92
C ASP A 617 44.08 -19.55 38.31
N GLU A 618 43.49 -18.55 37.66
CA GLU A 618 44.28 -17.45 37.10
C GLU A 618 43.94 -16.15 37.83
N ILE B 163 2.70 -46.67 6.68
CA ILE B 163 3.16 -45.56 5.87
C ILE B 163 2.49 -44.26 6.33
N VAL B 164 3.29 -43.21 6.47
CA VAL B 164 2.83 -41.90 6.91
C VAL B 164 3.21 -40.89 5.84
N VAL B 165 2.23 -40.19 5.30
CA VAL B 165 2.48 -39.14 4.33
C VAL B 165 2.52 -37.87 5.18
N ASP B 166 3.51 -37.05 4.94
CA ASP B 166 3.56 -35.74 5.59
C ASP B 166 3.05 -34.70 4.60
N PRO B 167 2.35 -33.65 5.06
CA PRO B 167 1.74 -32.70 4.12
C PRO B 167 2.63 -31.73 3.37
N SER B 168 3.91 -31.62 3.71
CA SER B 168 4.81 -30.75 2.98
C SER B 168 5.40 -31.40 1.73
N SER B 169 5.14 -32.68 1.51
CA SER B 169 5.79 -33.39 0.42
C SER B 169 5.12 -33.11 -0.91
N ASN B 170 5.69 -33.71 -1.96
CA ASN B 170 5.09 -33.65 -3.29
C ASN B 170 4.06 -34.75 -3.50
N LEU B 171 4.17 -35.86 -2.76
CA LEU B 171 3.18 -36.93 -2.87
C LEU B 171 1.84 -36.49 -2.27
N TYR B 172 1.88 -35.65 -1.24
CA TYR B 172 0.66 -35.08 -0.69
C TYR B 172 0.03 -34.09 -1.66
N TYR B 173 0.84 -33.37 -2.44
CA TYR B 173 0.29 -32.49 -3.45
C TYR B 173 -0.29 -33.26 -4.62
N ARG B 174 0.32 -34.39 -4.98
CA ARG B 174 -0.25 -35.22 -6.04
C ARG B 174 -1.55 -35.87 -5.59
N TRP B 175 -1.66 -36.19 -4.30
CA TRP B 175 -2.94 -36.63 -3.77
C TRP B 175 -3.95 -35.49 -3.69
N LEU B 176 -3.48 -34.25 -3.47
CA LEU B 176 -4.38 -33.09 -3.47
C LEU B 176 -4.94 -32.83 -4.86
N THR B 177 -4.16 -33.10 -5.90
CA THR B 177 -4.70 -33.06 -7.27
C THR B 177 -5.69 -34.18 -7.50
N ALA B 178 -5.35 -35.40 -7.06
CA ALA B 178 -6.19 -36.57 -7.28
C ALA B 178 -7.47 -36.56 -6.47
N ILE B 179 -7.56 -35.73 -5.42
CA ILE B 179 -8.81 -35.56 -4.70
C ILE B 179 -9.50 -34.23 -5.05
N ALA B 180 -8.79 -33.28 -5.64
CA ALA B 180 -9.45 -32.08 -6.11
C ALA B 180 -10.17 -32.31 -7.43
N LEU B 181 -9.81 -33.36 -8.17
CA LEU B 181 -10.60 -33.68 -9.36
C LEU B 181 -12.02 -34.18 -9.06
N PRO B 182 -12.27 -35.16 -8.15
CA PRO B 182 -13.68 -35.54 -7.91
C PRO B 182 -14.48 -34.55 -7.09
N VAL B 183 -13.85 -33.64 -6.36
CA VAL B 183 -14.61 -32.62 -5.62
C VAL B 183 -15.19 -31.59 -6.58
N PHE B 184 -14.36 -31.14 -7.54
CA PHE B 184 -14.83 -30.22 -8.58
C PHE B 184 -15.83 -30.90 -9.50
N TYR B 185 -15.62 -32.20 -9.77
CA TYR B 185 -16.61 -33.00 -10.50
C TYR B 185 -17.94 -33.06 -9.75
N ASN B 186 -17.88 -33.24 -8.44
CA ASN B 186 -19.08 -33.37 -7.62
C ASN B 186 -19.87 -32.07 -7.58
N TRP B 187 -19.18 -30.93 -7.42
CA TRP B 187 -19.84 -29.62 -7.41
C TRP B 187 -20.51 -29.30 -8.76
N TYR B 188 -19.71 -29.32 -9.83
CA TYR B 188 -20.15 -28.95 -11.17
C TYR B 188 -21.22 -29.90 -11.71
N LEU B 189 -20.87 -31.18 -11.83
CA LEU B 189 -21.81 -32.08 -12.45
C LEU B 189 -22.92 -32.55 -11.52
N LEU B 190 -22.81 -32.36 -10.19
CA LEU B 190 -23.95 -32.75 -9.37
C LEU B 190 -25.02 -31.68 -9.39
N ILE B 191 -24.66 -30.39 -9.46
CA ILE B 191 -25.75 -29.41 -9.65
C ILE B 191 -26.31 -29.50 -11.08
N CYS B 192 -25.49 -29.91 -12.07
CA CYS B 192 -26.00 -29.97 -13.42
C CYS B 192 -26.90 -31.19 -13.64
N ARG B 193 -26.54 -32.34 -13.05
CA ARG B 193 -27.39 -33.51 -13.11
C ARG B 193 -28.61 -33.39 -12.22
N ALA B 194 -28.52 -32.58 -11.16
CA ALA B 194 -29.67 -32.38 -10.29
C ALA B 194 -30.73 -31.51 -10.96
N CYS B 195 -30.30 -30.46 -11.66
CA CYS B 195 -31.28 -29.54 -12.20
C CYS B 195 -31.66 -29.81 -13.65
N PHE B 196 -30.84 -30.50 -14.43
CA PHE B 196 -31.10 -30.54 -15.87
C PHE B 196 -31.80 -31.80 -16.34
N ASP B 197 -31.71 -32.91 -15.63
CA ASP B 197 -32.59 -34.08 -15.65
C ASP B 197 -32.49 -34.92 -16.94
N GLU B 198 -31.74 -34.47 -17.96
CA GLU B 198 -31.46 -35.30 -19.12
C GLU B 198 -30.05 -35.85 -19.13
N LEU B 199 -29.11 -35.19 -18.46
CA LEU B 199 -27.81 -35.81 -18.20
C LEU B 199 -27.94 -37.03 -17.31
N GLN B 200 -28.83 -36.96 -16.31
CA GLN B 200 -29.01 -38.08 -15.40
C GLN B 200 -29.72 -39.24 -16.08
N SER B 201 -30.63 -38.95 -17.00
CA SER B 201 -31.36 -40.00 -17.69
C SER B 201 -30.54 -40.62 -18.81
N GLU B 202 -29.82 -39.80 -19.59
CA GLU B 202 -29.14 -40.31 -20.78
C GLU B 202 -27.86 -41.04 -20.43
N TYR B 203 -26.91 -40.34 -19.81
CA TYR B 203 -25.59 -40.91 -19.51
C TYR B 203 -25.55 -41.52 -18.12
N LEU B 204 -26.48 -42.44 -17.81
CA LEU B 204 -26.67 -42.91 -16.45
C LEU B 204 -25.55 -43.83 -15.99
N MET B 205 -25.10 -44.74 -16.85
CA MET B 205 -24.02 -45.64 -16.47
C MET B 205 -22.69 -44.93 -16.40
N LEU B 206 -22.51 -43.86 -17.19
CA LEU B 206 -21.33 -43.02 -17.09
C LEU B 206 -21.26 -42.30 -15.76
N TRP B 207 -22.39 -41.76 -15.28
CA TRP B 207 -22.38 -41.11 -13.98
C TRP B 207 -22.32 -42.11 -12.85
N LEU B 208 -22.78 -43.35 -13.06
CA LEU B 208 -22.62 -44.37 -12.03
C LEU B 208 -21.16 -44.80 -11.88
N VAL B 209 -20.45 -44.93 -13.01
CA VAL B 209 -19.02 -45.24 -12.99
C VAL B 209 -18.21 -44.10 -12.39
N LEU B 210 -18.54 -42.86 -12.76
CA LEU B 210 -17.82 -41.70 -12.22
C LEU B 210 -18.12 -41.44 -10.75
N ASP B 211 -19.36 -41.70 -10.30
CA ASP B 211 -19.69 -41.52 -8.89
C ASP B 211 -19.08 -42.64 -8.04
N TYR B 212 -18.98 -43.85 -8.60
CA TYR B 212 -18.31 -44.94 -7.88
C TYR B 212 -16.81 -44.68 -7.75
N SER B 213 -16.17 -44.16 -8.81
CA SER B 213 -14.75 -43.84 -8.71
C SER B 213 -14.50 -42.62 -7.83
N ALA B 214 -15.45 -41.67 -7.78
CA ALA B 214 -15.32 -40.54 -6.88
C ALA B 214 -15.48 -40.96 -5.43
N ASP B 215 -16.36 -41.93 -5.14
CA ASP B 215 -16.48 -42.40 -3.76
C ASP B 215 -15.34 -43.31 -3.36
N VAL B 216 -14.73 -44.01 -4.32
CA VAL B 216 -13.50 -44.76 -4.04
C VAL B 216 -12.35 -43.80 -3.72
N LEU B 217 -12.25 -42.67 -4.44
CA LEU B 217 -11.28 -41.64 -4.10
C LEU B 217 -11.61 -40.94 -2.78
N TYR B 218 -12.90 -40.89 -2.41
CA TYR B 218 -13.28 -40.27 -1.14
C TYR B 218 -12.91 -41.15 0.06
N VAL B 219 -13.10 -42.48 -0.06
CA VAL B 219 -12.70 -43.35 1.05
C VAL B 219 -11.18 -43.50 1.08
N LEU B 220 -10.51 -43.36 -0.07
CA LEU B 220 -9.06 -43.27 -0.05
C LEU B 220 -8.58 -41.96 0.55
N ASP B 221 -9.37 -40.89 0.42
CA ASP B 221 -9.01 -39.62 1.05
C ASP B 221 -9.20 -39.68 2.56
N VAL B 222 -10.20 -40.40 3.05
CA VAL B 222 -10.33 -40.48 4.51
C VAL B 222 -9.28 -41.45 5.07
N LEU B 223 -8.81 -42.41 4.27
CA LEU B 223 -7.67 -43.24 4.70
C LEU B 223 -6.36 -42.45 4.66
N VAL B 224 -6.21 -41.52 3.73
CA VAL B 224 -4.99 -40.70 3.67
C VAL B 224 -5.00 -39.66 4.78
N ARG B 225 -6.16 -39.05 5.05
CA ARG B 225 -6.29 -38.09 6.14
C ARG B 225 -6.20 -38.74 7.52
N ALA B 226 -6.49 -40.05 7.60
CA ALA B 226 -6.23 -40.76 8.85
C ALA B 226 -4.74 -41.01 9.06
N ARG B 227 -3.95 -41.04 8.00
CA ARG B 227 -2.52 -41.33 8.08
C ARG B 227 -1.68 -40.23 7.46
N THR B 228 -2.06 -38.97 7.67
CA THR B 228 -1.24 -37.85 7.27
C THR B 228 -0.60 -37.22 8.49
N GLY B 229 0.59 -36.65 8.30
CA GLY B 229 1.39 -36.17 9.40
C GLY B 229 1.04 -34.77 9.84
N PHE B 230 1.52 -34.41 11.02
CA PHE B 230 1.37 -33.06 11.54
C PHE B 230 2.57 -32.76 12.42
N LEU B 231 2.77 -31.48 12.71
CA LEU B 231 3.96 -31.04 13.43
C LEU B 231 3.62 -30.76 14.89
N GLU B 232 4.19 -31.55 15.80
CA GLU B 232 4.36 -31.13 17.19
C GLU B 232 5.86 -31.11 17.45
N GLN B 233 6.33 -30.00 18.03
CA GLN B 233 7.73 -29.72 18.39
C GLN B 233 8.66 -29.75 17.19
N GLY B 234 8.12 -29.36 16.03
CA GLY B 234 8.87 -29.32 14.79
C GLY B 234 9.07 -30.66 14.08
N LEU B 235 8.75 -31.78 14.73
CA LEU B 235 8.95 -33.10 14.16
C LEU B 235 7.63 -33.61 13.61
N MET B 236 7.69 -34.34 12.50
CA MET B 236 6.50 -34.94 11.92
C MET B 236 6.11 -36.19 12.71
N VAL B 237 4.84 -36.26 13.09
CA VAL B 237 4.34 -37.39 13.86
C VAL B 237 4.19 -38.60 12.94
N SER B 238 4.74 -39.73 13.33
CA SER B 238 4.82 -40.89 12.45
C SER B 238 4.13 -42.13 13.00
N ASP B 239 3.42 -42.05 14.12
CA ASP B 239 2.68 -43.21 14.62
C ASP B 239 1.19 -43.05 14.35
N THR B 240 0.61 -44.12 13.80
CA THR B 240 -0.72 -44.09 13.20
C THR B 240 -1.81 -43.94 14.24
N ASN B 241 -1.56 -44.34 15.49
CA ASN B 241 -2.53 -44.17 16.56
C ASN B 241 -2.73 -42.70 16.89
N ARG B 242 -1.62 -41.96 17.02
CA ARG B 242 -1.71 -40.53 17.29
C ARG B 242 -2.20 -39.75 16.08
N LEU B 243 -1.85 -40.20 14.86
CA LEU B 243 -2.41 -39.58 13.66
C LEU B 243 -3.92 -39.78 13.55
N TRP B 244 -4.40 -40.98 13.91
CA TRP B 244 -5.83 -41.26 13.84
C TRP B 244 -6.60 -40.54 14.95
N GLN B 245 -5.98 -40.38 16.13
CA GLN B 245 -6.63 -39.63 17.21
C GLN B 245 -6.70 -38.14 16.88
N HIS B 246 -5.62 -37.59 16.30
CA HIS B 246 -5.62 -36.18 15.89
C HIS B 246 -6.55 -35.94 14.70
N TYR B 247 -6.77 -36.94 13.86
CA TYR B 247 -7.76 -36.80 12.80
C TYR B 247 -9.17 -36.89 13.35
N LYS B 248 -9.46 -37.85 14.24
CA LYS B 248 -10.82 -38.05 14.69
C LYS B 248 -11.27 -37.02 15.72
N THR B 249 -10.36 -36.25 16.29
CA THR B 249 -10.79 -35.12 17.12
C THR B 249 -11.08 -33.85 16.32
N THR B 250 -10.90 -33.88 15.00
CA THR B 250 -11.02 -32.70 14.17
C THR B 250 -12.43 -32.64 13.57
N THR B 251 -12.91 -31.42 13.30
CA THR B 251 -14.19 -31.21 12.62
C THR B 251 -14.14 -31.52 11.14
N GLN B 252 -12.95 -31.71 10.55
CA GLN B 252 -12.86 -32.14 9.17
C GLN B 252 -13.23 -33.61 9.02
N PHE B 253 -13.03 -34.41 10.08
CA PHE B 253 -13.43 -35.80 10.07
C PHE B 253 -14.96 -35.94 10.06
N LYS B 254 -15.64 -35.00 10.73
CA LYS B 254 -17.11 -34.98 10.70
C LYS B 254 -17.62 -34.64 9.31
N LEU B 255 -16.97 -33.71 8.61
CA LEU B 255 -17.36 -33.38 7.25
C LEU B 255 -17.02 -34.51 6.28
N ASP B 256 -15.94 -35.27 6.53
CA ASP B 256 -15.62 -36.39 5.67
C ASP B 256 -16.58 -37.55 5.87
N VAL B 257 -16.96 -37.85 7.11
CA VAL B 257 -17.89 -38.95 7.33
C VAL B 257 -19.32 -38.53 6.99
N LEU B 258 -19.63 -37.23 7.02
CA LEU B 258 -20.92 -36.77 6.50
C LEU B 258 -20.91 -36.76 4.98
N SER B 259 -19.75 -36.59 4.38
CA SER B 259 -19.62 -36.73 2.93
C SER B 259 -19.72 -38.17 2.49
N LEU B 260 -19.42 -39.12 3.37
CA LEU B 260 -19.43 -40.53 3.00
C LEU B 260 -20.64 -41.28 3.51
N VAL B 261 -21.75 -40.61 3.81
CA VAL B 261 -22.95 -41.37 4.16
C VAL B 261 -23.57 -41.97 2.90
N PRO B 262 -24.06 -43.20 2.94
CA PRO B 262 -24.70 -43.78 1.76
C PRO B 262 -26.11 -43.25 1.57
N THR B 263 -26.24 -42.08 0.93
CA THR B 263 -27.55 -41.59 0.52
C THR B 263 -28.03 -42.21 -0.78
N ASP B 264 -27.18 -42.99 -1.45
CA ASP B 264 -27.56 -43.77 -2.63
C ASP B 264 -28.49 -44.93 -2.32
N LEU B 265 -28.64 -45.30 -1.04
CA LEU B 265 -29.73 -46.17 -0.61
C LEU B 265 -31.10 -45.51 -0.82
N ALA B 266 -31.15 -44.17 -0.79
CA ALA B 266 -32.33 -43.43 -1.23
C ALA B 266 -32.61 -43.59 -2.72
N TYR B 267 -31.61 -44.04 -3.52
CA TYR B 267 -31.84 -44.49 -4.89
C TYR B 267 -32.77 -45.70 -4.95
N LEU B 268 -32.82 -46.53 -3.90
CA LEU B 268 -33.75 -47.64 -3.88
C LEU B 268 -35.20 -47.16 -3.70
N LYS B 269 -35.40 -46.01 -3.07
CA LYS B 269 -36.75 -45.49 -2.87
C LYS B 269 -37.20 -44.64 -4.06
N VAL B 270 -36.43 -43.59 -4.38
CA VAL B 270 -36.88 -42.62 -5.37
C VAL B 270 -36.51 -42.99 -6.79
N GLY B 271 -35.67 -44.01 -6.99
CA GLY B 271 -35.46 -44.57 -8.32
C GLY B 271 -34.56 -43.77 -9.24
N THR B 272 -33.37 -43.40 -8.75
CA THR B 272 -32.12 -43.01 -9.43
C THR B 272 -32.18 -41.74 -10.29
N ASN B 273 -33.34 -41.11 -10.43
CA ASN B 273 -33.44 -39.86 -11.17
C ASN B 273 -33.23 -38.64 -10.30
N TYR B 274 -32.96 -38.83 -9.00
CA TYR B 274 -32.76 -37.73 -8.06
C TYR B 274 -31.35 -37.78 -7.52
N PRO B 275 -30.37 -37.09 -8.14
CA PRO B 275 -29.02 -37.07 -7.60
C PRO B 275 -28.76 -35.94 -6.61
N GLU B 276 -29.83 -35.31 -6.11
CA GLU B 276 -29.69 -34.30 -5.07
C GLU B 276 -29.40 -34.91 -3.70
N VAL B 277 -29.55 -36.23 -3.56
CA VAL B 277 -29.16 -36.91 -2.33
C VAL B 277 -27.63 -36.94 -2.17
N ARG B 278 -26.88 -36.81 -3.25
CA ARG B 278 -25.42 -36.86 -3.23
C ARG B 278 -24.79 -35.51 -2.92
N PHE B 279 -25.57 -34.51 -2.50
CA PHE B 279 -25.04 -33.20 -2.17
C PHE B 279 -24.22 -33.19 -0.88
N ASN B 280 -24.28 -34.25 -0.07
CA ASN B 280 -23.33 -34.46 1.02
C ASN B 280 -21.91 -34.61 0.50
N ARG B 281 -21.74 -35.09 -0.74
CA ARG B 281 -20.45 -35.14 -1.41
C ARG B 281 -19.89 -33.75 -1.74
N LEU B 282 -20.71 -32.70 -1.67
CA LEU B 282 -20.19 -31.34 -1.76
C LEU B 282 -19.57 -30.85 -0.46
N LEU B 283 -19.65 -31.63 0.62
CA LEU B 283 -19.13 -31.19 1.91
C LEU B 283 -17.61 -31.25 2.00
N LYS B 284 -16.94 -31.92 1.06
CA LYS B 284 -15.48 -31.97 1.04
C LYS B 284 -14.88 -30.86 0.17
N PHE B 285 -15.31 -29.61 0.41
CA PHE B 285 -14.82 -28.47 -0.36
C PHE B 285 -13.41 -28.07 0.06
N SER B 286 -13.01 -28.45 1.27
CA SER B 286 -11.74 -28.05 1.85
C SER B 286 -10.55 -28.66 1.15
N ARG B 287 -10.71 -29.82 0.51
CA ARG B 287 -9.62 -30.40 -0.27
C ARG B 287 -9.39 -29.62 -1.56
N LEU B 288 -10.46 -29.09 -2.16
CA LEU B 288 -10.33 -28.23 -3.33
C LEU B 288 -9.73 -26.88 -2.97
N PHE B 289 -10.13 -26.31 -1.83
CA PHE B 289 -9.53 -25.06 -1.36
C PHE B 289 -8.07 -25.24 -0.96
N GLU B 290 -7.75 -26.41 -0.40
CA GLU B 290 -6.38 -26.74 -0.03
C GLU B 290 -5.52 -26.96 -1.27
N PHE B 291 -6.10 -27.54 -2.32
CA PHE B 291 -5.39 -27.69 -3.59
C PHE B 291 -5.12 -26.34 -4.24
N PHE B 292 -6.08 -25.41 -4.15
CA PHE B 292 -5.88 -24.08 -4.71
C PHE B 292 -4.84 -23.29 -3.92
N ASP B 293 -4.81 -23.46 -2.58
CA ASP B 293 -3.80 -22.79 -1.77
C ASP B 293 -2.41 -23.37 -2.00
N ARG B 294 -2.30 -24.70 -2.06
CA ARG B 294 -1.00 -25.33 -2.29
C ARG B 294 -0.51 -25.12 -3.71
N THR B 295 -1.41 -24.97 -4.69
CA THR B 295 -0.98 -24.61 -6.03
C THR B 295 -0.56 -23.16 -6.10
N GLU B 296 -1.20 -22.29 -5.31
CA GLU B 296 -0.81 -20.88 -5.27
C GLU B 296 0.56 -20.69 -4.62
N THR B 297 0.92 -21.58 -3.68
CA THR B 297 2.27 -21.50 -3.12
C THR B 297 3.30 -22.19 -4.01
N ARG B 298 2.95 -23.33 -4.62
CA ARG B 298 3.96 -24.11 -5.32
C ARG B 298 4.29 -23.56 -6.70
N THR B 299 3.40 -22.81 -7.33
CA THR B 299 3.66 -22.40 -8.70
C THR B 299 4.56 -21.17 -8.74
N ASN B 300 5.09 -20.90 -9.94
CA ASN B 300 5.88 -19.72 -10.20
C ASN B 300 5.13 -18.65 -10.98
N TYR B 301 3.86 -18.91 -11.31
CA TYR B 301 2.97 -17.89 -11.85
C TYR B 301 1.81 -17.67 -10.88
N PRO B 302 1.98 -16.87 -9.83
CA PRO B 302 0.88 -16.73 -8.85
C PRO B 302 -0.26 -15.86 -9.34
N ASN B 303 0.03 -14.84 -10.16
CA ASN B 303 -1.04 -13.99 -10.67
C ASN B 303 -1.81 -14.67 -11.79
N MET B 304 -1.13 -15.46 -12.62
CA MET B 304 -1.81 -16.21 -13.67
C MET B 304 -2.68 -17.32 -13.09
N PHE B 305 -2.19 -17.99 -12.03
CA PHE B 305 -3.03 -18.94 -11.32
C PHE B 305 -4.15 -18.25 -10.57
N ARG B 306 -3.93 -17.02 -10.10
CA ARG B 306 -4.99 -16.35 -9.34
C ARG B 306 -6.11 -15.86 -10.25
N ILE B 307 -5.80 -15.41 -11.47
CA ILE B 307 -6.88 -15.10 -12.40
C ILE B 307 -7.52 -16.39 -12.93
N GLY B 308 -6.76 -17.48 -13.06
CA GLY B 308 -7.38 -18.75 -13.43
C GLY B 308 -8.30 -19.30 -12.36
N ASN B 309 -7.94 -19.09 -11.09
CA ASN B 309 -8.76 -19.52 -9.97
C ASN B 309 -10.00 -18.65 -9.82
N LEU B 310 -9.87 -17.36 -10.11
CA LEU B 310 -11.03 -16.47 -10.09
C LEU B 310 -11.98 -16.77 -11.24
N VAL B 311 -11.44 -17.10 -12.41
CA VAL B 311 -12.24 -17.51 -13.57
C VAL B 311 -12.95 -18.83 -13.29
N LEU B 312 -12.29 -19.76 -12.59
CA LEU B 312 -12.91 -21.03 -12.23
C LEU B 312 -14.00 -20.85 -11.18
N TYR B 313 -13.80 -19.92 -10.24
CA TYR B 313 -14.81 -19.63 -9.22
C TYR B 313 -16.05 -18.99 -9.84
N ILE B 314 -15.86 -17.98 -10.71
CA ILE B 314 -17.02 -17.35 -11.32
C ILE B 314 -17.65 -18.23 -12.38
N LEU B 315 -16.91 -19.19 -12.96
CA LEU B 315 -17.54 -20.15 -13.85
C LEU B 315 -18.38 -21.16 -13.08
N ILE B 316 -17.96 -21.50 -11.85
CA ILE B 316 -18.78 -22.33 -10.96
C ILE B 316 -20.06 -21.60 -10.57
N ILE B 317 -19.97 -20.29 -10.30
CA ILE B 317 -21.17 -19.54 -9.93
C ILE B 317 -22.09 -19.30 -11.12
N ILE B 318 -21.52 -19.09 -12.32
CA ILE B 318 -22.31 -18.96 -13.55
C ILE B 318 -23.03 -20.26 -13.89
N HIS B 319 -22.33 -21.39 -13.69
CA HIS B 319 -22.91 -22.71 -13.92
C HIS B 319 -24.00 -23.04 -12.90
N TRP B 320 -23.77 -22.70 -11.64
CA TRP B 320 -24.76 -22.95 -10.58
C TRP B 320 -25.99 -22.07 -10.75
N ASN B 321 -25.81 -20.83 -11.23
CA ASN B 321 -26.96 -19.97 -11.45
C ASN B 321 -27.71 -20.36 -12.71
N ALA B 322 -27.02 -20.95 -13.70
CA ALA B 322 -27.68 -21.54 -14.86
C ALA B 322 -28.58 -22.69 -14.46
N CYS B 323 -28.08 -23.59 -13.61
CA CYS B 323 -28.88 -24.69 -13.10
C CYS B 323 -30.00 -24.22 -12.18
N ILE B 324 -29.78 -23.16 -11.41
CA ILE B 324 -30.80 -22.63 -10.51
C ILE B 324 -31.91 -21.97 -11.30
N TYR B 325 -31.56 -21.27 -12.40
CA TYR B 325 -32.56 -20.67 -13.29
C TYR B 325 -33.36 -21.74 -14.03
N PHE B 326 -32.71 -22.83 -14.43
CA PHE B 326 -33.45 -23.92 -15.08
C PHE B 326 -34.35 -24.66 -14.09
N ALA B 327 -33.94 -24.76 -12.82
CA ALA B 327 -34.79 -25.41 -11.83
C ALA B 327 -35.97 -24.53 -11.45
N ILE B 328 -35.78 -23.21 -11.40
CA ILE B 328 -36.86 -22.29 -11.11
C ILE B 328 -37.85 -22.23 -12.27
N SER B 329 -37.35 -22.26 -13.50
CA SER B 329 -38.23 -22.29 -14.67
C SER B 329 -38.89 -23.64 -14.84
N LYS B 330 -38.30 -24.71 -14.30
CA LYS B 330 -38.99 -26.00 -14.29
C LYS B 330 -40.09 -26.03 -13.24
N PHE B 331 -39.85 -25.40 -12.09
CA PHE B 331 -40.82 -25.39 -10.99
C PHE B 331 -42.02 -24.50 -11.32
N ILE B 332 -41.76 -23.36 -11.94
CA ILE B 332 -42.85 -22.48 -12.37
C ILE B 332 -43.57 -23.08 -13.57
N GLY B 333 -42.82 -23.56 -14.55
CA GLY B 333 -43.40 -24.17 -15.72
C GLY B 333 -42.74 -23.67 -16.99
N PHE B 334 -42.43 -24.57 -17.92
CA PHE B 334 -41.74 -24.18 -19.13
C PHE B 334 -42.70 -23.54 -20.11
N GLY B 335 -42.36 -22.34 -20.56
CA GLY B 335 -43.15 -21.66 -21.57
C GLY B 335 -44.41 -20.98 -21.07
N THR B 336 -44.68 -21.01 -19.77
CA THR B 336 -45.87 -20.35 -19.24
C THR B 336 -45.68 -18.84 -19.16
N ASP B 337 -44.43 -18.39 -19.14
CA ASP B 337 -44.11 -16.98 -18.96
C ASP B 337 -43.11 -16.55 -20.03
N SER B 338 -42.89 -15.24 -20.13
CA SER B 338 -41.85 -14.73 -21.01
C SER B 338 -40.48 -14.83 -20.34
N TRP B 339 -40.45 -14.90 -19.01
CA TRP B 339 -39.18 -14.89 -18.29
C TRP B 339 -38.54 -16.27 -18.24
N VAL B 340 -39.35 -17.31 -18.11
CA VAL B 340 -38.88 -18.68 -17.89
C VAL B 340 -38.24 -19.25 -19.15
N TYR B 341 -37.61 -20.42 -19.00
CA TYR B 341 -37.13 -21.17 -20.14
C TYR B 341 -38.32 -21.59 -21.01
N PRO B 342 -38.18 -21.58 -22.35
CA PRO B 342 -39.32 -21.90 -23.22
C PRO B 342 -39.81 -23.34 -23.15
N ASN B 343 -40.81 -23.63 -23.97
CA ASN B 343 -41.49 -24.92 -23.94
C ASN B 343 -40.59 -26.02 -24.48
N ILE B 344 -40.32 -27.03 -23.64
CA ILE B 344 -39.40 -28.10 -24.02
C ILE B 344 -40.05 -29.15 -24.91
N SER B 345 -41.36 -29.06 -25.14
CA SER B 345 -41.99 -29.92 -26.13
C SER B 345 -41.67 -29.47 -27.55
N ILE B 346 -41.33 -28.20 -27.72
CA ILE B 346 -40.76 -27.71 -28.99
C ILE B 346 -39.39 -28.33 -29.18
N PRO B 347 -39.06 -28.89 -30.35
CA PRO B 347 -37.76 -29.56 -30.52
C PRO B 347 -36.57 -28.61 -30.60
N GLU B 348 -36.78 -27.31 -30.80
CA GLU B 348 -35.67 -26.37 -30.77
C GLU B 348 -35.21 -26.14 -29.34
N HIS B 349 -36.15 -25.99 -28.41
CA HIS B 349 -35.80 -25.75 -27.02
C HIS B 349 -35.61 -27.03 -26.22
N GLY B 350 -36.10 -28.17 -26.73
CA GLY B 350 -36.07 -29.39 -25.96
C GLY B 350 -34.76 -30.12 -25.91
N ARG B 351 -33.77 -29.70 -26.69
CA ARG B 351 -32.47 -30.34 -26.66
C ARG B 351 -31.70 -29.95 -25.40
N LEU B 352 -30.87 -30.87 -24.92
CA LEU B 352 -30.10 -30.64 -23.71
C LEU B 352 -29.01 -29.62 -23.92
N SER B 353 -28.47 -29.56 -25.15
CA SER B 353 -27.50 -28.54 -25.52
C SER B 353 -28.11 -27.15 -25.47
N ARG B 354 -29.33 -26.99 -26.00
CA ARG B 354 -30.00 -25.69 -26.00
C ARG B 354 -30.41 -25.28 -24.59
N LYS B 355 -30.81 -26.26 -23.77
CA LYS B 355 -31.17 -26.03 -22.37
C LYS B 355 -29.97 -25.51 -21.57
N TYR B 356 -28.84 -26.20 -21.65
CA TYR B 356 -27.68 -25.81 -20.85
C TYR B 356 -27.03 -24.54 -21.38
N ILE B 357 -26.96 -24.38 -22.70
CA ILE B 357 -26.27 -23.20 -23.24
C ILE B 357 -27.14 -21.95 -23.14
N TYR B 358 -28.47 -22.06 -23.24
CA TYR B 358 -29.31 -20.89 -23.00
C TYR B 358 -29.40 -20.54 -21.52
N SER B 359 -29.36 -21.54 -20.62
CA SER B 359 -29.35 -21.23 -19.19
C SER B 359 -28.02 -20.60 -18.76
N LEU B 360 -26.91 -21.04 -19.37
CA LEU B 360 -25.62 -20.41 -19.14
C LEU B 360 -25.59 -18.99 -19.69
N TYR B 361 -26.23 -18.77 -20.85
CA TYR B 361 -26.36 -17.42 -21.42
C TYR B 361 -27.20 -16.51 -20.52
N TRP B 362 -28.27 -17.06 -19.93
CA TRP B 362 -29.12 -16.29 -19.02
C TRP B 362 -28.37 -15.91 -17.75
N SER B 363 -27.66 -16.87 -17.16
CA SER B 363 -26.95 -16.59 -15.92
C SER B 363 -25.74 -15.69 -16.15
N THR B 364 -25.17 -15.72 -17.35
CA THR B 364 -24.06 -14.81 -17.66
C THR B 364 -24.57 -13.41 -17.97
N LEU B 365 -25.75 -13.29 -18.57
CA LEU B 365 -26.34 -11.97 -18.76
C LEU B 365 -26.83 -11.38 -17.44
N THR B 366 -27.21 -12.23 -16.49
CA THR B 366 -27.80 -11.72 -15.25
C THR B 366 -26.74 -11.46 -14.19
N LEU B 367 -25.77 -12.38 -14.04
CA LEU B 367 -24.77 -12.28 -12.99
C LEU B 367 -23.59 -11.38 -13.35
N THR B 368 -23.50 -10.90 -14.59
CA THR B 368 -22.50 -9.90 -14.93
C THR B 368 -23.12 -8.54 -15.13
N THR B 369 -24.39 -8.37 -14.72
CA THR B 369 -25.17 -7.12 -14.72
C THR B 369 -25.27 -6.47 -16.10
N ILE B 370 -25.32 -7.27 -17.14
CA ILE B 370 -25.64 -6.76 -18.47
C ILE B 370 -27.15 -6.71 -18.66
N GLY B 371 -27.79 -7.87 -18.55
CA GLY B 371 -29.21 -7.92 -18.22
C GLY B 371 -30.22 -7.75 -19.33
N GLU B 372 -29.89 -8.23 -20.53
CA GLU B 372 -30.81 -8.12 -21.69
C GLU B 372 -31.74 -9.32 -21.77
N THR B 373 -31.92 -10.08 -20.69
CA THR B 373 -32.86 -11.18 -20.63
C THR B 373 -34.29 -10.63 -20.71
N PRO B 374 -35.26 -11.47 -21.07
CA PRO B 374 -36.68 -11.06 -20.97
C PRO B 374 -37.08 -10.80 -19.53
N PRO B 375 -37.85 -9.74 -19.29
CA PRO B 375 -38.09 -9.28 -17.92
C PRO B 375 -39.09 -10.18 -17.20
N PRO B 376 -39.04 -10.22 -15.86
CA PRO B 376 -39.96 -11.08 -15.12
C PRO B 376 -41.39 -10.58 -15.14
N VAL B 377 -42.32 -11.52 -14.93
CA VAL B 377 -43.74 -11.21 -14.86
C VAL B 377 -44.34 -11.57 -13.50
N LYS B 378 -43.85 -12.62 -12.84
CA LYS B 378 -44.37 -13.05 -11.55
C LYS B 378 -43.47 -12.56 -10.43
N ASP B 379 -44.00 -12.65 -9.20
CA ASP B 379 -43.32 -12.08 -8.04
C ASP B 379 -42.10 -12.89 -7.63
N GLU B 380 -42.17 -14.21 -7.82
CA GLU B 380 -41.02 -15.07 -7.53
C GLU B 380 -39.89 -14.81 -8.51
N GLU B 381 -40.23 -14.52 -9.76
CA GLU B 381 -39.23 -14.23 -10.78
C GLU B 381 -38.62 -12.86 -10.58
N TYR B 382 -39.44 -11.88 -10.16
CA TYR B 382 -38.95 -10.55 -9.79
C TYR B 382 -38.01 -10.61 -8.60
N LEU B 383 -38.37 -11.42 -7.59
CA LEU B 383 -37.54 -11.55 -6.38
C LEU B 383 -36.24 -12.28 -6.67
N PHE B 384 -36.30 -13.32 -7.52
CA PHE B 384 -35.09 -14.05 -7.90
C PHE B 384 -34.17 -13.19 -8.74
N VAL B 385 -34.73 -12.33 -9.60
CA VAL B 385 -33.90 -11.46 -10.43
C VAL B 385 -33.30 -10.31 -9.60
N VAL B 386 -34.00 -9.85 -8.54
CA VAL B 386 -33.43 -8.87 -7.62
C VAL B 386 -32.27 -9.46 -6.83
N VAL B 387 -32.46 -10.67 -6.29
CA VAL B 387 -31.41 -11.37 -5.55
C VAL B 387 -30.23 -11.71 -6.45
N ASP B 388 -30.51 -12.08 -7.70
CA ASP B 388 -29.47 -12.48 -8.62
C ASP B 388 -28.69 -11.27 -9.15
N PHE B 389 -29.36 -10.13 -9.29
CA PHE B 389 -28.67 -8.89 -9.64
C PHE B 389 -27.80 -8.37 -8.51
N LEU B 390 -28.23 -8.52 -7.25
CA LEU B 390 -27.39 -8.09 -6.14
C LEU B 390 -26.20 -9.02 -5.96
N VAL B 391 -26.40 -10.33 -6.19
CA VAL B 391 -25.31 -11.30 -6.20
C VAL B 391 -24.34 -11.02 -7.34
N GLY B 392 -24.86 -10.60 -8.49
CA GLY B 392 -23.99 -10.23 -9.61
C GLY B 392 -23.23 -8.93 -9.41
N VAL B 393 -23.82 -7.99 -8.69
CA VAL B 393 -23.11 -6.76 -8.31
C VAL B 393 -21.97 -7.06 -7.35
N LEU B 394 -22.21 -7.94 -6.36
CA LEU B 394 -21.14 -8.37 -5.46
C LEU B 394 -20.08 -9.20 -6.17
N ILE B 395 -20.48 -9.97 -7.20
CA ILE B 395 -19.53 -10.75 -7.99
C ILE B 395 -18.64 -9.84 -8.82
N PHE B 396 -19.23 -8.81 -9.44
CA PHE B 396 -18.47 -7.84 -10.23
C PHE B 396 -17.53 -7.02 -9.34
N ALA B 397 -17.98 -6.68 -8.12
CA ALA B 397 -17.12 -5.98 -7.19
C ALA B 397 -15.97 -6.86 -6.69
N THR B 398 -16.22 -8.16 -6.54
CA THR B 398 -15.18 -9.10 -6.14
C THR B 398 -14.14 -9.29 -7.24
N ILE B 399 -14.60 -9.40 -8.50
CA ILE B 399 -13.70 -9.56 -9.65
C ILE B 399 -12.87 -8.28 -9.86
N VAL B 400 -13.51 -7.12 -9.72
CA VAL B 400 -12.82 -5.84 -9.89
C VAL B 400 -11.80 -5.61 -8.77
N GLY B 401 -12.16 -5.98 -7.53
CA GLY B 401 -11.22 -5.85 -6.43
C GLY B 401 -10.05 -6.80 -6.49
N ASN B 402 -10.31 -8.04 -6.95
CA ASN B 402 -9.24 -9.03 -7.07
C ASN B 402 -8.28 -8.69 -8.20
N VAL B 403 -8.80 -8.27 -9.36
CA VAL B 403 -7.95 -7.91 -10.48
C VAL B 403 -7.24 -6.58 -10.22
N GLY B 404 -7.87 -5.65 -9.48
CA GLY B 404 -7.20 -4.41 -9.14
C GLY B 404 -6.10 -4.57 -8.11
N SER B 405 -6.32 -5.44 -7.11
CA SER B 405 -5.25 -5.74 -6.16
C SER B 405 -4.15 -6.57 -6.80
N MET B 406 -4.49 -7.41 -7.78
CA MET B 406 -3.47 -8.19 -8.46
C MET B 406 -2.64 -7.34 -9.40
N ILE B 407 -3.25 -6.33 -10.03
CA ILE B 407 -2.50 -5.38 -10.85
C ILE B 407 -1.61 -4.52 -9.97
N SER B 408 -2.10 -4.10 -8.80
CA SER B 408 -1.28 -3.34 -7.86
C SER B 408 -0.18 -4.18 -7.23
N ASN B 409 -0.35 -5.50 -7.17
CA ASN B 409 0.74 -6.36 -6.74
C ASN B 409 1.70 -6.68 -7.87
N MET B 410 1.26 -6.58 -9.12
CA MET B 410 2.13 -6.94 -10.24
C MET B 410 3.15 -5.85 -10.52
N ASN B 411 2.78 -4.58 -10.33
CA ASN B 411 3.76 -3.52 -10.52
C ASN B 411 3.93 -2.68 -9.25
N ALA B 412 4.03 -3.34 -8.10
CA ALA B 412 4.40 -2.62 -6.89
C ALA B 412 5.88 -2.29 -6.88
N SER B 413 6.70 -3.18 -7.46
CA SER B 413 8.14 -2.94 -7.54
C SER B 413 8.47 -1.84 -8.54
N ARG B 414 7.73 -1.80 -9.66
CA ARG B 414 7.95 -0.75 -10.64
C ARG B 414 7.48 0.61 -10.12
N ALA B 415 6.38 0.62 -9.35
CA ALA B 415 5.91 1.87 -8.76
C ALA B 415 6.83 2.35 -7.65
N GLU B 416 7.40 1.43 -6.88
CA GLU B 416 8.35 1.81 -5.83
C GLU B 416 9.68 2.28 -6.41
N PHE B 417 10.14 1.65 -7.48
CA PHE B 417 11.39 2.07 -8.12
C PHE B 417 11.21 3.39 -8.88
N GLN B 418 10.03 3.60 -9.48
CA GLN B 418 9.74 4.89 -10.11
C GLN B 418 9.56 5.99 -9.07
N ALA B 419 9.07 5.63 -7.87
CA ALA B 419 9.01 6.60 -6.78
C ALA B 419 10.41 6.96 -6.28
N LYS B 420 11.32 5.98 -6.24
CA LYS B 420 12.71 6.25 -5.86
C LYS B 420 13.42 7.09 -6.91
N ILE B 421 13.17 6.81 -8.19
CA ILE B 421 13.76 7.56 -9.29
C ILE B 421 13.26 9.01 -9.30
N ASP B 422 11.95 9.19 -9.07
CA ASP B 422 11.39 10.54 -9.05
C ASP B 422 11.77 11.30 -7.79
N SER B 423 12.01 10.61 -6.66
CA SER B 423 12.46 11.29 -5.45
C SER B 423 13.91 11.74 -5.59
N ILE B 424 14.76 10.92 -6.18
CA ILE B 424 16.16 11.31 -6.39
C ILE B 424 16.26 12.35 -7.51
N LYS B 425 15.32 12.32 -8.47
CA LYS B 425 15.26 13.35 -9.50
C LYS B 425 14.82 14.70 -8.92
N GLN B 426 13.84 14.70 -8.01
CA GLN B 426 13.43 15.92 -7.33
C GLN B 426 14.50 16.43 -6.38
N TYR B 427 15.29 15.53 -5.80
CA TYR B 427 16.44 15.93 -5.00
C TYR B 427 17.52 16.56 -5.88
N MET B 428 17.73 16.04 -7.08
CA MET B 428 18.79 16.55 -7.93
C MET B 428 18.39 17.85 -8.64
N GLN B 429 17.10 18.09 -8.89
CA GLN B 429 16.73 19.41 -9.36
C GLN B 429 16.59 20.40 -8.21
N PHE B 430 16.35 19.90 -7.00
CA PHE B 430 16.25 20.81 -5.86
C PHE B 430 17.62 21.29 -5.39
N ARG B 431 18.60 20.39 -5.38
CA ARG B 431 19.91 20.73 -4.83
C ARG B 431 20.88 21.24 -5.89
N LYS B 432 20.40 21.42 -7.13
CA LYS B 432 21.15 21.98 -8.28
C LYS B 432 22.41 21.17 -8.60
N VAL B 433 22.23 19.86 -8.71
CA VAL B 433 23.29 18.96 -9.18
C VAL B 433 23.49 19.21 -10.66
N THR B 434 24.74 19.23 -11.11
CA THR B 434 25.06 19.44 -12.51
C THR B 434 24.60 18.24 -13.34
N LYS B 435 24.33 18.50 -14.62
CA LYS B 435 23.56 17.55 -15.41
C LYS B 435 24.39 16.38 -15.91
N ASP B 436 25.71 16.45 -15.85
CA ASP B 436 26.54 15.27 -16.14
C ASP B 436 26.38 14.22 -15.04
N LEU B 437 26.36 14.65 -13.78
CA LEU B 437 26.08 13.72 -12.69
C LEU B 437 24.63 13.28 -12.68
N GLU B 438 23.73 14.15 -13.14
CA GLU B 438 22.32 13.78 -13.23
C GLU B 438 22.07 12.71 -14.29
N THR B 439 22.71 12.84 -15.46
CA THR B 439 22.58 11.76 -16.43
C THR B 439 23.42 10.53 -16.06
N ARG B 440 24.44 10.68 -15.20
CA ARG B 440 25.13 9.50 -14.66
C ARG B 440 24.24 8.72 -13.70
N VAL B 441 23.48 9.43 -12.86
CA VAL B 441 22.56 8.80 -11.92
C VAL B 441 21.39 8.16 -12.67
N ILE B 442 20.89 8.83 -13.72
CA ILE B 442 19.80 8.30 -14.53
C ILE B 442 20.27 7.10 -15.35
N ARG B 443 21.53 7.11 -15.81
CA ARG B 443 22.09 5.94 -16.50
C ARG B 443 22.33 4.78 -15.55
N TRP B 444 22.68 5.06 -14.30
CA TRP B 444 22.84 3.98 -13.34
C TRP B 444 21.49 3.38 -12.93
N PHE B 445 20.44 4.21 -12.90
CA PHE B 445 19.11 3.68 -12.63
C PHE B 445 18.55 2.90 -13.81
N ASP B 446 18.89 3.32 -15.03
CA ASP B 446 18.52 2.55 -16.21
C ASP B 446 19.26 1.21 -16.26
N TYR B 447 20.52 1.19 -15.82
CA TYR B 447 21.25 -0.07 -15.69
C TYR B 447 20.66 -0.95 -14.61
N LEU B 448 20.23 -0.34 -13.50
CA LEU B 448 19.70 -1.09 -12.37
C LEU B 448 18.32 -1.68 -12.67
N TRP B 449 17.55 -1.04 -13.54
CA TRP B 449 16.30 -1.66 -13.95
C TRP B 449 16.47 -2.60 -15.13
N ALA B 450 17.41 -2.32 -16.04
CA ALA B 450 17.57 -3.17 -17.21
C ALA B 450 18.27 -4.48 -16.88
N ASN B 451 19.11 -4.50 -15.83
CA ASN B 451 19.81 -5.71 -15.47
C ASN B 451 19.22 -6.39 -14.24
N LYS B 452 18.05 -5.93 -13.77
CA LYS B 452 17.20 -6.55 -12.75
C LYS B 452 17.91 -6.69 -11.40
N LYS B 453 18.68 -5.66 -11.04
CA LYS B 453 19.31 -5.57 -9.73
C LYS B 453 18.65 -4.48 -8.90
N THR B 454 17.33 -4.33 -9.06
CA THR B 454 16.62 -3.16 -8.53
C THR B 454 16.44 -3.20 -7.02
N VAL B 455 16.55 -4.38 -6.40
CA VAL B 455 16.38 -4.50 -4.96
C VAL B 455 17.74 -4.39 -4.27
N ASP B 456 17.73 -3.92 -3.03
CA ASP B 456 18.95 -3.79 -2.25
C ASP B 456 19.10 -4.99 -1.32
N GLU B 457 20.29 -5.60 -1.35
CA GLU B 457 20.51 -6.91 -0.74
C GLU B 457 20.54 -6.84 0.78
N LYS B 458 20.80 -5.64 1.32
CA LYS B 458 20.86 -5.43 2.77
C LYS B 458 19.48 -5.62 3.41
N GLU B 459 18.44 -5.15 2.73
CA GLU B 459 17.09 -5.32 3.24
C GLU B 459 16.40 -6.53 2.61
N VAL B 460 16.95 -7.05 1.50
CA VAL B 460 16.47 -8.31 0.95
C VAL B 460 16.80 -9.48 1.89
N LEU B 461 18.03 -9.51 2.41
CA LEU B 461 18.45 -10.59 3.29
C LEU B 461 18.18 -10.31 4.77
N LYS B 462 17.17 -9.49 5.09
CA LYS B 462 16.89 -9.21 6.49
C LYS B 462 15.81 -10.13 7.07
N SER B 463 14.82 -10.52 6.27
CA SER B 463 13.71 -11.33 6.77
C SER B 463 14.07 -12.80 6.94
N LEU B 464 15.21 -13.23 6.42
CA LEU B 464 15.70 -14.58 6.63
C LEU B 464 16.20 -14.73 8.07
N PRO B 465 16.25 -15.96 8.61
CA PRO B 465 16.89 -16.16 9.91
C PRO B 465 18.40 -16.13 9.77
N ASP B 466 19.07 -16.06 10.92
CA ASP B 466 20.52 -15.84 10.93
C ASP B 466 21.30 -17.06 10.47
N LYS B 467 20.71 -18.26 10.62
CA LYS B 467 21.35 -19.46 10.11
C LYS B 467 21.30 -19.51 8.59
N LEU B 468 20.17 -19.12 8.00
CA LEU B 468 20.07 -19.12 6.54
C LEU B 468 20.82 -17.94 5.93
N LYS B 469 20.87 -16.80 6.62
CA LYS B 469 21.70 -15.68 6.19
C LYS B 469 23.18 -16.03 6.23
N ALA B 470 23.61 -16.75 7.27
CA ALA B 470 24.99 -17.18 7.38
C ALA B 470 25.32 -18.24 6.33
N GLU B 471 24.37 -19.13 6.03
CA GLU B 471 24.61 -20.17 5.04
C GLU B 471 24.64 -19.60 3.62
N ILE B 472 23.82 -18.58 3.34
CA ILE B 472 23.84 -17.92 2.05
C ILE B 472 25.11 -17.09 1.89
N ALA B 473 25.57 -16.44 2.97
CA ALA B 473 26.83 -15.71 2.93
C ALA B 473 28.03 -16.64 2.81
N ILE B 474 27.95 -17.87 3.32
CA ILE B 474 28.97 -18.87 3.06
C ILE B 474 28.94 -19.30 1.59
N ASN B 475 27.75 -19.55 1.05
CA ASN B 475 27.62 -20.14 -0.28
C ASN B 475 27.93 -19.15 -1.41
N VAL B 476 28.00 -17.86 -1.12
CA VAL B 476 28.38 -16.88 -2.13
C VAL B 476 29.83 -16.46 -1.93
N HIS B 477 30.18 -16.09 -0.69
CA HIS B 477 31.40 -15.32 -0.45
C HIS B 477 32.57 -16.11 0.13
N LEU B 478 32.35 -17.29 0.72
CA LEU B 478 33.41 -17.88 1.55
C LEU B 478 34.49 -18.55 0.73
N ASP B 479 34.14 -19.18 -0.40
CA ASP B 479 35.17 -19.75 -1.25
C ASP B 479 35.91 -18.68 -2.05
N THR B 480 35.35 -17.48 -2.16
CA THR B 480 36.07 -16.36 -2.72
C THR B 480 36.98 -15.72 -1.67
N LEU B 481 36.52 -15.67 -0.41
CA LEU B 481 37.32 -15.10 0.67
C LEU B 481 38.45 -16.02 1.09
N LYS B 482 38.35 -17.33 0.83
CA LYS B 482 39.40 -18.26 1.22
C LYS B 482 40.64 -18.15 0.36
N LYS B 483 40.56 -17.52 -0.81
CA LYS B 483 41.71 -17.29 -1.65
C LYS B 483 42.36 -15.93 -1.42
N VAL B 484 41.96 -15.23 -0.37
CA VAL B 484 42.60 -14.00 0.05
C VAL B 484 43.79 -14.39 0.92
N ARG B 485 44.96 -13.80 0.63
CA ARG B 485 46.24 -14.30 1.13
C ARG B 485 46.41 -14.09 2.63
N ILE B 486 45.71 -13.13 3.22
CA ILE B 486 45.74 -13.03 4.67
C ILE B 486 44.73 -14.00 5.29
N PHE B 487 43.65 -14.32 4.59
CA PHE B 487 42.61 -15.20 5.10
C PHE B 487 42.72 -16.63 4.60
N GLN B 488 43.90 -17.05 4.10
CA GLN B 488 44.06 -18.42 3.65
C GLN B 488 44.07 -19.42 4.81
N ASP B 489 44.51 -19.02 5.99
CA ASP B 489 44.65 -19.94 7.11
C ASP B 489 43.86 -19.51 8.35
N CYS B 490 42.84 -18.69 8.20
CA CYS B 490 42.07 -18.23 9.34
C CYS B 490 41.10 -19.30 9.82
N GLU B 491 40.53 -19.07 10.99
CA GLU B 491 39.54 -19.97 11.57
C GLU B 491 38.23 -19.89 10.80
N ALA B 492 37.45 -20.96 10.89
CA ALA B 492 36.26 -21.09 10.04
C ALA B 492 35.14 -20.17 10.49
N GLY B 493 34.91 -20.06 11.80
CA GLY B 493 33.89 -19.16 12.31
C GLY B 493 34.23 -17.69 12.11
N LEU B 494 35.54 -17.38 12.09
CA LEU B 494 35.98 -16.04 11.69
C LEU B 494 35.62 -15.74 10.25
N LEU B 495 35.77 -16.73 9.36
CA LEU B 495 35.40 -16.53 7.97
C LEU B 495 33.89 -16.45 7.78
N VAL B 496 33.11 -17.14 8.62
CA VAL B 496 31.65 -17.00 8.60
C VAL B 496 31.24 -15.60 9.04
N GLU B 497 31.90 -15.07 10.08
CA GLU B 497 31.64 -13.70 10.51
C GLU B 497 32.10 -12.67 9.48
N LEU B 498 33.17 -12.96 8.75
CA LEU B 498 33.68 -12.01 7.76
C LEU B 498 32.83 -12.00 6.50
N VAL B 499 32.30 -13.15 6.09
CA VAL B 499 31.37 -13.14 4.95
C VAL B 499 29.99 -12.63 5.36
N LEU B 500 29.67 -12.63 6.65
CA LEU B 500 28.49 -11.90 7.09
C LEU B 500 28.75 -10.40 7.15
N LYS B 501 30.01 -9.99 7.32
CA LYS B 501 30.35 -8.58 7.38
C LYS B 501 30.67 -7.97 6.01
N LEU B 502 30.59 -8.73 4.93
CA LEU B 502 30.87 -8.19 3.62
C LEU B 502 29.73 -7.32 3.12
N ARG B 503 30.06 -6.33 2.30
CA ARG B 503 29.10 -5.33 1.86
C ARG B 503 29.23 -5.17 0.35
N PRO B 504 28.15 -5.34 -0.42
CA PRO B 504 28.27 -5.22 -1.87
C PRO B 504 28.16 -3.78 -2.34
N THR B 505 28.96 -3.44 -3.35
CA THR B 505 28.92 -2.15 -3.99
C THR B 505 29.03 -2.33 -5.50
N VAL B 506 28.26 -1.54 -6.24
CA VAL B 506 28.25 -1.56 -7.69
C VAL B 506 28.89 -0.27 -8.18
N PHE B 507 29.82 -0.39 -9.12
CA PHE B 507 30.56 0.75 -9.63
C PHE B 507 30.29 0.92 -11.12
N SER B 508 30.15 2.18 -11.55
CA SER B 508 29.91 2.49 -12.94
C SER B 508 31.22 2.38 -13.73
N PRO B 509 31.15 2.32 -15.07
CA PRO B 509 32.39 2.43 -15.86
C PRO B 509 33.02 3.81 -15.75
N GLY B 510 34.32 3.82 -15.54
CA GLY B 510 35.05 5.04 -15.30
C GLY B 510 35.06 5.52 -13.87
N ASP B 511 34.34 4.85 -12.97
CA ASP B 511 34.35 5.21 -11.57
C ASP B 511 35.65 4.78 -10.92
N TYR B 512 36.30 5.71 -10.24
CA TYR B 512 37.51 5.40 -9.49
C TYR B 512 37.13 4.66 -8.22
N ILE B 513 37.68 3.46 -8.04
CA ILE B 513 37.52 2.76 -6.77
C ILE B 513 38.36 3.43 -5.71
N CYS B 514 39.61 3.74 -6.05
CA CYS B 514 40.55 4.41 -5.17
C CYS B 514 41.58 5.12 -6.02
N LYS B 515 41.98 6.31 -5.60
CA LYS B 515 43.05 7.03 -6.25
C LYS B 515 44.31 6.92 -5.40
N LYS B 516 45.42 7.36 -5.98
CA LYS B 516 46.69 7.33 -5.27
C LYS B 516 46.71 8.42 -4.20
N GLY B 517 46.73 8.01 -2.94
CA GLY B 517 46.78 8.94 -1.83
C GLY B 517 45.55 8.96 -0.96
N ASP B 518 44.49 8.22 -1.31
CA ASP B 518 43.32 8.17 -0.45
C ASP B 518 43.56 7.26 0.75
N ILE B 519 42.67 7.38 1.72
CA ILE B 519 42.73 6.55 2.93
C ILE B 519 42.21 5.17 2.59
N GLY B 520 43.05 4.15 2.80
CA GLY B 520 42.62 2.79 2.59
C GLY B 520 42.00 2.21 3.84
N LYS B 521 40.67 2.22 3.91
CA LYS B 521 39.96 1.64 5.03
C LYS B 521 39.00 0.54 4.61
N GLU B 522 39.08 0.09 3.36
CA GLU B 522 38.24 -0.99 2.88
C GLU B 522 39.07 -1.94 2.03
N MET B 523 38.57 -3.16 1.90
CA MET B 523 39.16 -4.17 1.03
C MET B 523 38.11 -4.61 0.03
N TYR B 524 38.45 -4.54 -1.25
CA TYR B 524 37.51 -4.81 -2.33
C TYR B 524 37.85 -6.15 -2.95
N ILE B 525 36.87 -7.04 -3.00
CA ILE B 525 37.00 -8.32 -3.69
C ILE B 525 36.15 -8.25 -4.95
N ILE B 526 36.77 -8.46 -6.10
CA ILE B 526 36.09 -8.20 -7.37
C ILE B 526 35.21 -9.39 -7.73
N ASN B 527 33.93 -9.10 -7.95
CA ASN B 527 32.98 -10.06 -8.48
C ASN B 527 32.26 -9.37 -9.63
N GLU B 528 32.12 -10.09 -10.76
CA GLU B 528 31.40 -9.66 -11.97
C GLU B 528 31.96 -8.36 -12.56
N GLY B 529 33.28 -8.21 -12.49
CA GLY B 529 33.85 -6.94 -12.91
C GLY B 529 35.23 -7.07 -13.51
N LYS B 530 35.74 -5.93 -13.98
CA LYS B 530 37.09 -5.82 -14.50
C LYS B 530 37.62 -4.43 -14.15
N LEU B 531 38.63 -4.38 -13.30
CA LEU B 531 39.23 -3.13 -12.89
C LEU B 531 40.57 -2.94 -13.60
N ALA B 532 41.08 -1.71 -13.54
CA ALA B 532 42.33 -1.37 -14.20
C ALA B 532 43.13 -0.42 -13.33
N VAL B 533 44.40 -0.75 -13.12
CA VAL B 533 45.29 0.10 -12.34
C VAL B 533 45.84 1.14 -13.30
N VAL B 534 45.13 2.25 -13.42
CA VAL B 534 45.52 3.32 -14.34
C VAL B 534 46.63 4.14 -13.72
N ALA B 535 47.27 4.98 -14.53
CA ALA B 535 48.52 5.63 -14.17
C ALA B 535 48.32 7.13 -14.01
N ASP B 536 47.95 7.55 -12.78
CA ASP B 536 48.07 8.93 -12.28
C ASP B 536 47.28 9.94 -13.11
N ASP B 537 45.94 9.81 -13.03
CA ASP B 537 44.94 10.62 -13.75
C ASP B 537 45.13 10.50 -15.27
N GLY B 538 45.40 9.27 -15.72
CA GLY B 538 45.55 9.01 -17.13
C GLY B 538 44.73 7.79 -17.53
N VAL B 539 44.58 7.62 -18.84
CA VAL B 539 43.82 6.49 -19.35
C VAL B 539 44.75 5.29 -19.56
N THR B 540 46.06 5.51 -19.48
CA THR B 540 47.03 4.44 -19.64
C THR B 540 47.02 3.50 -18.43
N GLN B 541 47.01 2.20 -18.70
CA GLN B 541 46.76 1.19 -17.69
C GLN B 541 48.01 0.35 -17.49
N PHE B 542 48.36 0.12 -16.21
CA PHE B 542 49.50 -0.73 -15.90
C PHE B 542 49.14 -2.20 -16.02
N VAL B 543 48.08 -2.62 -15.34
CA VAL B 543 47.60 -4.00 -15.39
C VAL B 543 46.09 -3.95 -15.21
N VAL B 544 45.40 -4.98 -15.67
CA VAL B 544 43.96 -5.10 -15.52
C VAL B 544 43.66 -6.23 -14.54
N LEU B 545 42.75 -5.96 -13.62
CA LEU B 545 42.29 -6.96 -12.68
C LEU B 545 41.00 -7.60 -13.18
N SER B 546 40.65 -8.75 -12.63
CA SER B 546 39.56 -9.55 -13.19
C SER B 546 38.71 -10.06 -12.05
N ASP B 547 37.88 -11.05 -12.35
CA ASP B 547 37.00 -11.65 -11.36
C ASP B 547 37.82 -12.50 -10.39
N GLY B 548 37.44 -12.43 -9.10
CA GLY B 548 38.12 -13.19 -8.07
C GLY B 548 39.32 -12.50 -7.46
N SER B 549 39.80 -11.40 -8.04
CA SER B 549 40.96 -10.71 -7.51
C SER B 549 40.58 -9.84 -6.32
N TYR B 550 41.59 -9.21 -5.72
CA TYR B 550 41.40 -8.46 -4.49
C TYR B 550 42.51 -7.44 -4.37
N PHE B 551 42.23 -6.39 -3.61
CA PHE B 551 43.22 -5.36 -3.27
C PHE B 551 42.75 -4.68 -1.99
N GLY B 552 43.63 -3.87 -1.43
CA GLY B 552 43.32 -3.18 -0.20
C GLY B 552 43.28 -4.06 1.02
N GLU B 553 43.96 -5.20 0.99
CA GLU B 553 43.87 -6.15 2.08
C GLU B 553 44.81 -5.80 3.22
N ILE B 554 45.92 -5.14 2.92
CA ILE B 554 46.91 -4.82 3.94
C ILE B 554 46.61 -3.45 4.54
N SER B 555 45.75 -2.66 3.90
CA SER B 555 45.41 -1.34 4.41
C SER B 555 44.48 -1.43 5.62
N ILE B 556 43.69 -2.50 5.72
CA ILE B 556 42.75 -2.64 6.83
C ILE B 556 43.32 -3.38 8.02
N LEU B 557 44.52 -3.96 7.89
CA LEU B 557 45.05 -4.78 8.97
C LEU B 557 45.67 -3.94 10.08
N ASN B 558 46.09 -2.71 9.74
CA ASN B 558 46.67 -1.71 10.64
C ASN B 558 47.96 -2.23 11.30
N ILE B 559 48.96 -2.49 10.46
CA ILE B 559 50.27 -2.92 10.95
C ILE B 559 51.01 -1.71 11.49
N LYS B 560 51.55 -1.84 12.71
CA LYS B 560 52.45 -0.85 13.26
C LYS B 560 53.74 -0.79 12.44
N GLY B 561 54.13 0.42 12.08
CA GLY B 561 55.35 0.62 11.31
C GLY B 561 55.23 0.32 9.84
N SER B 562 54.07 0.59 9.24
CA SER B 562 53.88 0.43 7.81
C SER B 562 54.47 1.53 6.96
N LYS B 563 55.25 1.17 5.94
CA LYS B 563 55.84 2.17 5.06
C LYS B 563 54.83 3.00 4.23
N SER B 564 53.77 2.33 3.80
CA SER B 564 52.64 3.03 3.20
C SER B 564 51.77 3.94 4.05
N GLY B 565 51.36 3.46 5.22
CA GLY B 565 50.59 4.26 6.16
C GLY B 565 49.14 4.40 5.75
N ASN B 566 48.48 3.24 5.58
CA ASN B 566 47.06 3.04 5.18
C ASN B 566 46.63 3.87 3.95
N ARG B 567 47.56 4.14 3.04
CA ARG B 567 47.26 4.82 1.78
C ARG B 567 47.19 3.80 0.66
N ARG B 568 46.65 4.24 -0.48
CA ARG B 568 46.29 3.30 -1.52
C ARG B 568 47.46 2.94 -2.42
N THR B 569 48.24 3.96 -2.85
CA THR B 569 49.37 3.87 -3.80
C THR B 569 48.99 3.21 -5.13
N ALA B 570 47.75 3.42 -5.58
CA ALA B 570 47.25 2.87 -6.83
C ALA B 570 46.02 3.66 -7.25
N ASN B 571 45.94 4.00 -8.53
CA ASN B 571 44.74 4.60 -9.11
C ASN B 571 44.00 3.49 -9.83
N ILE B 572 42.82 3.13 -9.33
CA ILE B 572 42.07 1.98 -9.84
C ILE B 572 40.73 2.47 -10.35
N ARG B 573 40.50 2.30 -11.66
CA ARG B 573 39.24 2.65 -12.30
C ARG B 573 38.51 1.40 -12.73
N SER B 574 37.18 1.49 -12.79
CA SER B 574 36.38 0.39 -13.28
C SER B 574 36.22 0.52 -14.78
N ILE B 575 36.59 -0.54 -15.51
CA ILE B 575 36.43 -0.55 -16.96
C ILE B 575 34.96 -0.71 -17.33
N GLY B 576 34.29 -1.71 -16.78
CA GLY B 576 32.88 -1.87 -16.98
C GLY B 576 32.13 -1.78 -15.66
N TYR B 577 30.92 -2.31 -15.60
CA TYR B 577 30.16 -2.33 -14.36
C TYR B 577 30.71 -3.42 -13.45
N SER B 578 31.15 -3.04 -12.26
CA SER B 578 31.69 -3.98 -11.30
C SER B 578 30.69 -4.23 -10.18
N ASP B 579 30.88 -5.35 -9.47
CA ASP B 579 30.11 -5.64 -8.26
C ASP B 579 31.11 -6.06 -7.18
N LEU B 580 31.71 -5.09 -6.52
CA LEU B 580 32.75 -5.40 -5.56
C LEU B 580 32.15 -5.69 -4.21
N PHE B 581 32.86 -6.49 -3.42
CA PHE B 581 32.48 -6.78 -2.05
C PHE B 581 33.43 -6.06 -1.10
N CYS B 582 32.87 -5.28 -0.19
CA CYS B 582 33.64 -4.35 0.63
C CYS B 582 33.74 -4.89 2.04
N LEU B 583 34.96 -5.10 2.52
CA LEU B 583 35.21 -5.39 3.93
C LEU B 583 35.86 -4.16 4.55
N SER B 584 35.10 -3.43 5.35
CA SER B 584 35.61 -2.22 5.98
C SER B 584 36.58 -2.56 7.10
N LYS B 585 37.30 -1.53 7.55
CA LYS B 585 38.25 -1.72 8.64
C LYS B 585 37.55 -1.90 9.97
N ASP B 586 36.47 -1.15 10.19
CA ASP B 586 35.73 -1.23 11.45
C ASP B 586 34.93 -2.53 11.54
N ASP B 587 34.42 -3.01 10.41
CA ASP B 587 33.73 -4.31 10.39
C ASP B 587 34.71 -5.45 10.58
N LEU B 588 35.94 -5.30 10.07
CA LEU B 588 36.98 -6.30 10.32
C LEU B 588 37.38 -6.31 11.79
N MET B 589 37.44 -5.14 12.44
CA MET B 589 37.84 -5.10 13.84
C MET B 589 36.72 -5.62 14.76
N GLU B 590 35.45 -5.33 14.43
CA GLU B 590 34.38 -5.87 15.26
C GLU B 590 34.10 -7.34 14.93
N ALA B 591 34.59 -7.84 13.79
CA ALA B 591 34.57 -9.28 13.58
C ALA B 591 35.76 -9.96 14.26
N LEU B 592 36.88 -9.25 14.41
CA LEU B 592 38.05 -9.73 15.12
C LEU B 592 38.04 -9.38 16.60
N THR B 593 36.90 -8.93 17.14
CA THR B 593 36.77 -8.71 18.58
C THR B 593 36.89 -10.03 19.36
N GLU B 594 36.12 -11.04 18.96
CA GLU B 594 36.11 -12.31 19.68
C GLU B 594 37.13 -13.30 19.15
N TYR B 595 38.02 -12.88 18.26
CA TYR B 595 39.15 -13.70 17.79
C TYR B 595 40.43 -12.89 17.93
N PRO B 596 41.07 -12.89 19.11
CA PRO B 596 42.29 -12.09 19.26
C PRO B 596 43.55 -12.76 18.73
N GLU B 597 43.61 -14.09 18.81
CA GLU B 597 44.75 -14.82 18.27
C GLU B 597 44.77 -14.78 16.75
N ALA B 598 43.59 -14.79 16.14
CA ALA B 598 43.50 -14.60 14.69
C ALA B 598 43.84 -13.17 14.30
N LYS B 599 43.57 -12.20 15.19
CA LYS B 599 43.98 -10.82 14.95
C LYS B 599 45.50 -10.68 14.98
N LYS B 600 46.15 -11.37 15.92
CA LYS B 600 47.62 -11.36 15.98
C LYS B 600 48.22 -12.08 14.79
N ALA B 601 47.57 -13.15 14.32
CA ALA B 601 48.04 -13.87 13.13
C ALA B 601 47.87 -13.04 11.87
N LEU B 602 46.78 -12.26 11.79
CA LEU B 602 46.55 -11.39 10.63
C LEU B 602 47.55 -10.23 10.62
N GLU B 603 47.82 -9.63 11.78
CA GLU B 603 48.80 -8.55 11.86
C GLU B 603 50.21 -9.06 11.58
N GLU B 604 50.53 -10.28 12.01
CA GLU B 604 51.86 -10.82 11.74
C GLU B 604 52.00 -11.22 10.28
N LYS B 605 50.90 -11.67 9.63
CA LYS B 605 50.98 -12.00 8.21
C LYS B 605 51.10 -10.75 7.35
N GLY B 606 50.38 -9.68 7.71
CA GLY B 606 50.54 -8.42 7.01
C GLY B 606 51.90 -7.79 7.22
N ARG B 607 52.45 -7.93 8.43
CA ARG B 607 53.82 -7.48 8.70
C ARG B 607 54.84 -8.32 7.95
N GLN B 608 54.56 -9.60 7.70
CA GLN B 608 55.50 -10.44 6.97
C GLN B 608 55.48 -10.09 5.48
N ILE B 609 54.30 -9.79 4.92
CA ILE B 609 54.19 -9.35 3.53
C ILE B 609 54.86 -7.98 3.34
N LEU B 610 54.68 -7.08 4.30
CA LEU B 610 55.34 -5.78 4.21
C LEU B 610 56.85 -5.86 4.43
N MET B 611 57.34 -6.74 5.33
CA MET B 611 58.79 -6.84 5.48
C MET B 611 59.40 -7.66 4.36
N LYS B 612 58.59 -8.40 3.60
CA LYS B 612 59.04 -8.84 2.28
C LYS B 612 59.21 -7.65 1.34
N ASP B 613 58.24 -6.73 1.32
CA ASP B 613 58.33 -5.60 0.37
C ASP B 613 58.95 -4.33 0.95
N ASN B 614 58.17 -3.64 1.81
CA ASN B 614 58.61 -2.35 2.38
C ASN B 614 57.89 -2.09 3.71
N LEU B 615 58.61 -2.20 4.83
CA LEU B 615 57.99 -2.01 6.18
C LEU B 615 58.62 -0.80 6.87
N ALA C 162 32.69 -5.40 -36.62
CA ALA C 162 32.57 -4.12 -37.30
C ALA C 162 31.78 -3.12 -36.45
N ILE C 163 30.49 -3.02 -36.72
CA ILE C 163 29.60 -2.12 -35.98
C ILE C 163 28.75 -2.95 -35.02
N VAL C 164 28.72 -2.54 -33.76
CA VAL C 164 27.96 -3.20 -32.70
C VAL C 164 27.08 -2.15 -32.04
N VAL C 165 25.77 -2.38 -32.07
CA VAL C 165 24.85 -1.46 -31.43
C VAL C 165 24.66 -1.85 -29.96
N ASP C 166 24.86 -0.88 -29.07
CA ASP C 166 24.64 -1.00 -27.64
C ASP C 166 23.16 -1.08 -27.36
N PRO C 167 22.68 -2.07 -26.60
CA PRO C 167 21.25 -2.15 -26.30
C PRO C 167 20.77 -1.10 -25.31
N SER C 168 21.67 -0.50 -24.53
CA SER C 168 21.29 0.58 -23.64
C SER C 168 21.33 1.95 -24.31
N SER C 169 21.75 2.02 -25.58
CA SER C 169 21.91 3.29 -26.27
C SER C 169 20.57 3.80 -26.77
N ASN C 170 20.61 4.96 -27.42
CA ASN C 170 19.40 5.55 -27.99
C ASN C 170 19.15 5.10 -29.42
N LEU C 171 20.20 4.68 -30.13
CA LEU C 171 20.03 4.12 -31.47
C LEU C 171 19.28 2.79 -31.44
N TYR C 172 19.48 2.01 -30.37
CA TYR C 172 18.70 0.80 -30.17
C TYR C 172 17.25 1.11 -29.85
N TYR C 173 16.97 2.24 -29.19
CA TYR C 173 15.58 2.63 -28.97
C TYR C 173 14.93 3.14 -30.25
N ARG C 174 15.70 3.83 -31.11
CA ARG C 174 15.19 4.21 -32.42
C ARG C 174 14.90 2.99 -33.28
N TRP C 175 15.71 1.94 -33.14
CA TRP C 175 15.39 0.69 -33.82
C TRP C 175 14.21 -0.02 -33.18
N LEU C 176 13.99 0.16 -31.87
CA LEU C 176 12.81 -0.41 -31.22
C LEU C 176 11.53 0.24 -31.71
N THR C 177 11.56 1.55 -31.99
CA THR C 177 10.43 2.20 -32.66
C THR C 177 10.28 1.71 -34.10
N ALA C 178 11.40 1.60 -34.84
CA ALA C 178 11.36 1.22 -36.23
C ALA C 178 11.00 -0.24 -36.47
N ILE C 179 11.07 -1.08 -35.44
CA ILE C 179 10.59 -2.45 -35.54
C ILE C 179 9.28 -2.66 -34.79
N ALA C 180 8.89 -1.75 -33.91
CA ALA C 180 7.57 -1.84 -33.31
C ALA C 180 6.48 -1.28 -34.20
N LEU C 181 6.85 -0.48 -35.22
CA LEU C 181 5.84 -0.10 -36.20
C LEU C 181 5.35 -1.26 -37.08
N PRO C 182 6.19 -2.09 -37.75
CA PRO C 182 5.61 -3.16 -38.57
C PRO C 182 5.09 -4.35 -37.78
N VAL C 183 5.46 -4.50 -36.51
CA VAL C 183 4.91 -5.59 -35.71
C VAL C 183 3.46 -5.30 -35.34
N PHE C 184 3.19 -4.06 -34.90
CA PHE C 184 1.82 -3.63 -34.62
C PHE C 184 0.99 -3.56 -35.89
N TYR C 185 1.62 -3.15 -37.01
CA TYR C 185 0.98 -3.23 -38.32
C TYR C 185 0.60 -4.66 -38.68
N ASN C 186 1.51 -5.61 -38.43
CA ASN C 186 1.29 -7.01 -38.80
C ASN C 186 0.17 -7.63 -37.99
N TRP C 187 0.12 -7.33 -36.69
CA TRP C 187 -0.96 -7.82 -35.81
C TRP C 187 -2.33 -7.29 -36.24
N TYR C 188 -2.46 -5.96 -36.28
CA TYR C 188 -3.71 -5.27 -36.55
C TYR C 188 -4.22 -5.55 -37.97
N LEU C 189 -3.40 -5.21 -38.97
CA LEU C 189 -3.88 -5.34 -40.33
C LEU C 189 -3.81 -6.76 -40.87
N LEU C 190 -3.06 -7.69 -40.24
CA LEU C 190 -3.11 -9.03 -40.76
C LEU C 190 -4.35 -9.76 -40.29
N ILE C 191 -4.83 -9.49 -39.06
CA ILE C 191 -6.13 -10.10 -38.73
C ILE C 191 -7.28 -9.39 -39.45
N CYS C 192 -7.12 -8.09 -39.77
CA CYS C 192 -8.19 -7.39 -40.48
C CYS C 192 -8.26 -7.83 -41.95
N ARG C 193 -7.11 -8.06 -42.58
CA ARG C 193 -7.11 -8.55 -43.95
C ARG C 193 -7.45 -10.04 -44.02
N ALA C 194 -7.18 -10.79 -42.96
CA ALA C 194 -7.52 -12.22 -42.99
C ALA C 194 -9.00 -12.45 -42.82
N CYS C 195 -9.67 -11.61 -42.02
CA CYS C 195 -11.08 -11.85 -41.79
C CYS C 195 -12.02 -10.94 -42.57
N PHE C 196 -11.54 -9.88 -43.24
CA PHE C 196 -12.48 -8.96 -43.84
C PHE C 196 -12.59 -9.06 -45.35
N ASP C 197 -11.50 -9.44 -46.04
CA ASP C 197 -11.44 -9.94 -47.42
C ASP C 197 -11.79 -8.91 -48.51
N GLU C 198 -12.22 -7.71 -48.13
CA GLU C 198 -12.28 -6.59 -49.06
C GLU C 198 -11.08 -5.67 -48.92
N LEU C 199 -10.47 -5.63 -47.73
CA LEU C 199 -9.21 -4.95 -47.55
C LEU C 199 -8.09 -5.65 -48.32
N GLN C 200 -8.12 -6.98 -48.35
CA GLN C 200 -7.09 -7.74 -49.04
C GLN C 200 -7.25 -7.64 -50.55
N SER C 201 -8.48 -7.65 -51.04
CA SER C 201 -8.70 -7.64 -52.48
C SER C 201 -8.63 -6.24 -53.06
N GLU C 202 -9.20 -5.25 -52.38
CA GLU C 202 -9.35 -3.92 -52.95
C GLU C 202 -8.09 -3.08 -52.86
N TYR C 203 -7.15 -3.44 -52.00
CA TYR C 203 -5.96 -2.62 -51.74
C TYR C 203 -4.69 -3.43 -51.87
N LEU C 204 -4.57 -4.22 -52.95
CA LEU C 204 -3.61 -5.31 -53.02
C LEU C 204 -2.18 -4.82 -53.18
N MET C 205 -1.96 -3.78 -53.99
CA MET C 205 -0.61 -3.25 -54.17
C MET C 205 -0.14 -2.50 -52.92
N LEU C 206 -1.07 -1.92 -52.16
CA LEU C 206 -0.74 -1.27 -50.90
C LEU C 206 -0.24 -2.28 -49.87
N TRP C 207 -0.90 -3.43 -49.76
CA TRP C 207 -0.42 -4.43 -48.82
C TRP C 207 0.80 -5.15 -49.34
N LEU C 208 1.02 -5.19 -50.65
CA LEU C 208 2.28 -5.75 -51.15
C LEU C 208 3.47 -4.83 -50.83
N VAL C 209 3.27 -3.51 -50.96
CA VAL C 209 4.31 -2.53 -50.60
C VAL C 209 4.58 -2.55 -49.10
N LEU C 210 3.52 -2.58 -48.29
CA LEU C 210 3.69 -2.58 -46.84
C LEU C 210 4.22 -3.90 -46.31
N ASP C 211 3.89 -5.03 -46.94
CA ASP C 211 4.43 -6.31 -46.50
C ASP C 211 5.87 -6.49 -46.93
N TYR C 212 6.25 -5.95 -48.09
CA TYR C 212 7.66 -5.97 -48.49
C TYR C 212 8.50 -5.05 -47.59
N SER C 213 7.93 -3.91 -47.18
CA SER C 213 8.62 -3.03 -46.24
C SER C 213 8.74 -3.65 -44.85
N ALA C 214 7.71 -4.38 -44.41
CA ALA C 214 7.76 -5.06 -43.12
C ALA C 214 8.73 -6.24 -43.13
N ASP C 215 8.85 -6.94 -44.26
CA ASP C 215 9.82 -8.03 -44.31
C ASP C 215 11.25 -7.53 -44.48
N VAL C 216 11.44 -6.36 -45.12
CA VAL C 216 12.76 -5.72 -45.15
C VAL C 216 13.16 -5.26 -43.75
N LEU C 217 12.20 -4.72 -42.98
CA LEU C 217 12.48 -4.38 -41.58
C LEU C 217 12.67 -5.61 -40.71
N TYR C 218 12.09 -6.75 -41.09
CA TYR C 218 12.28 -7.97 -40.30
C TYR C 218 13.65 -8.58 -40.56
N VAL C 219 14.13 -8.56 -41.81
CA VAL C 219 15.48 -9.08 -42.04
C VAL C 219 16.55 -8.09 -41.53
N LEU C 220 16.23 -6.80 -41.50
CA LEU C 220 17.12 -5.87 -40.83
C LEU C 220 17.07 -6.03 -39.32
N ASP C 221 15.95 -6.52 -38.78
CA ASP C 221 15.88 -6.83 -37.35
C ASP C 221 16.71 -8.05 -37.00
N VAL C 222 16.76 -9.05 -37.89
CA VAL C 222 17.57 -10.22 -37.55
C VAL C 222 19.06 -9.91 -37.76
N LEU C 223 19.42 -8.98 -38.66
CA LEU C 223 20.82 -8.55 -38.70
C LEU C 223 21.18 -7.59 -37.58
N VAL C 224 20.22 -6.84 -37.03
CA VAL C 224 20.51 -5.99 -35.87
C VAL C 224 20.64 -6.83 -34.62
N ARG C 225 19.77 -7.83 -34.46
CA ARG C 225 19.85 -8.75 -33.32
C ARG C 225 21.06 -9.66 -33.42
N ALA C 226 21.59 -9.87 -34.63
CA ALA C 226 22.87 -10.57 -34.76
C ALA C 226 24.06 -9.68 -34.39
N ARG C 227 23.86 -8.37 -34.26
CA ARG C 227 24.95 -7.43 -34.00
C ARG C 227 24.62 -6.52 -32.83
N THR C 228 23.85 -7.01 -31.86
CA THR C 228 23.56 -6.24 -30.67
C THR C 228 24.37 -6.79 -29.50
N GLY C 229 24.76 -5.90 -28.60
CA GLY C 229 25.67 -6.28 -27.55
C GLY C 229 24.96 -6.86 -26.34
N PHE C 230 25.75 -7.45 -25.46
CA PHE C 230 25.28 -7.94 -24.18
C PHE C 230 26.41 -7.80 -23.18
N LEU C 231 26.06 -7.80 -21.90
CA LEU C 231 27.05 -7.57 -20.85
C LEU C 231 27.57 -8.90 -20.31
N GLU C 232 28.88 -9.10 -20.39
CA GLU C 232 29.57 -10.07 -19.54
C GLU C 232 30.71 -9.29 -18.85
N GLN C 233 30.78 -9.46 -17.53
CA GLN C 233 31.74 -8.80 -16.62
C GLN C 233 31.62 -7.28 -16.67
N GLY C 234 30.40 -6.79 -16.92
CA GLY C 234 30.14 -5.37 -17.03
C GLY C 234 30.56 -4.70 -18.31
N LEU C 235 31.18 -5.43 -19.24
CA LEU C 235 31.68 -4.87 -20.49
C LEU C 235 30.80 -5.31 -21.64
N MET C 236 30.60 -4.42 -22.60
CA MET C 236 29.81 -4.74 -23.79
C MET C 236 30.64 -5.59 -24.74
N VAL C 237 30.09 -6.74 -25.13
CA VAL C 237 30.75 -7.63 -26.06
C VAL C 237 30.73 -7.02 -27.46
N SER C 238 31.90 -6.92 -28.08
CA SER C 238 32.02 -6.19 -29.33
C SER C 238 32.50 -7.03 -30.51
N ASP C 239 32.77 -8.32 -30.34
CA ASP C 239 33.13 -9.15 -31.49
C ASP C 239 31.91 -9.86 -32.03
N THR C 240 31.71 -9.72 -33.34
CA THR C 240 30.49 -10.13 -34.01
C THR C 240 30.33 -11.65 -34.07
N ASN C 241 31.44 -12.40 -33.99
CA ASN C 241 31.35 -13.86 -33.96
C ASN C 241 30.76 -14.32 -32.62
N ARG C 242 31.17 -13.71 -31.51
CA ARG C 242 30.60 -14.08 -30.22
C ARG C 242 29.17 -13.57 -30.08
N LEU C 243 28.87 -12.40 -30.67
CA LEU C 243 27.49 -11.92 -30.69
C LEU C 243 26.60 -12.81 -31.55
N TRP C 244 27.14 -13.35 -32.64
CA TRP C 244 26.36 -14.21 -33.52
C TRP C 244 26.15 -15.59 -32.89
N GLN C 245 27.13 -16.08 -32.12
CA GLN C 245 26.94 -17.35 -31.43
C GLN C 245 25.97 -17.21 -30.26
N HIS C 246 26.03 -16.09 -29.54
CA HIS C 246 25.08 -15.84 -28.45
C HIS C 246 23.67 -15.59 -28.98
N TYR C 247 23.55 -15.03 -30.19
CA TYR C 247 22.24 -14.92 -30.81
C TYR C 247 21.76 -16.27 -31.33
N LYS C 248 22.67 -17.11 -31.84
CA LYS C 248 22.30 -18.42 -32.38
C LYS C 248 21.84 -19.38 -31.30
N THR C 249 22.33 -19.22 -30.07
CA THR C 249 21.90 -20.09 -28.97
C THR C 249 20.77 -19.46 -28.15
N THR C 250 19.87 -18.71 -28.78
CA THR C 250 18.81 -17.98 -28.12
C THR C 250 17.47 -18.42 -28.71
N THR C 251 16.43 -18.47 -27.86
CA THR C 251 15.09 -18.84 -28.32
C THR C 251 14.40 -17.73 -29.12
N GLN C 252 14.92 -16.51 -29.09
CA GLN C 252 14.40 -15.46 -29.96
C GLN C 252 14.84 -15.62 -31.40
N PHE C 253 15.94 -16.34 -31.63
CA PHE C 253 16.42 -16.61 -32.98
C PHE C 253 15.48 -17.56 -33.72
N LYS C 254 14.91 -18.52 -32.99
CA LYS C 254 13.95 -19.45 -33.57
C LYS C 254 12.65 -18.74 -33.94
N LEU C 255 12.20 -17.81 -33.10
CA LEU C 255 11.04 -17.01 -33.42
C LEU C 255 11.32 -16.03 -34.56
N ASP C 256 12.55 -15.55 -34.69
CA ASP C 256 12.87 -14.63 -35.78
C ASP C 256 12.96 -15.37 -37.13
N VAL C 257 13.55 -16.57 -37.14
CA VAL C 257 13.60 -17.28 -38.41
C VAL C 257 12.25 -17.94 -38.71
N LEU C 258 11.42 -18.20 -37.70
CA LEU C 258 10.05 -18.63 -37.97
C LEU C 258 9.20 -17.48 -38.48
N SER C 259 9.51 -16.25 -38.03
CA SER C 259 8.91 -15.06 -38.60
C SER C 259 9.37 -14.81 -40.02
N LEU C 260 10.55 -15.30 -40.39
CA LEU C 260 11.02 -15.20 -41.76
C LEU C 260 10.95 -16.54 -42.50
N VAL C 261 10.09 -17.45 -42.09
CA VAL C 261 9.81 -18.66 -42.88
C VAL C 261 9.00 -18.21 -44.09
N PRO C 262 9.45 -18.52 -45.31
CA PRO C 262 8.70 -18.09 -46.50
C PRO C 262 7.43 -18.92 -46.75
N THR C 263 6.36 -18.52 -46.08
CA THR C 263 5.02 -19.01 -46.41
C THR C 263 4.35 -18.16 -47.49
N ASP C 264 5.06 -17.15 -48.00
CA ASP C 264 4.50 -16.28 -49.03
C ASP C 264 4.38 -16.98 -50.38
N LEU C 265 5.10 -18.10 -50.57
CA LEU C 265 4.84 -18.98 -51.72
C LEU C 265 3.43 -19.57 -51.65
N ALA C 266 2.92 -19.82 -50.44
CA ALA C 266 1.51 -20.16 -50.29
C ALA C 266 0.61 -18.97 -50.57
N TYR C 267 1.13 -17.75 -50.40
CA TYR C 267 0.46 -16.54 -50.86
C TYR C 267 0.49 -16.44 -52.38
N LEU C 268 1.45 -17.13 -53.03
CA LEU C 268 1.52 -17.17 -54.48
C LEU C 268 0.47 -18.09 -55.08
N LYS C 269 0.19 -19.21 -54.42
CA LYS C 269 -0.61 -20.26 -55.04
C LYS C 269 -2.11 -20.09 -54.82
N VAL C 270 -2.53 -19.38 -53.76
CA VAL C 270 -3.96 -19.22 -53.50
C VAL C 270 -4.54 -18.00 -54.21
N GLY C 271 -3.71 -17.25 -54.93
CA GLY C 271 -4.19 -16.11 -55.68
C GLY C 271 -4.23 -14.80 -54.92
N THR C 272 -3.30 -14.60 -53.97
CA THR C 272 -3.09 -13.42 -53.13
C THR C 272 -4.34 -12.92 -52.41
N ASN C 273 -5.25 -13.82 -52.03
CA ASN C 273 -6.42 -13.45 -51.26
C ASN C 273 -6.43 -14.02 -49.84
N TYR C 274 -5.47 -14.86 -49.49
CA TYR C 274 -5.33 -15.36 -48.13
C TYR C 274 -4.06 -14.78 -47.51
N PRO C 275 -4.17 -13.77 -46.64
CA PRO C 275 -3.01 -13.35 -45.84
C PRO C 275 -2.93 -14.08 -44.50
N GLU C 276 -3.69 -15.18 -44.37
CA GLU C 276 -3.61 -16.06 -43.21
C GLU C 276 -2.25 -16.75 -43.10
N VAL C 277 -1.57 -16.97 -44.23
CA VAL C 277 -0.27 -17.61 -44.25
C VAL C 277 0.84 -16.74 -43.68
N ARG C 278 0.62 -15.43 -43.52
CA ARG C 278 1.61 -14.52 -42.98
C ARG C 278 1.54 -14.40 -41.46
N PHE C 279 0.80 -15.28 -40.78
CA PHE C 279 0.62 -15.18 -39.34
C PHE C 279 1.87 -15.58 -38.56
N ASN C 280 2.85 -16.24 -39.20
CA ASN C 280 4.17 -16.41 -38.60
C ASN C 280 4.89 -15.08 -38.43
N ARG C 281 4.54 -14.07 -39.24
CA ARG C 281 4.98 -12.69 -39.03
C ARG C 281 4.48 -12.07 -37.72
N LEU C 282 3.46 -12.67 -37.08
CA LEU C 282 3.05 -12.25 -35.75
C LEU C 282 3.94 -12.81 -34.65
N LEU C 283 5.01 -13.55 -34.98
CA LEU C 283 5.90 -14.13 -33.99
C LEU C 283 7.00 -13.18 -33.52
N LYS C 284 6.86 -11.87 -33.72
CA LYS C 284 7.83 -10.91 -33.22
C LYS C 284 7.19 -9.95 -32.26
N PHE C 285 6.36 -10.46 -31.34
CA PHE C 285 5.69 -9.66 -30.33
C PHE C 285 6.66 -9.11 -29.29
N SER C 286 7.81 -9.78 -29.12
CA SER C 286 8.77 -9.40 -28.09
C SER C 286 9.45 -8.08 -28.40
N ARG C 287 9.55 -7.71 -29.68
CA ARG C 287 10.06 -6.39 -30.04
C ARG C 287 9.07 -5.30 -29.68
N LEU C 288 7.77 -5.59 -29.78
CA LEU C 288 6.74 -4.64 -29.38
C LEU C 288 6.70 -4.49 -27.86
N PHE C 289 6.86 -5.60 -27.13
CA PHE C 289 6.93 -5.53 -25.67
C PHE C 289 8.21 -4.86 -25.19
N GLU C 290 9.30 -5.02 -25.94
CA GLU C 290 10.56 -4.37 -25.60
C GLU C 290 10.48 -2.87 -25.87
N PHE C 291 9.78 -2.47 -26.92
CA PHE C 291 9.53 -1.06 -27.16
C PHE C 291 8.65 -0.45 -26.08
N PHE C 292 7.65 -1.22 -25.60
CA PHE C 292 6.75 -0.70 -24.59
C PHE C 292 7.43 -0.57 -23.22
N ASP C 293 8.24 -1.54 -22.81
CA ASP C 293 8.85 -1.39 -21.49
C ASP C 293 10.05 -0.44 -21.52
N ARG C 294 10.76 -0.35 -22.66
CA ARG C 294 11.79 0.66 -22.78
C ARG C 294 11.20 2.07 -22.88
N THR C 295 9.99 2.21 -23.42
CA THR C 295 9.33 3.50 -23.43
C THR C 295 8.82 3.88 -22.04
N GLU C 296 8.31 2.90 -21.27
CA GLU C 296 7.79 3.24 -19.95
C GLU C 296 8.92 3.52 -18.95
N THR C 297 10.12 2.97 -19.18
CA THR C 297 11.26 3.45 -18.40
C THR C 297 11.82 4.75 -18.96
N ARG C 298 11.67 4.99 -20.26
CA ARG C 298 12.34 6.14 -20.85
C ARG C 298 11.56 7.44 -20.66
N THR C 299 10.24 7.43 -20.83
CA THR C 299 9.48 8.66 -20.98
C THR C 299 9.25 9.36 -19.64
N ASN C 300 8.80 10.62 -19.75
CA ASN C 300 8.56 11.46 -18.59
C ASN C 300 7.12 11.39 -18.08
N TYR C 301 6.24 10.71 -18.81
CA TYR C 301 4.85 10.52 -18.41
C TYR C 301 4.60 9.03 -18.30
N PRO C 302 4.87 8.43 -17.13
CA PRO C 302 4.66 6.97 -17.01
C PRO C 302 3.20 6.58 -16.89
N ASN C 303 2.37 7.41 -16.25
CA ASN C 303 0.96 7.08 -16.10
C ASN C 303 0.19 7.30 -17.40
N MET C 304 0.56 8.35 -18.14
CA MET C 304 -0.08 8.62 -19.43
C MET C 304 0.32 7.58 -20.46
N PHE C 305 1.57 7.09 -20.40
CA PHE C 305 1.95 5.99 -21.26
C PHE C 305 1.32 4.68 -20.82
N ARG C 306 1.06 4.50 -19.52
CA ARG C 306 0.42 3.28 -19.05
C ARG C 306 -1.03 3.20 -19.49
N ILE C 307 -1.75 4.33 -19.47
CA ILE C 307 -3.12 4.29 -19.97
C ILE C 307 -3.15 4.25 -21.50
N GLY C 308 -2.16 4.84 -22.18
CA GLY C 308 -2.08 4.69 -23.62
C GLY C 308 -1.74 3.27 -24.05
N ASN C 309 -0.91 2.57 -23.27
CA ASN C 309 -0.60 1.18 -23.54
C ASN C 309 -1.77 0.28 -23.23
N LEU C 310 -2.56 0.63 -22.20
CA LEU C 310 -3.78 -0.11 -21.90
C LEU C 310 -4.84 0.06 -22.99
N VAL C 311 -4.98 1.30 -23.49
CA VAL C 311 -5.89 1.60 -24.59
C VAL C 311 -5.46 0.87 -25.87
N LEU C 312 -4.15 0.80 -26.13
CA LEU C 312 -3.66 0.12 -27.32
C LEU C 312 -3.81 -1.41 -27.21
N TYR C 313 -3.65 -1.96 -26.00
CA TYR C 313 -3.82 -3.39 -25.80
C TYR C 313 -5.29 -3.79 -25.93
N ILE C 314 -6.20 -3.04 -25.32
CA ILE C 314 -7.61 -3.39 -25.45
C ILE C 314 -8.16 -2.99 -26.82
N LEU C 315 -7.50 -2.10 -27.56
CA LEU C 315 -7.91 -1.84 -28.93
C LEU C 315 -7.47 -2.97 -29.85
N ILE C 316 -6.31 -3.57 -29.58
CA ILE C 316 -5.89 -4.78 -30.31
C ILE C 316 -6.83 -5.95 -30.01
N ILE C 317 -7.26 -6.08 -28.76
CA ILE C 317 -8.17 -7.18 -28.40
C ILE C 317 -9.57 -6.95 -28.96
N ILE C 318 -10.07 -5.70 -28.93
CA ILE C 318 -11.38 -5.36 -29.48
C ILE C 318 -11.39 -5.48 -30.99
N HIS C 319 -10.26 -5.15 -31.64
CA HIS C 319 -10.13 -5.30 -33.08
C HIS C 319 -10.06 -6.77 -33.49
N TRP C 320 -9.33 -7.59 -32.72
CA TRP C 320 -9.24 -9.02 -33.00
C TRP C 320 -10.57 -9.72 -32.77
N ASN C 321 -11.33 -9.27 -31.76
CA ASN C 321 -12.66 -9.82 -31.55
C ASN C 321 -13.65 -9.33 -32.60
N ALA C 322 -13.43 -8.14 -33.17
CA ALA C 322 -14.24 -7.66 -34.28
C ALA C 322 -14.04 -8.50 -35.52
N CYS C 323 -12.78 -8.83 -35.83
CA CYS C 323 -12.50 -9.71 -36.96
C CYS C 323 -12.96 -11.15 -36.70
N ILE C 324 -12.93 -11.58 -35.44
CA ILE C 324 -13.42 -12.91 -35.08
C ILE C 324 -14.94 -12.99 -35.23
N TYR C 325 -15.65 -11.93 -34.81
CA TYR C 325 -17.10 -11.86 -34.98
C TYR C 325 -17.51 -11.77 -36.44
N PHE C 326 -16.73 -11.05 -37.25
CA PHE C 326 -17.02 -11.00 -38.68
C PHE C 326 -16.71 -12.31 -39.38
N ALA C 327 -15.70 -13.06 -38.92
CA ALA C 327 -15.42 -14.37 -39.50
C ALA C 327 -16.48 -15.39 -39.10
N ILE C 328 -16.99 -15.28 -37.87
CA ILE C 328 -18.09 -16.15 -37.42
C ILE C 328 -19.36 -15.82 -38.18
N SER C 329 -19.61 -14.52 -38.43
CA SER C 329 -20.76 -14.10 -39.22
C SER C 329 -20.63 -14.50 -40.69
N LYS C 330 -19.42 -14.58 -41.21
CA LYS C 330 -19.23 -15.08 -42.57
C LYS C 330 -19.40 -16.59 -42.62
N PHE C 331 -19.00 -17.30 -41.57
CA PHE C 331 -19.08 -18.76 -41.58
C PHE C 331 -20.50 -19.24 -41.39
N ILE C 332 -21.28 -18.57 -40.53
CA ILE C 332 -22.69 -18.88 -40.41
C ILE C 332 -23.46 -18.40 -41.63
N GLY C 333 -23.13 -17.21 -42.12
CA GLY C 333 -23.78 -16.62 -43.27
C GLY C 333 -24.33 -15.26 -42.89
N PHE C 334 -24.18 -14.30 -43.80
CA PHE C 334 -24.58 -12.94 -43.52
C PHE C 334 -26.08 -12.77 -43.66
N GLY C 335 -26.71 -12.24 -42.62
CA GLY C 335 -28.13 -11.94 -42.66
C GLY C 335 -29.06 -13.13 -42.53
N THR C 336 -28.53 -14.32 -42.27
CA THR C 336 -29.40 -15.47 -42.09
C THR C 336 -30.03 -15.46 -40.70
N ASP C 337 -29.38 -14.81 -39.74
CA ASP C 337 -29.81 -14.74 -38.35
C ASP C 337 -29.85 -13.28 -37.94
N SER C 338 -30.47 -13.02 -36.79
CA SER C 338 -30.53 -11.66 -36.28
C SER C 338 -29.27 -11.28 -35.51
N TRP C 339 -28.45 -12.25 -35.14
CA TRP C 339 -27.26 -11.98 -34.33
C TRP C 339 -26.06 -11.62 -35.19
N VAL C 340 -25.92 -12.24 -36.37
CA VAL C 340 -24.77 -12.08 -37.25
C VAL C 340 -24.76 -10.71 -37.90
N TYR C 341 -23.66 -10.39 -38.59
CA TYR C 341 -23.60 -9.20 -39.42
C TYR C 341 -24.63 -9.32 -40.54
N PRO C 342 -25.33 -8.21 -40.89
CA PRO C 342 -26.42 -8.29 -41.89
C PRO C 342 -26.01 -8.63 -43.30
N ASN C 343 -27.00 -8.66 -44.20
CA ASN C 343 -26.82 -9.12 -45.56
C ASN C 343 -25.96 -8.15 -46.36
N ILE C 344 -24.82 -8.63 -46.84
CA ILE C 344 -23.85 -7.76 -47.50
C ILE C 344 -24.21 -7.45 -48.95
N SER C 345 -25.24 -8.08 -49.49
CA SER C 345 -25.75 -7.67 -50.80
C SER C 345 -26.58 -6.40 -50.70
N ILE C 346 -27.11 -6.11 -49.51
CA ILE C 346 -27.72 -4.80 -49.26
C ILE C 346 -26.63 -3.74 -49.23
N PRO C 347 -26.74 -2.66 -50.00
CA PRO C 347 -25.60 -1.73 -50.14
C PRO C 347 -25.33 -0.86 -48.93
N GLU C 348 -26.23 -0.82 -47.94
CA GLU C 348 -25.93 -0.13 -46.70
C GLU C 348 -24.94 -0.94 -45.86
N HIS C 349 -25.18 -2.24 -45.73
CA HIS C 349 -24.31 -3.10 -44.93
C HIS C 349 -23.13 -3.63 -45.73
N GLY C 350 -23.15 -3.51 -47.06
CA GLY C 350 -22.07 -4.04 -47.87
C GLY C 350 -20.83 -3.19 -47.94
N ARG C 351 -20.86 -1.98 -47.38
CA ARG C 351 -19.69 -1.13 -47.36
C ARG C 351 -18.68 -1.64 -46.34
N LEU C 352 -17.39 -1.58 -46.71
CA LEU C 352 -16.32 -2.08 -45.84
C LEU C 352 -16.16 -1.20 -44.61
N SER C 353 -16.45 0.10 -44.75
CA SER C 353 -16.52 1.00 -43.60
C SER C 353 -17.61 0.58 -42.64
N ARG C 354 -18.78 0.19 -43.17
CA ARG C 354 -19.89 -0.26 -42.34
C ARG C 354 -19.58 -1.59 -41.68
N LYS C 355 -18.90 -2.49 -42.40
CA LYS C 355 -18.50 -3.80 -41.88
C LYS C 355 -17.52 -3.66 -40.72
N TYR C 356 -16.47 -2.86 -40.90
CA TYR C 356 -15.45 -2.72 -39.87
C TYR C 356 -15.95 -1.91 -38.68
N ILE C 357 -16.75 -0.86 -38.93
CA ILE C 357 -17.20 -0.01 -37.84
C ILE C 357 -18.30 -0.70 -37.02
N TYR C 358 -19.17 -1.49 -37.68
CA TYR C 358 -20.17 -2.23 -36.91
C TYR C 358 -19.56 -3.42 -36.18
N SER C 359 -18.53 -4.07 -36.75
CA SER C 359 -17.86 -5.15 -36.01
C SER C 359 -17.08 -4.63 -34.82
N LEU C 360 -16.43 -3.47 -34.97
CA LEU C 360 -15.73 -2.83 -33.86
C LEU C 360 -16.71 -2.35 -32.80
N TYR C 361 -17.89 -1.90 -33.23
CA TYR C 361 -18.94 -1.48 -32.30
C TYR C 361 -19.52 -2.67 -31.55
N TRP C 362 -19.68 -3.80 -32.24
CA TRP C 362 -20.16 -5.03 -31.62
C TRP C 362 -19.19 -5.55 -30.57
N SER C 363 -17.89 -5.53 -30.89
CA SER C 363 -16.92 -6.01 -29.92
C SER C 363 -16.63 -5.03 -28.80
N THR C 364 -16.87 -3.74 -29.02
CA THR C 364 -16.79 -2.81 -27.90
C THR C 364 -18.00 -2.93 -26.98
N LEU C 365 -19.17 -3.23 -27.54
CA LEU C 365 -20.35 -3.52 -26.72
C LEU C 365 -20.19 -4.82 -25.96
N THR C 366 -19.59 -5.83 -26.59
CA THR C 366 -19.49 -7.15 -25.98
C THR C 366 -18.34 -7.21 -24.98
N LEU C 367 -17.17 -6.74 -25.37
CA LEU C 367 -15.96 -6.87 -24.56
C LEU C 367 -15.86 -5.86 -23.44
N THR C 368 -16.79 -4.92 -23.32
CA THR C 368 -16.86 -4.03 -22.17
C THR C 368 -18.17 -4.21 -21.41
N THR C 369 -18.90 -5.31 -21.66
CA THR C 369 -20.14 -5.75 -20.99
C THR C 369 -21.24 -4.70 -20.99
N ILE C 370 -21.43 -4.00 -22.11
CA ILE C 370 -22.59 -3.14 -22.26
C ILE C 370 -23.76 -3.90 -22.83
N GLY C 371 -23.52 -4.65 -23.90
CA GLY C 371 -24.47 -5.64 -24.39
C GLY C 371 -25.70 -5.10 -25.09
N GLU C 372 -25.56 -4.06 -25.91
CA GLU C 372 -26.67 -3.54 -26.69
C GLU C 372 -26.82 -4.25 -28.04
N THR C 373 -26.19 -5.41 -28.20
CA THR C 373 -26.23 -6.17 -29.42
C THR C 373 -27.56 -6.92 -29.52
N PRO C 374 -27.92 -7.41 -30.71
CA PRO C 374 -29.04 -8.33 -30.80
C PRO C 374 -28.71 -9.65 -30.13
N PRO C 375 -29.71 -10.32 -29.53
CA PRO C 375 -29.45 -11.56 -28.80
C PRO C 375 -29.23 -12.72 -29.75
N PRO C 376 -28.48 -13.74 -29.34
CA PRO C 376 -28.17 -14.85 -30.25
C PRO C 376 -29.36 -15.79 -30.43
N VAL C 377 -29.40 -16.44 -31.59
CA VAL C 377 -30.48 -17.35 -31.93
C VAL C 377 -30.02 -18.79 -32.11
N LYS C 378 -28.72 -19.06 -32.17
CA LYS C 378 -28.20 -20.41 -32.35
C LYS C 378 -27.27 -20.76 -31.19
N ASP C 379 -26.90 -22.04 -31.12
CA ASP C 379 -26.13 -22.54 -30.00
C ASP C 379 -24.67 -22.10 -30.08
N GLU C 380 -24.12 -22.04 -31.29
CA GLU C 380 -22.75 -21.56 -31.48
C GLU C 380 -22.65 -20.07 -31.18
N GLU C 381 -23.71 -19.32 -31.50
CA GLU C 381 -23.73 -17.89 -31.23
C GLU C 381 -23.93 -17.63 -29.74
N TYR C 382 -24.76 -18.44 -29.07
CA TYR C 382 -24.92 -18.38 -27.62
C TYR C 382 -23.62 -18.71 -26.91
N LEU C 383 -22.88 -19.70 -27.43
CA LEU C 383 -21.62 -20.12 -26.82
C LEU C 383 -20.52 -19.09 -27.03
N PHE C 384 -20.46 -18.50 -28.22
CA PHE C 384 -19.50 -17.43 -28.49
C PHE C 384 -19.82 -16.18 -27.69
N VAL C 385 -21.11 -15.92 -27.44
CA VAL C 385 -21.49 -14.76 -26.65
C VAL C 385 -21.21 -14.95 -25.17
N VAL C 386 -21.38 -16.17 -24.63
CA VAL C 386 -21.07 -16.37 -23.20
C VAL C 386 -19.55 -16.38 -22.97
N VAL C 387 -18.78 -16.93 -23.92
CA VAL C 387 -17.31 -16.89 -23.84
C VAL C 387 -16.82 -15.46 -24.01
N ASP C 388 -17.45 -14.69 -24.91
CA ASP C 388 -17.06 -13.32 -25.16
C ASP C 388 -17.46 -12.39 -24.03
N PHE C 389 -18.56 -12.67 -23.33
CA PHE C 389 -18.94 -11.88 -22.16
C PHE C 389 -18.06 -12.18 -20.96
N LEU C 390 -17.59 -13.42 -20.81
CA LEU C 390 -16.67 -13.70 -19.71
C LEU C 390 -15.29 -13.08 -19.96
N VAL C 391 -14.83 -13.13 -21.22
CA VAL C 391 -13.63 -12.43 -21.65
C VAL C 391 -13.80 -10.92 -21.50
N GLY C 392 -15.01 -10.42 -21.74
CA GLY C 392 -15.27 -9.00 -21.60
C GLY C 392 -15.36 -8.50 -20.17
N VAL C 393 -15.86 -9.33 -19.25
CA VAL C 393 -15.86 -8.91 -17.85
C VAL C 393 -14.45 -8.99 -17.28
N LEU C 394 -13.61 -9.90 -17.81
CA LEU C 394 -12.19 -9.87 -17.47
C LEU C 394 -11.49 -8.63 -18.01
N ILE C 395 -11.85 -8.21 -19.22
CA ILE C 395 -11.24 -7.03 -19.84
C ILE C 395 -11.66 -5.76 -19.12
N PHE C 396 -12.93 -5.67 -18.72
CA PHE C 396 -13.42 -4.54 -17.94
C PHE C 396 -12.81 -4.52 -16.55
N ALA C 397 -12.52 -5.70 -15.98
CA ALA C 397 -11.85 -5.75 -14.68
C ALA C 397 -10.40 -5.28 -14.77
N THR C 398 -9.70 -5.63 -15.86
CA THR C 398 -8.33 -5.12 -16.03
C THR C 398 -8.32 -3.62 -16.36
N ILE C 399 -9.36 -3.12 -17.05
CA ILE C 399 -9.47 -1.69 -17.33
C ILE C 399 -9.67 -0.90 -16.03
N VAL C 400 -10.60 -1.35 -15.18
CA VAL C 400 -10.87 -0.68 -13.91
C VAL C 400 -9.68 -0.81 -12.96
N GLY C 401 -9.00 -1.97 -12.97
CA GLY C 401 -7.82 -2.14 -12.13
C GLY C 401 -6.62 -1.33 -12.58
N ASN C 402 -6.43 -1.19 -13.89
CA ASN C 402 -5.30 -0.40 -14.39
C ASN C 402 -5.54 1.09 -14.21
N VAL C 403 -6.77 1.56 -14.40
CA VAL C 403 -7.05 2.98 -14.18
C VAL C 403 -7.06 3.30 -12.68
N GLY C 404 -7.45 2.34 -11.84
CA GLY C 404 -7.38 2.54 -10.41
C GLY C 404 -5.96 2.56 -9.86
N SER C 405 -5.09 1.69 -10.41
CA SER C 405 -3.69 1.74 -10.02
C SER C 405 -2.98 2.96 -10.61
N MET C 406 -3.46 3.45 -11.75
CA MET C 406 -2.94 4.70 -12.32
C MET C 406 -3.31 5.90 -11.46
N ILE C 407 -4.54 5.92 -10.93
CA ILE C 407 -4.97 7.00 -10.05
C ILE C 407 -4.25 6.90 -8.70
N SER C 408 -4.03 5.68 -8.21
CA SER C 408 -3.29 5.49 -6.96
C SER C 408 -1.80 5.78 -7.12
N ASN C 409 -1.27 5.68 -8.33
CA ASN C 409 0.12 6.04 -8.55
C ASN C 409 0.31 7.51 -8.89
N MET C 410 -0.73 8.18 -9.38
CA MET C 410 -0.61 9.60 -9.68
C MET C 410 -0.54 10.44 -8.41
N ASN C 411 -1.35 10.12 -7.43
CA ASN C 411 -1.39 10.86 -6.17
C ASN C 411 -0.95 9.99 -4.99
N ALA C 412 0.12 9.21 -5.19
CA ALA C 412 0.68 8.46 -4.07
C ALA C 412 1.47 9.38 -3.14
N SER C 413 2.22 10.32 -3.70
CA SER C 413 3.03 11.22 -2.89
C SER C 413 2.17 12.25 -2.18
N ARG C 414 1.10 12.72 -2.82
CA ARG C 414 0.19 13.65 -2.18
C ARG C 414 -0.61 12.97 -1.08
N ALA C 415 -0.96 11.70 -1.24
CA ALA C 415 -1.63 10.97 -0.18
C ALA C 415 -0.67 10.65 0.96
N GLU C 416 0.61 10.41 0.66
CA GLU C 416 1.61 10.20 1.70
C GLU C 416 1.86 11.46 2.51
N PHE C 417 1.88 12.61 1.83
CA PHE C 417 2.03 13.88 2.52
C PHE C 417 0.79 14.26 3.32
N GLN C 418 -0.40 13.94 2.80
CA GLN C 418 -1.61 14.22 3.55
C GLN C 418 -1.76 13.30 4.74
N ALA C 419 -1.23 12.07 4.65
CA ALA C 419 -1.19 11.19 5.81
C ALA C 419 -0.21 11.70 6.86
N LYS C 420 0.91 12.28 6.42
CA LYS C 420 1.85 12.90 7.36
C LYS C 420 1.26 14.13 8.04
N ILE C 421 0.51 14.95 7.28
CA ILE C 421 -0.15 16.13 7.82
C ILE C 421 -1.26 15.74 8.80
N ASP C 422 -2.01 14.67 8.48
CA ASP C 422 -3.06 14.19 9.37
C ASP C 422 -2.48 13.58 10.65
N SER C 423 -1.31 12.95 10.55
CA SER C 423 -0.67 12.38 11.74
C SER C 423 -0.07 13.48 12.62
N ILE C 424 0.48 14.53 12.00
CA ILE C 424 1.00 15.68 12.75
C ILE C 424 -0.14 16.43 13.44
N LYS C 425 -1.28 16.57 12.77
CA LYS C 425 -2.44 17.24 13.35
C LYS C 425 -3.07 16.41 14.46
N GLN C 426 -3.07 15.08 14.33
CA GLN C 426 -3.57 14.22 15.40
C GLN C 426 -2.62 14.23 16.61
N TYR C 427 -1.31 14.36 16.36
CA TYR C 427 -0.36 14.47 17.46
C TYR C 427 -0.50 15.79 18.20
N MET C 428 -0.71 16.89 17.46
CA MET C 428 -0.84 18.18 18.10
C MET C 428 -2.20 18.37 18.74
N GLN C 429 -3.22 17.63 18.29
CA GLN C 429 -4.49 17.63 19.00
C GLN C 429 -4.43 16.74 20.23
N PHE C 430 -3.61 15.69 20.18
CA PHE C 430 -3.52 14.76 21.31
C PHE C 430 -2.68 15.35 22.44
N ARG C 431 -1.59 16.03 22.10
CA ARG C 431 -0.65 16.53 23.10
C ARG C 431 -0.94 17.96 23.54
N LYS C 432 -2.03 18.56 23.02
CA LYS C 432 -2.50 19.92 23.33
C LYS C 432 -1.44 20.98 23.02
N VAL C 433 -0.87 20.89 21.83
CA VAL C 433 0.04 21.90 21.32
C VAL C 433 -0.75 23.19 21.07
N THR C 434 -0.18 24.32 21.51
CA THR C 434 -0.79 25.63 21.32
C THR C 434 -0.93 25.96 19.83
N LYS C 435 -1.97 26.73 19.51
CA LYS C 435 -2.40 26.89 18.12
C LYS C 435 -1.47 27.79 17.31
N ASP C 436 -0.65 28.60 17.99
CA ASP C 436 0.37 29.39 17.30
C ASP C 436 1.41 28.50 16.66
N LEU C 437 1.93 27.53 17.42
CA LEU C 437 2.86 26.55 16.88
C LEU C 437 2.17 25.60 15.89
N GLU C 438 0.88 25.34 16.09
CA GLU C 438 0.13 24.47 15.19
C GLU C 438 -0.01 25.09 13.80
N THR C 439 -0.37 26.38 13.75
CA THR C 439 -0.43 27.08 12.47
C THR C 439 0.97 27.29 11.87
N ARG C 440 1.99 27.48 12.70
CA ARG C 440 3.37 27.61 12.22
C ARG C 440 3.87 26.33 11.58
N VAL C 441 3.59 25.18 12.20
CA VAL C 441 4.09 23.90 11.72
C VAL C 441 3.34 23.47 10.47
N ILE C 442 2.02 23.72 10.42
CA ILE C 442 1.23 23.37 9.24
C ILE C 442 1.58 24.27 8.05
N ARG C 443 1.84 25.57 8.31
CA ARG C 443 2.26 26.47 7.24
C ARG C 443 3.68 26.15 6.76
N TRP C 444 4.54 25.68 7.68
CA TRP C 444 5.89 25.27 7.33
C TRP C 444 5.90 24.02 6.45
N PHE C 445 5.07 23.03 6.79
CA PHE C 445 5.01 21.82 5.99
C PHE C 445 4.34 22.07 4.64
N ASP C 446 3.36 23.00 4.60
CA ASP C 446 2.78 23.38 3.32
C ASP C 446 3.76 24.16 2.45
N TYR C 447 4.67 24.92 3.07
CA TYR C 447 5.77 25.52 2.33
C TYR C 447 6.71 24.47 1.75
N LEU C 448 7.06 23.47 2.57
CA LEU C 448 7.97 22.41 2.13
C LEU C 448 7.37 21.53 1.04
N TRP C 449 6.04 21.40 1.03
CA TRP C 449 5.38 20.70 -0.07
C TRP C 449 5.30 21.56 -1.31
N ALA C 450 4.93 22.84 -1.15
CA ALA C 450 4.67 23.69 -2.31
C ALA C 450 5.95 24.13 -3.00
N ASN C 451 7.09 24.07 -2.31
CA ASN C 451 8.36 24.42 -2.92
C ASN C 451 9.18 23.21 -3.32
N LYS C 452 8.55 22.03 -3.36
CA LYS C 452 9.09 20.77 -3.91
C LYS C 452 10.35 20.29 -3.18
N LYS C 453 10.38 20.49 -1.87
CA LYS C 453 11.48 20.04 -1.02
C LYS C 453 10.97 19.22 0.15
N THR C 454 9.88 18.48 -0.07
CA THR C 454 9.19 17.78 1.02
C THR C 454 9.92 16.52 1.48
N VAL C 455 10.87 16.03 0.71
CA VAL C 455 11.45 14.71 0.96
C VAL C 455 12.63 14.82 1.92
N ASP C 456 12.88 13.74 2.65
CA ASP C 456 14.01 13.67 3.57
C ASP C 456 15.24 13.16 2.83
N GLU C 457 16.38 13.84 3.05
CA GLU C 457 17.57 13.61 2.24
C GLU C 457 18.25 12.30 2.59
N LYS C 458 18.19 11.89 3.85
CA LYS C 458 18.84 10.67 4.28
C LYS C 458 18.09 9.44 3.80
N GLU C 459 16.78 9.55 3.62
CA GLU C 459 16.01 8.42 3.10
C GLU C 459 15.95 8.44 1.57
N VAL C 460 16.09 9.61 0.97
CA VAL C 460 16.15 9.69 -0.49
C VAL C 460 17.47 9.17 -1.01
N LEU C 461 18.58 9.57 -0.39
CA LEU C 461 19.89 9.19 -0.90
C LEU C 461 20.32 7.78 -0.49
N LYS C 462 19.52 7.06 0.31
CA LYS C 462 19.96 5.80 0.91
C LYS C 462 20.04 4.66 -0.11
N SER C 463 19.21 4.67 -1.16
CA SER C 463 19.25 3.61 -2.14
C SER C 463 20.41 3.72 -3.12
N LEU C 464 21.00 4.90 -3.24
CA LEU C 464 22.15 5.11 -4.11
C LEU C 464 23.39 4.45 -3.52
N PRO C 465 24.35 4.03 -4.34
CA PRO C 465 25.60 3.50 -3.78
C PRO C 465 26.48 4.62 -3.25
N ASP C 466 27.51 4.22 -2.49
CA ASP C 466 28.32 5.19 -1.76
C ASP C 466 29.23 5.99 -2.68
N LYS C 467 29.54 5.48 -3.88
CA LYS C 467 30.27 6.27 -4.86
C LYS C 467 29.39 7.37 -5.43
N LEU C 468 28.14 7.06 -5.76
CA LEU C 468 27.24 8.08 -6.29
C LEU C 468 26.76 9.02 -5.19
N LYS C 469 26.62 8.54 -3.96
CA LYS C 469 26.31 9.42 -2.83
C LYS C 469 27.45 10.37 -2.54
N ALA C 470 28.70 9.88 -2.62
CA ALA C 470 29.87 10.72 -2.41
C ALA C 470 30.03 11.74 -3.52
N GLU C 471 29.72 11.35 -4.77
CA GLU C 471 29.86 12.29 -5.87
C GLU C 471 28.75 13.32 -5.88
N ILE C 472 27.54 12.95 -5.41
CA ILE C 472 26.45 13.91 -5.27
C ILE C 472 26.74 14.88 -4.13
N ALA C 473 27.30 14.39 -3.03
CA ALA C 473 27.70 15.28 -1.93
C ALA C 473 28.88 16.15 -2.29
N ILE C 474 29.71 15.72 -3.24
CA ILE C 474 30.71 16.61 -3.83
C ILE C 474 30.03 17.69 -4.67
N ASN C 475 29.04 17.32 -5.49
CA ASN C 475 28.44 18.27 -6.42
C ASN C 475 27.51 19.27 -5.75
N VAL C 476 27.15 19.07 -4.49
CA VAL C 476 26.36 20.04 -3.76
C VAL C 476 27.18 20.82 -2.74
N HIS C 477 27.96 20.16 -1.89
CA HIS C 477 28.51 20.80 -0.71
C HIS C 477 30.00 21.09 -0.74
N LEU C 478 30.75 20.65 -1.75
CA LEU C 478 32.21 20.72 -1.67
C LEU C 478 32.73 22.14 -1.90
N ASP C 479 32.21 22.82 -2.91
CA ASP C 479 32.72 24.16 -3.22
C ASP C 479 32.20 25.20 -2.24
N THR C 480 31.13 24.91 -1.50
CA THR C 480 30.73 25.80 -0.42
C THR C 480 31.41 25.41 0.90
N LEU C 481 31.88 24.17 1.02
CA LEU C 481 32.66 23.81 2.20
C LEU C 481 34.10 24.32 2.08
N LYS C 482 34.61 24.45 0.84
CA LYS C 482 35.97 24.96 0.66
C LYS C 482 36.08 26.47 0.86
N LYS C 483 34.96 27.18 1.00
CA LYS C 483 34.96 28.59 1.35
C LYS C 483 35.02 28.83 2.86
N VAL C 484 34.94 27.77 3.66
CA VAL C 484 35.15 27.90 5.10
C VAL C 484 36.64 28.14 5.35
N ARG C 485 36.94 29.05 6.29
CA ARG C 485 38.30 29.51 6.54
C ARG C 485 39.17 28.40 7.12
N ILE C 486 38.59 27.53 7.94
CA ILE C 486 39.40 26.46 8.52
C ILE C 486 39.54 25.30 7.53
N PHE C 487 38.54 25.06 6.69
CA PHE C 487 38.60 24.02 5.66
C PHE C 487 39.05 24.55 4.32
N GLN C 488 39.74 25.70 4.30
CA GLN C 488 40.25 26.27 3.06
C GLN C 488 41.35 25.41 2.46
N ASP C 489 42.28 24.96 3.30
CA ASP C 489 43.42 24.15 2.86
C ASP C 489 43.48 22.87 3.69
N CYS C 490 42.74 21.85 3.24
CA CYS C 490 42.80 20.52 3.80
C CYS C 490 43.01 19.53 2.67
N GLU C 491 43.22 18.26 3.04
CA GLU C 491 43.30 17.20 2.04
C GLU C 491 41.90 16.94 1.48
N ALA C 492 41.86 16.51 0.22
CA ALA C 492 40.59 16.42 -0.51
C ALA C 492 39.71 15.28 -0.01
N GLY C 493 40.33 14.19 0.45
CA GLY C 493 39.54 13.09 1.00
C GLY C 493 38.88 13.41 2.31
N LEU C 494 39.50 14.30 3.10
CA LEU C 494 38.88 14.82 4.31
C LEU C 494 37.64 15.65 3.98
N LEU C 495 37.73 16.47 2.92
CA LEU C 495 36.59 17.28 2.50
C LEU C 495 35.48 16.43 1.90
N VAL C 496 35.82 15.32 1.24
CA VAL C 496 34.82 14.38 0.74
C VAL C 496 34.11 13.67 1.89
N GLU C 497 34.87 13.29 2.92
CA GLU C 497 34.26 12.68 4.11
C GLU C 497 33.44 13.67 4.91
N LEU C 498 33.83 14.96 4.89
CA LEU C 498 33.09 15.99 5.60
C LEU C 498 31.79 16.36 4.88
N VAL C 499 31.81 16.41 3.55
CA VAL C 499 30.55 16.65 2.84
C VAL C 499 29.66 15.40 2.82
N LEU C 500 30.23 14.22 3.08
CA LEU C 500 29.38 13.08 3.40
C LEU C 500 28.79 13.20 4.80
N LYS C 501 29.49 13.86 5.72
CA LYS C 501 29.00 14.01 7.08
C LYS C 501 28.04 15.18 7.27
N LEU C 502 27.76 15.96 6.23
CA LEU C 502 26.90 17.13 6.38
C LEU C 502 25.43 16.72 6.37
N ARG C 503 24.68 17.19 7.36
CA ARG C 503 23.27 16.89 7.47
C ARG C 503 22.45 18.18 7.37
N PRO C 504 21.31 18.17 6.70
CA PRO C 504 20.54 19.40 6.54
C PRO C 504 19.55 19.63 7.67
N THR C 505 19.31 20.90 7.96
CA THR C 505 18.23 21.32 8.83
C THR C 505 17.49 22.49 8.18
N VAL C 506 16.19 22.56 8.43
CA VAL C 506 15.31 23.57 7.86
C VAL C 506 14.79 24.38 9.04
N PHE C 507 14.59 25.68 8.85
CA PHE C 507 14.12 26.56 9.90
C PHE C 507 12.95 27.41 9.41
N SER C 508 12.05 27.72 10.34
CA SER C 508 10.87 28.57 10.18
C SER C 508 11.26 30.02 10.42
N PRO C 509 10.45 30.98 9.97
CA PRO C 509 10.68 32.38 10.35
C PRO C 509 10.51 32.61 11.85
N GLY C 510 11.50 33.28 12.44
CA GLY C 510 11.52 33.51 13.86
C GLY C 510 12.17 32.42 14.67
N ASP C 511 12.54 31.30 14.05
CA ASP C 511 13.20 30.22 14.76
C ASP C 511 14.65 30.58 15.06
N TYR C 512 15.04 30.44 16.32
CA TYR C 512 16.40 30.69 16.74
C TYR C 512 17.28 29.55 16.27
N ILE C 513 18.37 29.88 15.57
CA ILE C 513 19.38 28.87 15.27
C ILE C 513 20.16 28.53 16.53
N CYS C 514 20.57 29.56 17.26
CA CYS C 514 21.37 29.45 18.47
C CYS C 514 21.23 30.73 19.26
N LYS C 515 21.30 30.60 20.58
CA LYS C 515 21.33 31.75 21.48
C LYS C 515 22.69 31.82 22.14
N LYS C 516 22.94 32.94 22.83
CA LYS C 516 24.18 33.11 23.55
C LYS C 516 24.24 32.21 24.78
N GLY C 517 25.43 31.70 25.06
CA GLY C 517 25.60 30.78 26.17
C GLY C 517 25.13 29.38 25.90
N ASP C 518 24.92 29.01 24.64
CA ASP C 518 24.57 27.65 24.27
C ASP C 518 25.83 26.87 23.94
N ILE C 519 25.76 25.55 24.12
CA ILE C 519 26.89 24.69 23.81
C ILE C 519 26.96 24.53 22.30
N GLY C 520 28.00 25.07 21.68
CA GLY C 520 28.12 25.03 20.24
C GLY C 520 28.72 23.73 19.74
N LYS C 521 27.87 22.83 19.25
CA LYS C 521 28.31 21.54 18.72
C LYS C 521 28.05 21.41 17.23
N GLU C 522 27.55 22.46 16.60
CA GLU C 522 27.18 22.42 15.18
C GLU C 522 27.89 23.55 14.46
N MET C 523 28.18 23.33 13.18
CA MET C 523 28.68 24.37 12.29
C MET C 523 27.68 24.52 11.15
N TYR C 524 26.93 25.61 11.17
CA TYR C 524 25.86 25.82 10.21
C TYR C 524 26.40 26.55 8.98
N ILE C 525 26.04 26.05 7.80
CA ILE C 525 26.34 26.70 6.53
C ILE C 525 25.01 27.04 5.87
N ILE C 526 24.81 28.31 5.57
CA ILE C 526 23.51 28.78 5.10
C ILE C 526 23.38 28.51 3.61
N ASN C 527 22.24 27.92 3.23
CA ASN C 527 21.89 27.68 1.84
C ASN C 527 20.40 27.95 1.70
N GLU C 528 20.03 28.79 0.71
CA GLU C 528 18.63 29.11 0.35
C GLU C 528 17.89 29.76 1.53
N GLY C 529 18.61 30.57 2.31
CA GLY C 529 18.03 31.15 3.50
C GLY C 529 18.60 32.52 3.78
N LYS C 530 18.15 33.10 4.90
CA LYS C 530 18.64 34.40 5.35
C LYS C 530 18.49 34.48 6.86
N LEU C 531 19.61 34.62 7.56
CA LEU C 531 19.63 34.67 9.01
C LEU C 531 19.91 36.09 9.49
N ALA C 532 19.74 36.29 10.79
CA ALA C 532 19.98 37.59 11.39
C ALA C 532 20.59 37.43 12.77
N VAL C 533 21.72 38.09 13.01
CA VAL C 533 22.35 38.08 14.33
C VAL C 533 21.64 39.15 15.16
N VAL C 534 20.59 38.73 15.85
CA VAL C 534 19.76 39.63 16.64
C VAL C 534 20.37 39.80 18.03
N ALA C 535 19.86 40.77 18.78
CA ALA C 535 20.29 40.94 20.15
C ALA C 535 19.48 40.03 21.08
N ASP C 536 19.77 40.15 22.38
CA ASP C 536 19.22 39.21 23.35
C ASP C 536 17.78 39.55 23.71
N ASP C 537 17.39 40.82 23.55
CA ASP C 537 16.05 41.23 23.96
C ASP C 537 15.00 40.81 22.94
N GLY C 538 15.38 40.69 21.68
CA GLY C 538 14.43 40.33 20.65
C GLY C 538 15.02 40.54 19.27
N VAL C 539 14.17 40.97 18.35
CA VAL C 539 14.62 41.18 16.97
C VAL C 539 15.12 42.61 16.79
N THR C 540 16.44 42.74 16.67
CA THR C 540 17.18 43.95 16.31
C THR C 540 18.43 43.51 15.57
N GLN C 541 18.47 43.70 14.25
CA GLN C 541 19.54 43.14 13.43
C GLN C 541 20.85 43.89 13.63
N PHE C 542 21.93 43.12 13.80
CA PHE C 542 23.29 43.66 13.74
C PHE C 542 23.95 43.31 12.42
N VAL C 543 24.07 42.02 12.12
CA VAL C 543 24.53 41.53 10.83
C VAL C 543 23.45 40.59 10.30
N VAL C 544 23.07 40.78 9.04
CA VAL C 544 22.09 39.92 8.38
C VAL C 544 22.88 38.90 7.57
N LEU C 545 22.84 37.64 8.01
CA LEU C 545 23.57 36.58 7.34
C LEU C 545 22.75 36.04 6.18
N SER C 546 23.43 35.74 5.08
CA SER C 546 22.75 35.37 3.85
C SER C 546 23.26 34.03 3.33
N ASP C 547 22.91 33.70 2.09
CA ASP C 547 23.35 32.45 1.46
C ASP C 547 24.85 32.42 1.26
N GLY C 548 25.44 31.23 1.44
CA GLY C 548 26.86 31.04 1.33
C GLY C 548 27.65 31.29 2.60
N SER C 549 27.08 32.01 3.56
CA SER C 549 27.77 32.33 4.80
C SER C 549 27.78 31.13 5.73
N TYR C 550 28.48 31.29 6.86
CA TYR C 550 28.70 30.20 7.79
C TYR C 550 29.04 30.80 9.15
N PHE C 551 28.86 30.00 10.18
CA PHE C 551 29.24 30.38 11.55
C PHE C 551 29.40 29.12 12.37
N GLY C 552 30.11 29.25 13.49
CA GLY C 552 30.19 28.19 14.47
C GLY C 552 31.21 27.11 14.17
N GLU C 553 32.35 27.47 13.60
CA GLU C 553 33.38 26.48 13.31
C GLU C 553 34.40 26.36 14.44
N ILE C 554 34.65 27.44 15.18
CA ILE C 554 35.61 27.39 16.26
C ILE C 554 34.98 26.74 17.48
N SER C 555 33.64 26.75 17.56
CA SER C 555 32.93 26.06 18.63
C SER C 555 33.04 24.55 18.48
N ILE C 556 33.07 24.05 17.24
CA ILE C 556 33.30 22.62 17.03
C ILE C 556 34.76 22.26 16.87
N LEU C 557 35.64 23.26 16.73
CA LEU C 557 37.07 22.96 16.65
C LEU C 557 37.72 22.72 18.01
N ASN C 558 36.98 22.98 19.11
CA ASN C 558 37.30 22.78 20.56
C ASN C 558 38.76 23.07 20.93
N ILE C 559 39.16 24.32 20.69
CA ILE C 559 40.52 24.79 20.92
C ILE C 559 40.82 24.81 22.41
N LYS C 560 42.01 24.34 22.79
CA LYS C 560 42.40 24.20 24.18
C LYS C 560 42.61 25.55 24.85
N GLY C 561 41.96 25.74 26.00
CA GLY C 561 42.09 26.98 26.74
C GLY C 561 41.38 28.15 26.11
N SER C 562 40.27 27.90 25.42
CA SER C 562 39.56 28.98 24.73
C SER C 562 38.78 29.82 25.72
N LYS C 563 38.83 31.14 25.52
CA LYS C 563 38.13 32.06 26.40
C LYS C 563 36.62 32.03 26.17
N SER C 564 36.20 31.73 24.94
CA SER C 564 34.78 31.49 24.69
C SER C 564 34.35 30.15 25.27
N GLY C 565 35.08 29.09 24.94
CA GLY C 565 34.82 27.78 25.51
C GLY C 565 33.61 27.10 24.91
N ASN C 566 33.67 26.87 23.58
CA ASN C 566 32.62 26.29 22.69
C ASN C 566 31.21 26.85 22.94
N ARG C 567 31.14 28.15 23.19
CA ARG C 567 29.87 28.86 23.31
C ARG C 567 29.56 29.55 21.99
N ARG C 568 28.34 30.07 21.89
CA ARG C 568 27.86 30.52 20.59
C ARG C 568 28.17 31.98 20.32
N THR C 569 28.12 32.83 21.35
CA THR C 569 28.43 34.27 21.36
C THR C 569 27.58 35.10 20.39
N ALA C 570 26.42 34.60 19.97
CA ALA C 570 25.51 35.30 19.07
C ALA C 570 24.12 34.69 19.19
N ASN C 571 23.12 35.55 19.13
CA ASN C 571 21.72 35.12 19.01
C ASN C 571 21.34 35.24 17.54
N ILE C 572 21.12 34.11 16.89
CA ILE C 572 20.90 34.07 15.45
C ILE C 572 19.51 33.53 15.17
N ARG C 573 18.65 34.38 14.61
CA ARG C 573 17.29 34.03 14.25
C ARG C 573 17.18 33.89 12.74
N SER C 574 16.20 33.10 12.32
CA SER C 574 15.91 32.98 10.89
C SER C 574 14.88 34.03 10.50
N ILE C 575 15.22 34.84 9.49
CA ILE C 575 14.28 35.83 9.00
C ILE C 575 13.17 35.16 8.20
N GLY C 576 13.53 34.40 7.18
CA GLY C 576 12.55 33.66 6.41
C GLY C 576 12.67 32.18 6.64
N TYR C 577 12.60 31.39 5.58
CA TYR C 577 12.75 29.95 5.68
C TYR C 577 14.17 29.57 5.29
N SER C 578 14.95 29.10 6.24
CA SER C 578 16.34 28.76 6.02
C SER C 578 16.49 27.27 5.79
N ASP C 579 17.56 26.89 5.07
CA ASP C 579 17.89 25.48 4.85
C ASP C 579 19.38 25.31 5.13
N LEU C 580 19.72 25.14 6.40
CA LEU C 580 21.13 25.15 6.76
C LEU C 580 21.72 23.75 6.64
N PHE C 581 23.04 23.70 6.49
CA PHE C 581 23.78 22.45 6.49
C PHE C 581 24.61 22.37 7.76
N CYS C 582 24.46 21.28 8.49
CA CYS C 582 25.02 21.14 9.83
C CYS C 582 26.18 20.17 9.79
N LEU C 583 27.32 20.60 10.31
CA LEU C 583 28.44 19.69 10.57
C LEU C 583 28.61 19.60 12.08
N SER C 584 28.31 18.43 12.63
CA SER C 584 28.37 18.24 14.06
C SER C 584 29.82 18.12 14.52
N LYS C 585 30.02 18.27 15.83
CA LYS C 585 31.34 18.10 16.41
C LYS C 585 31.77 16.64 16.39
N ASP C 586 30.82 15.73 16.63
CA ASP C 586 31.11 14.30 16.60
C ASP C 586 31.38 13.83 15.17
N ASP C 587 30.70 14.42 14.19
CA ASP C 587 30.95 14.07 12.79
C ASP C 587 32.28 14.62 12.31
N LEU C 588 32.67 15.80 12.81
CA LEU C 588 33.99 16.35 12.51
C LEU C 588 35.10 15.51 13.10
N MET C 589 34.91 15.05 14.35
CA MET C 589 35.94 14.21 14.97
C MET C 589 35.99 12.81 14.38
N GLU C 590 34.85 12.29 13.92
CA GLU C 590 34.84 10.99 13.25
C GLU C 590 35.47 11.07 11.86
N ALA C 591 35.32 12.20 11.17
CA ALA C 591 36.06 12.39 9.93
C ALA C 591 37.54 12.68 10.19
N LEU C 592 37.85 13.23 11.36
CA LEU C 592 39.22 13.54 11.75
C LEU C 592 39.92 12.39 12.47
N THR C 593 39.28 11.22 12.58
CA THR C 593 39.98 10.04 13.10
C THR C 593 41.07 9.58 12.14
N GLU C 594 40.74 9.47 10.85
CA GLU C 594 41.71 8.97 9.88
C GLU C 594 42.66 10.04 9.37
N TYR C 595 42.49 11.29 9.80
CA TYR C 595 43.37 12.40 9.39
C TYR C 595 43.87 13.09 10.65
N PRO C 596 44.95 12.59 11.27
CA PRO C 596 45.48 13.27 12.47
C PRO C 596 46.27 14.52 12.13
N GLU C 597 46.89 14.53 10.93
CA GLU C 597 47.69 15.67 10.50
C GLU C 597 46.80 16.86 10.18
N ALA C 598 45.67 16.61 9.52
CA ALA C 598 44.70 17.66 9.27
C ALA C 598 43.97 18.08 10.53
N LYS C 599 43.85 17.18 11.51
CA LYS C 599 43.28 17.52 12.80
C LYS C 599 44.16 18.49 13.56
N LYS C 600 45.48 18.25 13.57
CA LYS C 600 46.40 19.17 14.23
C LYS C 600 46.55 20.47 13.45
N ALA C 601 46.41 20.43 12.12
CA ALA C 601 46.42 21.65 11.33
C ALA C 601 45.16 22.49 11.56
N LEU C 602 44.01 21.83 11.74
CA LEU C 602 42.76 22.51 12.05
C LEU C 602 42.80 23.14 13.45
N GLU C 603 43.35 22.41 14.42
CA GLU C 603 43.46 22.94 15.78
C GLU C 603 44.46 24.10 15.85
N GLU C 604 45.55 24.03 15.08
CA GLU C 604 46.52 25.12 15.08
C GLU C 604 45.99 26.33 14.32
N LYS C 605 45.17 26.11 13.29
CA LYS C 605 44.58 27.22 12.55
C LYS C 605 43.50 27.93 13.36
N GLY C 606 42.66 27.17 14.08
CA GLY C 606 41.69 27.76 14.98
C GLY C 606 42.32 28.45 16.17
N ARG C 607 43.44 27.89 16.68
CA ARG C 607 44.18 28.54 17.75
C ARG C 607 44.86 29.83 17.27
N GLN C 608 45.28 29.88 16.01
CA GLN C 608 45.90 31.10 15.51
C GLN C 608 44.85 32.18 15.24
N ILE C 609 43.65 31.77 14.81
CA ILE C 609 42.53 32.72 14.64
C ILE C 609 42.08 33.28 15.99
N LEU C 610 41.99 32.43 17.02
CA LEU C 610 41.64 32.90 18.35
C LEU C 610 42.76 33.73 18.99
N MET C 611 44.02 33.42 18.71
CA MET C 611 45.12 34.22 19.25
C MET C 611 45.19 35.57 18.55
N LYS C 612 44.76 35.63 17.28
CA LYS C 612 44.58 36.92 16.63
C LYS C 612 43.41 37.70 17.24
N ASP C 613 42.36 37.01 17.71
CA ASP C 613 41.23 37.74 18.30
C ASP C 613 41.24 37.78 19.82
N ASN C 614 41.08 36.62 20.49
CA ASN C 614 40.84 36.62 21.94
C ASN C 614 41.29 35.29 22.55
N LEU C 615 42.48 35.30 23.14
CA LEU C 615 43.05 34.09 23.72
C LEU C 615 44.07 34.42 24.81
N LEU D 238 -7.83 47.58 -1.28
CA LEU D 238 -7.43 46.16 -1.11
C LEU D 238 -6.04 46.13 -0.46
N PRO D 239 -5.72 45.18 0.44
CA PRO D 239 -4.52 45.27 1.26
C PRO D 239 -3.29 45.29 0.35
N ASN D 240 -2.29 46.13 0.68
CA ASN D 240 -1.10 46.25 -0.20
C ASN D 240 -0.55 44.86 -0.48
N SER D 241 -0.81 43.91 0.42
CA SER D 241 -0.33 42.55 0.21
C SER D 241 -1.39 41.56 0.66
N ILE D 242 -1.50 40.45 -0.06
CA ILE D 242 -2.43 39.37 0.25
C ILE D 242 -1.61 38.16 0.65
N ASP D 243 -1.95 37.57 1.81
CA ASP D 243 -1.14 36.49 2.37
C ASP D 243 -1.31 35.20 1.59
N SER D 244 -2.53 34.94 1.10
CA SER D 244 -3.01 33.79 0.31
C SER D 244 -2.97 32.46 1.06
N TYR D 245 -2.62 32.44 2.34
CA TYR D 245 -2.70 31.26 3.18
C TYR D 245 -3.61 31.51 4.38
N THR D 246 -3.42 32.62 5.07
CA THR D 246 -4.26 33.01 6.20
C THR D 246 -5.34 34.00 5.81
N ASP D 247 -5.52 34.27 4.52
CA ASP D 247 -6.51 35.22 4.05
C ASP D 247 -7.75 34.46 3.57
N ARG D 248 -8.88 34.73 4.20
CA ARG D 248 -10.14 34.11 3.81
C ARG D 248 -10.87 34.90 2.75
N LEU D 249 -10.62 36.21 2.67
CA LEU D 249 -11.18 37.03 1.60
C LEU D 249 -10.56 36.69 0.26
N TYR D 250 -9.30 36.23 0.25
CA TYR D 250 -8.73 35.70 -0.98
C TYR D 250 -9.36 34.37 -1.38
N LEU D 251 -9.82 33.58 -0.40
CA LEU D 251 -10.54 32.36 -0.72
C LEU D 251 -11.94 32.68 -1.26
N LEU D 252 -12.56 33.75 -0.75
CA LEU D 252 -13.82 34.21 -1.32
C LEU D 252 -13.65 34.77 -2.73
N TRP D 253 -12.52 35.44 -2.97
CA TRP D 253 -12.24 35.93 -4.32
C TRP D 253 -11.92 34.78 -5.28
N LEU D 254 -11.24 33.74 -4.79
CA LEU D 254 -10.99 32.56 -5.62
C LEU D 254 -12.28 31.80 -5.89
N LEU D 255 -13.24 31.85 -4.96
CA LEU D 255 -14.58 31.34 -5.23
C LEU D 255 -15.28 32.15 -6.31
N LEU D 256 -15.06 33.48 -6.33
CA LEU D 256 -15.69 34.32 -7.36
C LEU D 256 -15.08 34.08 -8.75
N VAL D 257 -13.75 33.95 -8.83
CA VAL D 257 -13.11 33.66 -10.11
C VAL D 257 -13.41 32.21 -10.55
N THR D 258 -13.62 31.31 -9.58
CA THR D 258 -14.04 29.95 -9.90
C THR D 258 -15.47 29.92 -10.42
N LEU D 259 -16.34 30.79 -9.88
CA LEU D 259 -17.70 30.88 -10.39
C LEU D 259 -17.74 31.47 -11.80
N ALA D 260 -16.86 32.44 -12.08
CA ALA D 260 -16.77 33.00 -13.43
C ALA D 260 -16.18 31.99 -14.42
N TYR D 261 -15.18 31.22 -13.97
CA TYR D 261 -14.56 30.23 -14.84
C TYR D 261 -15.48 29.05 -15.10
N ASN D 262 -16.24 28.64 -14.09
CA ASN D 262 -17.22 27.57 -14.27
C ASN D 262 -18.40 28.03 -15.08
N TRP D 263 -18.74 29.33 -15.01
CA TRP D 263 -19.73 29.92 -15.90
C TRP D 263 -19.28 29.85 -17.34
N ASN D 264 -18.01 30.14 -17.60
CA ASN D 264 -17.49 30.06 -18.96
C ASN D 264 -17.45 28.63 -19.48
N CYS D 265 -16.87 27.71 -18.69
CA CYS D 265 -16.70 26.32 -19.14
C CYS D 265 -18.02 25.55 -19.20
N CYS D 266 -19.03 25.94 -18.43
CA CYS D 266 -20.33 25.32 -18.64
C CYS D 266 -21.08 26.01 -19.78
N PHE D 267 -21.24 27.32 -19.70
CA PHE D 267 -22.24 27.97 -20.53
C PHE D 267 -21.72 28.40 -21.90
N ILE D 268 -20.46 28.15 -22.23
CA ILE D 268 -20.01 28.36 -23.61
C ILE D 268 -20.41 27.20 -24.53
N PRO D 269 -20.28 25.90 -24.17
CA PRO D 269 -20.93 24.88 -25.03
C PRO D 269 -22.44 24.90 -24.95
N LEU D 270 -23.02 25.37 -23.84
CA LEU D 270 -24.48 25.42 -23.72
C LEU D 270 -25.07 26.49 -24.62
N ARG D 271 -24.44 27.65 -24.69
CA ARG D 271 -24.86 28.66 -25.66
C ARG D 271 -24.38 28.34 -27.06
N LEU D 272 -23.32 27.53 -27.20
CA LEU D 272 -22.76 27.24 -28.51
C LEU D 272 -23.62 26.23 -29.27
N VAL D 273 -24.13 25.22 -28.58
CA VAL D 273 -24.87 24.15 -29.22
C VAL D 273 -26.38 24.37 -29.13
N PHE D 274 -26.89 24.52 -27.92
CA PHE D 274 -28.31 24.67 -27.69
C PHE D 274 -28.78 26.06 -28.09
N PRO D 275 -30.03 26.20 -28.61
CA PRO D 275 -30.56 27.51 -29.00
C PRO D 275 -31.16 28.30 -27.83
N TYR D 276 -30.36 28.54 -26.80
CA TYR D 276 -30.77 29.36 -25.68
C TYR D 276 -30.23 30.77 -25.76
N GLN D 277 -29.36 31.05 -26.73
CA GLN D 277 -28.81 32.39 -26.94
C GLN D 277 -29.58 33.13 -28.02
N THR D 278 -30.88 33.28 -27.80
CA THR D 278 -31.74 33.93 -28.77
C THR D 278 -31.66 35.45 -28.61
N ALA D 279 -32.35 36.16 -29.50
CA ALA D 279 -32.16 37.60 -29.65
C ALA D 279 -32.80 38.40 -28.51
N ASP D 280 -33.83 37.86 -27.87
CA ASP D 280 -34.42 38.51 -26.71
C ASP D 280 -33.78 38.05 -25.41
N ASN D 281 -32.78 37.17 -25.47
CA ASN D 281 -32.06 36.72 -24.29
C ASN D 281 -30.61 37.18 -24.27
N ILE D 282 -30.18 37.92 -25.29
CA ILE D 282 -28.76 38.21 -25.47
C ILE D 282 -28.26 39.25 -24.47
N HIS D 283 -29.16 40.02 -23.86
CA HIS D 283 -28.74 41.04 -22.90
C HIS D 283 -28.33 40.42 -21.57
N TYR D 284 -29.00 39.34 -21.17
CA TYR D 284 -28.63 38.65 -19.93
C TYR D 284 -27.31 37.90 -20.08
N TRP D 285 -27.09 37.29 -21.24
CA TRP D 285 -25.81 36.61 -21.51
C TRP D 285 -24.68 37.62 -21.62
N LEU D 286 -24.95 38.79 -22.21
CA LEU D 286 -23.90 39.80 -22.34
C LEU D 286 -23.59 40.46 -21.00
N ILE D 287 -24.60 40.63 -20.14
CA ILE D 287 -24.37 41.18 -18.80
C ILE D 287 -23.59 40.20 -17.94
N ALA D 288 -23.89 38.90 -18.05
CA ALA D 288 -23.15 37.89 -17.29
C ALA D 288 -21.73 37.71 -17.81
N ASP D 289 -21.53 37.85 -19.14
CA ASP D 289 -20.18 37.76 -19.68
C ASP D 289 -19.36 39.01 -19.33
N ILE D 290 -20.00 40.17 -19.25
CA ILE D 290 -19.30 41.40 -18.83
C ILE D 290 -18.93 41.34 -17.36
N ILE D 291 -19.79 40.73 -16.52
CA ILE D 291 -19.47 40.54 -15.10
C ILE D 291 -18.34 39.53 -14.91
N CYS D 292 -18.33 38.46 -15.72
CA CYS D 292 -17.22 37.49 -15.64
C CYS D 292 -15.91 38.06 -16.19
N ASP D 293 -15.98 38.96 -17.19
CA ASP D 293 -14.77 39.61 -17.67
C ASP D 293 -14.29 40.68 -16.69
N ILE D 294 -15.19 41.30 -15.93
CA ILE D 294 -14.79 42.24 -14.89
C ILE D 294 -14.14 41.50 -13.72
N ILE D 295 -14.63 40.30 -13.42
CA ILE D 295 -13.99 39.43 -12.41
C ILE D 295 -12.63 38.95 -12.90
N TYR D 296 -12.50 38.70 -14.20
CA TYR D 296 -11.22 38.30 -14.79
C TYR D 296 -10.22 39.46 -14.78
N LEU D 297 -10.69 40.68 -15.04
CA LEU D 297 -9.79 41.83 -15.08
C LEU D 297 -9.40 42.29 -13.69
N TYR D 298 -10.32 42.21 -12.72
CA TYR D 298 -10.02 42.62 -11.36
C TYR D 298 -9.10 41.62 -10.67
N ASP D 299 -9.09 40.37 -11.14
CA ASP D 299 -8.09 39.41 -10.71
C ASP D 299 -6.71 39.78 -11.24
N MET D 300 -6.64 40.19 -12.50
CA MET D 300 -5.34 40.46 -13.13
C MET D 300 -4.75 41.79 -12.71
N LEU D 301 -5.59 42.74 -12.28
CA LEU D 301 -5.07 44.09 -12.07
C LEU D 301 -5.04 44.48 -10.60
N PHE D 302 -5.98 43.99 -9.80
CA PHE D 302 -6.14 44.48 -8.44
C PHE D 302 -5.99 43.42 -7.35
N ILE D 303 -5.87 42.15 -7.70
CA ILE D 303 -5.76 41.11 -6.66
C ILE D 303 -4.46 40.33 -6.84
N GLN D 304 -4.30 39.66 -7.97
CA GLN D 304 -3.14 38.83 -8.25
C GLN D 304 -1.76 39.51 -8.33
N PRO D 305 -1.62 40.81 -8.65
CA PRO D 305 -0.34 41.47 -8.34
C PRO D 305 -0.05 41.62 -6.85
N ARG D 306 -1.07 41.60 -5.99
CA ARG D 306 -0.87 41.85 -4.57
C ARG D 306 -0.65 40.58 -3.76
N LEU D 307 -0.35 39.46 -4.41
CA LEU D 307 -0.17 38.20 -3.69
C LEU D 307 1.25 38.07 -3.18
N GLN D 308 1.39 37.72 -1.90
CA GLN D 308 2.70 37.44 -1.33
C GLN D 308 3.21 36.09 -1.83
N PHE D 309 4.53 35.96 -1.85
CA PHE D 309 5.19 34.71 -2.25
C PHE D 309 6.53 34.64 -1.54
N VAL D 310 7.25 33.53 -1.77
CA VAL D 310 8.51 33.25 -1.09
C VAL D 310 9.59 33.12 -2.16
N ARG D 311 10.60 33.99 -2.07
CA ARG D 311 11.72 33.98 -3.02
C ARG D 311 13.00 33.72 -2.24
N GLY D 312 13.49 32.49 -2.30
CA GLY D 312 14.72 32.16 -1.60
C GLY D 312 14.59 32.09 -0.10
N GLY D 313 13.39 31.82 0.41
CA GLY D 313 13.17 31.63 1.81
C GLY D 313 12.43 32.75 2.52
N ASP D 314 12.73 34.00 2.22
CA ASP D 314 12.10 35.10 2.93
C ASP D 314 10.85 35.60 2.21
N ILE D 315 9.88 36.07 2.99
CA ILE D 315 8.58 36.45 2.47
C ILE D 315 8.67 37.84 1.86
N ILE D 316 8.15 37.98 0.65
CA ILE D 316 8.21 39.24 -0.10
C ILE D 316 6.90 39.99 0.11
N VAL D 317 7.01 41.25 0.54
CA VAL D 317 5.83 42.05 0.88
C VAL D 317 5.75 43.35 0.11
N ASP D 318 6.82 43.79 -0.55
CA ASP D 318 6.77 45.07 -1.26
C ASP D 318 6.10 44.91 -2.62
N SER D 319 5.31 45.92 -3.01
CA SER D 319 4.30 45.75 -4.04
C SER D 319 4.88 45.64 -5.43
N ASN D 320 6.03 46.28 -5.68
CA ASN D 320 6.62 46.28 -7.01
C ASN D 320 7.25 44.92 -7.30
N GLU D 321 7.82 44.28 -6.28
CA GLU D 321 8.42 42.96 -6.48
C GLU D 321 7.35 41.88 -6.62
N LEU D 322 6.23 42.03 -5.89
CA LEU D 322 5.09 41.14 -6.07
C LEU D 322 4.45 41.31 -7.45
N ARG D 323 4.41 42.55 -7.94
CA ARG D 323 3.90 42.81 -9.28
C ARG D 323 4.81 42.24 -10.36
N LYS D 324 6.14 42.33 -10.15
CA LYS D 324 7.08 41.75 -11.10
C LYS D 324 7.05 40.23 -11.07
N HIS D 325 6.81 39.64 -9.89
CA HIS D 325 6.68 38.20 -9.79
C HIS D 325 5.38 37.71 -10.44
N TYR D 326 4.32 38.50 -10.36
CA TYR D 326 3.10 38.15 -11.08
C TYR D 326 3.27 38.30 -12.59
N ARG D 327 3.96 39.35 -13.03
CA ARG D 327 4.12 39.61 -14.46
C ARG D 327 5.05 38.59 -15.11
N THR D 328 6.06 38.11 -14.39
CA THR D 328 6.96 37.09 -14.94
C THR D 328 6.49 35.67 -14.66
N SER D 329 5.24 35.48 -14.23
CA SER D 329 4.74 34.14 -13.96
C SER D 329 4.31 33.44 -15.24
N THR D 330 4.06 32.13 -15.12
CA THR D 330 3.36 31.41 -16.15
C THR D 330 1.85 31.47 -15.97
N LYS D 331 1.39 32.03 -14.85
CA LYS D 331 -0.04 32.30 -14.69
C LYS D 331 -0.48 33.47 -15.54
N PHE D 332 0.37 34.49 -15.66
CA PHE D 332 0.00 35.73 -16.33
C PHE D 332 -0.13 35.54 -17.83
N GLN D 333 0.65 34.62 -18.41
CA GLN D 333 0.50 34.27 -19.83
C GLN D 333 -0.86 33.65 -20.12
N LEU D 334 -1.30 32.74 -19.25
CA LEU D 334 -2.62 32.14 -19.39
C LEU D 334 -3.74 33.13 -19.10
N ASP D 335 -3.52 34.08 -18.18
CA ASP D 335 -4.58 35.05 -17.87
C ASP D 335 -4.73 36.10 -18.96
N VAL D 336 -3.61 36.59 -19.51
CA VAL D 336 -3.71 37.59 -20.57
C VAL D 336 -4.05 36.92 -21.89
N ALA D 337 -3.81 35.60 -22.02
CA ALA D 337 -4.35 34.87 -23.16
C ALA D 337 -5.82 34.54 -22.94
N SER D 338 -6.29 34.54 -21.70
CA SER D 338 -7.69 34.31 -21.43
C SER D 338 -8.56 35.50 -21.84
N ILE D 339 -8.21 36.68 -21.33
CA ILE D 339 -9.11 37.86 -21.58
C ILE D 339 -8.74 38.55 -22.90
N ILE D 340 -7.98 37.90 -23.78
CA ILE D 340 -7.75 38.54 -25.11
C ILE D 340 -9.15 38.92 -25.60
N PRO D 341 -9.51 40.22 -25.85
CA PRO D 341 -10.92 40.49 -26.20
C PRO D 341 -11.31 40.13 -27.63
N PHE D 342 -11.71 38.87 -27.81
CA PHE D 342 -12.25 38.42 -29.09
C PHE D 342 -13.71 38.81 -29.29
N ASP D 343 -14.35 39.43 -28.29
CA ASP D 343 -15.72 39.90 -28.39
C ASP D 343 -15.90 41.06 -29.37
N ILE D 344 -14.81 41.74 -29.75
CA ILE D 344 -14.84 42.70 -30.86
C ILE D 344 -15.02 42.02 -32.21
N CYS D 345 -14.82 40.70 -32.30
CA CYS D 345 -15.27 39.92 -33.44
C CYS D 345 -16.75 39.59 -33.41
N TYR D 346 -17.50 40.13 -32.43
CA TYR D 346 -18.96 40.08 -32.49
C TYR D 346 -19.51 41.04 -33.54
N LEU D 347 -18.72 42.05 -33.92
CA LEU D 347 -19.14 42.98 -34.96
C LEU D 347 -19.08 42.33 -36.33
N PHE D 348 -18.05 41.51 -36.58
CA PHE D 348 -17.84 40.94 -37.90
C PHE D 348 -18.69 39.68 -38.10
N PHE D 349 -18.43 38.65 -37.29
CA PHE D 349 -19.04 37.35 -37.47
C PHE D 349 -20.34 37.18 -36.69
N GLY D 350 -20.87 38.24 -36.10
CA GLY D 350 -22.06 38.13 -35.30
C GLY D 350 -21.76 37.53 -33.93
N PHE D 351 -22.83 37.28 -33.19
CA PHE D 351 -22.70 36.69 -31.86
C PHE D 351 -22.39 35.20 -31.97
N ASN D 352 -21.28 34.81 -31.36
CA ASN D 352 -20.84 33.42 -31.38
C ASN D 352 -20.12 33.12 -30.07
N PRO D 353 -20.56 32.11 -29.32
CA PRO D 353 -19.91 31.82 -28.02
C PRO D 353 -18.55 31.15 -28.14
N MET D 354 -18.13 30.75 -29.34
CA MET D 354 -16.82 30.13 -29.51
C MET D 354 -15.70 31.18 -29.47
N PHE D 355 -16.03 32.46 -29.58
CA PHE D 355 -15.03 33.51 -29.45
C PHE D 355 -14.60 33.72 -28.01
N ARG D 356 -15.43 33.32 -27.05
CA ARG D 356 -15.07 33.40 -25.63
C ARG D 356 -14.42 32.14 -25.11
N ALA D 357 -14.09 31.18 -25.98
CA ALA D 357 -13.53 29.90 -25.57
C ALA D 357 -12.12 30.02 -25.01
N ASN D 358 -11.40 31.09 -25.38
CA ASN D 358 -10.12 31.42 -24.77
C ASN D 358 -10.28 31.81 -23.30
N ARG D 359 -11.47 32.23 -22.87
CA ARG D 359 -11.78 32.41 -21.46
C ARG D 359 -11.79 31.12 -20.65
N MET D 360 -11.79 29.95 -21.29
CA MET D 360 -11.64 28.69 -20.58
C MET D 360 -10.19 28.35 -20.24
N LEU D 361 -9.23 29.22 -20.55
CA LEU D 361 -7.82 28.97 -20.25
C LEU D 361 -7.42 29.40 -18.85
N LYS D 362 -8.35 29.93 -18.05
CA LYS D 362 -8.05 30.33 -16.68
C LYS D 362 -8.36 29.20 -15.69
N TYR D 363 -7.79 28.03 -15.97
CA TYR D 363 -7.99 26.86 -15.14
C TYR D 363 -7.16 26.91 -13.86
N THR D 364 -6.13 27.76 -13.84
CA THR D 364 -5.23 27.82 -12.69
C THR D 364 -5.91 28.42 -11.47
N SER D 365 -6.89 29.31 -11.66
CA SER D 365 -7.63 29.84 -10.53
C SER D 365 -8.59 28.81 -9.96
N PHE D 366 -9.15 27.94 -10.81
CA PHE D 366 -9.95 26.82 -10.34
C PHE D 366 -9.11 25.81 -9.60
N PHE D 367 -7.86 25.58 -10.05
CA PHE D 367 -6.99 24.66 -9.35
C PHE D 367 -6.45 25.25 -8.05
N GLU D 368 -6.26 26.56 -7.97
CA GLU D 368 -5.88 27.19 -6.72
C GLU D 368 -7.03 27.20 -5.72
N PHE D 369 -8.27 27.34 -6.20
CA PHE D 369 -9.41 27.22 -5.30
C PHE D 369 -9.59 25.79 -4.81
N ASN D 370 -9.30 24.82 -5.68
CA ASN D 370 -9.29 23.41 -5.31
C ASN D 370 -8.24 23.14 -4.24
N HIS D 371 -7.04 23.69 -4.42
CA HIS D 371 -5.94 23.46 -3.46
C HIS D 371 -6.22 24.16 -2.13
N HIS D 372 -6.78 25.37 -2.17
CA HIS D 372 -7.05 26.07 -0.92
C HIS D 372 -8.26 25.50 -0.18
N LEU D 373 -9.22 24.92 -0.90
CA LEU D 373 -10.34 24.31 -0.21
C LEU D 373 -10.00 22.89 0.25
N GLU D 374 -9.04 22.23 -0.40
CA GLU D 374 -8.48 21.00 0.16
C GLU D 374 -7.65 21.29 1.40
N SER D 375 -6.96 22.44 1.43
CA SER D 375 -6.13 22.76 2.59
C SER D 375 -6.94 23.24 3.77
N ILE D 376 -8.01 24.00 3.53
CA ILE D 376 -8.77 24.54 4.67
C ILE D 376 -9.73 23.50 5.25
N MET D 377 -10.04 22.44 4.52
CA MET D 377 -10.93 21.41 5.03
C MET D 377 -10.15 20.43 5.90
N ASP D 378 -10.77 20.01 7.01
CA ASP D 378 -10.12 19.03 7.87
C ASP D 378 -10.26 17.62 7.30
N LYS D 379 -11.42 17.30 6.77
CA LYS D 379 -11.64 16.03 6.07
C LYS D 379 -11.76 16.34 4.58
N ALA D 380 -10.66 16.12 3.85
CA ALA D 380 -10.56 16.53 2.46
C ALA D 380 -11.13 15.50 1.50
N TYR D 381 -11.45 14.30 1.99
CA TYR D 381 -12.01 13.27 1.10
C TYR D 381 -13.45 13.59 0.73
N ILE D 382 -14.14 14.38 1.57
CA ILE D 382 -15.48 14.88 1.24
C ILE D 382 -15.41 15.82 0.04
N TYR D 383 -14.40 16.70 0.01
CA TYR D 383 -14.20 17.55 -1.16
C TYR D 383 -13.65 16.78 -2.35
N ARG D 384 -12.95 15.66 -2.13
CA ARG D 384 -12.55 14.83 -3.27
C ARG D 384 -13.74 14.12 -3.91
N VAL D 385 -14.70 13.69 -3.09
CA VAL D 385 -15.94 13.11 -3.61
C VAL D 385 -16.79 14.17 -4.30
N ILE D 386 -16.83 15.40 -3.75
CA ILE D 386 -17.57 16.51 -4.35
C ILE D 386 -16.93 16.93 -5.68
N ARG D 387 -15.59 16.93 -5.75
CA ARG D 387 -14.89 17.26 -6.99
C ARG D 387 -15.05 16.18 -8.04
N THR D 388 -15.07 14.91 -7.63
CA THR D 388 -15.28 13.81 -8.57
C THR D 388 -16.70 13.83 -9.12
N THR D 389 -17.67 14.17 -8.26
CA THR D 389 -19.06 14.35 -8.68
C THR D 389 -19.22 15.54 -9.64
N GLY D 390 -18.51 16.64 -9.36
CA GLY D 390 -18.59 17.80 -10.22
C GLY D 390 -17.91 17.60 -11.56
N TYR D 391 -16.80 16.85 -11.57
CA TYR D 391 -16.17 16.47 -12.82
C TYR D 391 -17.05 15.53 -13.64
N LEU D 392 -17.77 14.62 -12.96
CA LEU D 392 -18.69 13.71 -13.64
C LEU D 392 -19.87 14.47 -14.25
N LEU D 393 -20.43 15.42 -13.50
CA LEU D 393 -21.53 16.24 -14.02
C LEU D 393 -21.08 17.16 -15.14
N PHE D 394 -19.83 17.62 -15.10
CA PHE D 394 -19.32 18.45 -16.18
C PHE D 394 -19.08 17.67 -17.46
N ILE D 395 -18.53 16.44 -17.34
CA ILE D 395 -18.30 15.62 -18.53
C ILE D 395 -19.64 15.12 -19.10
N LEU D 396 -20.65 14.91 -18.24
CA LEU D 396 -21.99 14.60 -18.73
C LEU D 396 -22.67 15.80 -19.39
N HIS D 397 -22.37 17.01 -18.91
CA HIS D 397 -22.85 18.23 -19.57
C HIS D 397 -22.24 18.39 -20.95
N ILE D 398 -20.94 18.15 -21.07
CA ILE D 398 -20.26 18.25 -22.36
C ILE D 398 -20.73 17.14 -23.30
N ASN D 399 -21.03 15.96 -22.76
CA ASN D 399 -21.54 14.86 -23.59
C ASN D 399 -22.97 15.12 -24.05
N ALA D 400 -23.78 15.78 -23.22
CA ALA D 400 -25.12 16.20 -23.64
C ALA D 400 -25.07 17.25 -24.72
N CYS D 401 -24.12 18.19 -24.62
CA CYS D 401 -23.97 19.22 -25.66
C CYS D 401 -23.46 18.63 -26.96
N VAL D 402 -22.53 17.67 -26.89
CA VAL D 402 -21.98 17.08 -28.11
C VAL D 402 -23.00 16.13 -28.75
N TYR D 403 -23.86 15.50 -27.94
CA TYR D 403 -24.96 14.70 -28.49
C TYR D 403 -26.03 15.58 -29.14
N TYR D 404 -26.30 16.76 -28.57
CA TYR D 404 -27.25 17.65 -29.23
C TYR D 404 -26.68 18.27 -30.49
N TRP D 405 -25.35 18.45 -30.55
CA TRP D 405 -24.73 18.86 -31.81
C TRP D 405 -24.83 17.76 -32.86
N ALA D 406 -24.62 16.50 -32.47
CA ALA D 406 -24.75 15.41 -33.42
C ALA D 406 -26.19 15.19 -33.85
N SER D 407 -27.14 15.52 -32.97
CA SER D 407 -28.56 15.48 -33.32
C SER D 407 -28.91 16.57 -34.32
N ASN D 408 -28.39 17.78 -34.14
CA ASN D 408 -28.66 18.83 -35.13
C ASN D 408 -27.83 18.65 -36.40
N TYR D 409 -26.72 17.91 -36.33
CA TYR D 409 -25.93 17.66 -37.52
C TYR D 409 -26.60 16.59 -38.38
N GLU D 410 -27.16 15.56 -37.76
CA GLU D 410 -27.91 14.56 -38.50
C GLU D 410 -29.34 14.98 -38.80
N GLY D 411 -29.82 16.06 -38.18
CA GLY D 411 -31.21 16.45 -38.33
C GLY D 411 -32.06 15.92 -37.20
N ILE D 412 -32.87 16.80 -36.59
CA ILE D 412 -33.66 16.45 -35.41
C ILE D 412 -34.81 15.55 -35.86
N GLY D 413 -34.86 14.34 -35.28
CA GLY D 413 -35.90 13.40 -35.63
C GLY D 413 -35.70 12.68 -36.94
N THR D 414 -34.49 12.73 -37.52
CA THR D 414 -34.25 12.07 -38.80
C THR D 414 -34.13 10.57 -38.62
N THR D 415 -33.23 10.12 -37.75
CA THR D 415 -33.07 8.72 -37.43
C THR D 415 -33.64 8.45 -36.04
N ARG D 416 -33.63 7.18 -35.64
CA ARG D 416 -34.13 6.81 -34.33
C ARG D 416 -33.16 7.16 -33.21
N TRP D 417 -31.89 7.36 -33.54
CA TRP D 417 -30.85 7.55 -32.53
C TRP D 417 -30.74 9.01 -32.10
N VAL D 418 -31.06 9.95 -32.98
CA VAL D 418 -30.91 11.38 -32.68
C VAL D 418 -32.03 11.85 -31.77
N TYR D 419 -31.87 13.06 -31.23
CA TYR D 419 -32.88 13.65 -30.36
C TYR D 419 -34.09 14.04 -31.20
N ASP D 420 -35.28 13.63 -30.74
CA ASP D 420 -36.47 13.75 -31.56
C ASP D 420 -37.12 15.12 -31.50
N GLY D 421 -36.86 15.90 -30.46
CA GLY D 421 -37.41 17.23 -30.36
C GLY D 421 -38.70 17.35 -29.58
N GLU D 422 -39.00 16.38 -28.72
CA GLU D 422 -40.32 16.36 -28.10
C GLU D 422 -40.37 17.21 -26.84
N GLY D 423 -39.54 16.90 -25.85
CA GLY D 423 -39.59 17.57 -24.56
C GLY D 423 -38.54 18.65 -24.43
N ASN D 424 -37.95 18.73 -23.23
CA ASN D 424 -36.82 19.62 -23.01
C ASN D 424 -35.61 19.10 -23.75
N GLU D 425 -34.84 20.01 -24.35
CA GLU D 425 -33.69 19.60 -25.15
C GLU D 425 -32.56 19.14 -24.26
N TYR D 426 -32.20 19.95 -23.26
CA TYR D 426 -31.06 19.66 -22.40
C TYR D 426 -31.33 18.48 -21.48
N LEU D 427 -32.57 18.29 -21.05
CA LEU D 427 -32.89 17.22 -20.11
C LEU D 427 -32.85 15.86 -20.80
N ARG D 428 -33.37 15.76 -22.02
CA ARG D 428 -33.35 14.47 -22.70
C ARG D 428 -31.99 14.19 -23.33
N CYS D 429 -31.25 15.21 -23.75
CA CYS D 429 -29.88 14.95 -24.18
C CYS D 429 -28.96 14.65 -23.01
N TYR D 430 -29.26 15.18 -21.82
CA TYR D 430 -28.54 14.79 -20.61
C TYR D 430 -28.90 13.38 -20.18
N TYR D 431 -30.15 12.96 -20.44
CA TYR D 431 -30.54 11.57 -20.20
C TYR D 431 -29.81 10.62 -21.13
N TRP D 432 -29.63 11.02 -22.39
CA TRP D 432 -28.85 10.22 -23.32
C TRP D 432 -27.38 10.16 -22.93
N ALA D 433 -26.84 11.28 -22.46
CA ALA D 433 -25.44 11.31 -22.02
C ALA D 433 -25.24 10.48 -20.76
N VAL D 434 -26.22 10.47 -19.86
CA VAL D 434 -26.16 9.67 -18.64
C VAL D 434 -26.24 8.18 -18.99
N ARG D 435 -27.16 7.79 -19.87
CA ARG D 435 -27.24 6.37 -20.23
C ARG D 435 -26.13 5.92 -21.17
N THR D 436 -25.38 6.84 -21.76
CA THR D 436 -24.23 6.44 -22.58
C THR D 436 -22.94 6.38 -21.77
N LEU D 437 -22.64 7.41 -21.00
CA LEU D 437 -21.36 7.52 -20.33
C LEU D 437 -21.27 6.69 -19.05
N ILE D 438 -22.40 6.17 -18.54
CA ILE D 438 -22.38 5.17 -17.48
C ILE D 438 -22.45 3.77 -18.08
N THR D 439 -22.58 3.69 -19.42
CA THR D 439 -22.76 2.46 -20.21
C THR D 439 -23.96 1.65 -19.71
N ILE D 440 -25.05 2.35 -19.45
CA ILE D 440 -26.30 1.70 -19.06
C ILE D 440 -26.98 1.10 -20.28
N GLY D 441 -26.95 1.81 -21.41
CA GLY D 441 -27.65 1.35 -22.57
C GLY D 441 -29.14 1.66 -22.46
N GLY D 442 -29.93 0.87 -23.19
CA GLY D 442 -31.36 1.07 -23.23
C GLY D 442 -31.81 2.17 -24.17
N LEU D 443 -30.90 2.77 -24.91
CA LEU D 443 -31.19 3.81 -25.86
C LEU D 443 -31.53 3.18 -27.21
N PRO D 444 -32.11 3.94 -28.15
CA PRO D 444 -32.24 3.44 -29.51
C PRO D 444 -30.88 3.22 -30.18
N GLU D 445 -30.82 2.18 -31.01
CA GLU D 445 -29.57 1.77 -31.64
C GLU D 445 -29.16 2.77 -32.71
N PRO D 446 -27.85 2.94 -32.92
CA PRO D 446 -27.39 3.85 -33.98
C PRO D 446 -27.67 3.27 -35.36
N GLN D 447 -28.12 4.14 -36.26
CA GLN D 447 -28.60 3.71 -37.58
C GLN D 447 -27.56 3.95 -38.67
N THR D 448 -27.09 5.18 -38.82
CA THR D 448 -26.09 5.48 -39.83
C THR D 448 -24.69 5.39 -39.23
N LEU D 449 -23.68 5.56 -40.09
CA LEU D 449 -22.30 5.24 -39.75
C LEU D 449 -21.70 6.25 -38.78
N PHE D 450 -22.10 7.53 -38.90
CA PHE D 450 -21.65 8.57 -37.99
C PHE D 450 -22.18 8.32 -36.58
N GLU D 451 -23.40 7.79 -36.48
CA GLU D 451 -23.97 7.49 -35.18
C GLU D 451 -23.34 6.25 -34.56
N ILE D 452 -22.90 5.29 -35.38
CA ILE D 452 -22.19 4.12 -34.86
C ILE D 452 -20.80 4.51 -34.36
N VAL D 453 -20.12 5.42 -35.08
CA VAL D 453 -18.83 5.94 -34.64
C VAL D 453 -18.98 6.78 -33.36
N PHE D 454 -20.05 7.56 -33.28
CA PHE D 454 -20.36 8.36 -32.07
C PHE D 454 -20.66 7.48 -30.87
N GLN D 455 -21.48 6.44 -31.05
CA GLN D 455 -21.84 5.56 -29.96
C GLN D 455 -20.67 4.70 -29.53
N LEU D 456 -19.80 4.34 -30.48
CA LEU D 456 -18.57 3.60 -30.21
C LEU D 456 -17.61 4.40 -29.36
N LEU D 457 -17.31 5.64 -29.76
CA LEU D 457 -16.39 6.49 -29.02
C LEU D 457 -16.98 6.93 -27.69
N ASN D 458 -18.30 7.14 -27.63
CA ASN D 458 -18.94 7.57 -26.40
C ASN D 458 -19.05 6.44 -25.39
N PHE D 459 -19.26 5.21 -25.85
CA PHE D 459 -19.26 4.06 -24.95
C PHE D 459 -17.85 3.72 -24.46
N PHE D 460 -16.83 3.90 -25.31
CA PHE D 460 -15.45 3.67 -24.88
C PHE D 460 -14.99 4.72 -23.87
N SER D 461 -15.35 5.99 -24.12
CA SER D 461 -15.08 7.06 -23.17
C SER D 461 -15.88 6.90 -21.89
N GLY D 462 -17.08 6.32 -21.98
CA GLY D 462 -17.88 6.10 -20.78
C GLY D 462 -17.36 4.94 -19.94
N VAL D 463 -16.77 3.93 -20.59
CA VAL D 463 -16.05 2.86 -19.88
C VAL D 463 -14.88 3.44 -19.12
N PHE D 464 -14.13 4.35 -19.73
CA PHE D 464 -13.00 4.93 -19.00
C PHE D 464 -13.42 5.98 -17.95
N VAL D 465 -14.56 6.64 -18.14
CA VAL D 465 -15.09 7.55 -17.12
C VAL D 465 -15.59 6.77 -15.91
N PHE D 466 -16.28 5.64 -16.14
CA PHE D 466 -16.74 4.77 -15.05
C PHE D 466 -15.57 4.10 -14.34
N SER D 467 -14.52 3.76 -15.09
CA SER D 467 -13.32 3.17 -14.49
C SER D 467 -12.56 4.18 -13.65
N SER D 468 -12.48 5.43 -14.11
CA SER D 468 -11.83 6.47 -13.31
C SER D 468 -12.67 6.86 -12.11
N LEU D 469 -13.99 6.71 -12.19
CA LEU D 469 -14.87 6.97 -11.06
C LEU D 469 -14.71 5.92 -9.97
N ILE D 470 -14.63 4.64 -10.36
CA ILE D 470 -14.37 3.56 -9.40
C ILE D 470 -12.96 3.67 -8.82
N GLY D 471 -11.98 4.04 -9.65
CA GLY D 471 -10.62 4.20 -9.16
C GLY D 471 -10.44 5.40 -8.24
N GLN D 472 -11.18 6.47 -8.49
CA GLN D 472 -11.16 7.62 -7.60
C GLN D 472 -11.82 7.33 -6.26
N MET D 473 -12.93 6.57 -6.28
CA MET D 473 -13.58 6.20 -5.02
C MET D 473 -12.72 5.17 -4.29
N ARG D 474 -12.10 4.26 -5.02
CA ARG D 474 -11.12 3.34 -4.35
CA ARG D 474 -11.12 3.35 -4.35
C ARG D 474 -9.89 4.03 -3.68
N ASP D 475 -9.39 5.03 -4.42
CA ASP D 475 -8.29 5.79 -3.85
C ASP D 475 -8.69 6.65 -2.66
N VAL D 476 -9.90 7.22 -2.69
CA VAL D 476 -10.42 8.02 -1.57
C VAL D 476 -10.66 7.14 -0.34
N ILE D 477 -11.22 5.95 -0.53
CA ILE D 477 -11.50 5.05 0.58
C ILE D 477 -10.21 4.44 1.13
N GLY D 478 -9.29 4.06 0.25
CA GLY D 478 -8.03 3.48 0.70
C GLY D 478 -7.08 4.49 1.32
N ALA D 479 -7.21 5.77 0.96
CA ALA D 479 -6.42 6.78 1.65
C ALA D 479 -7.10 7.26 2.93
N ALA D 480 -8.43 7.16 3.01
CA ALA D 480 -9.13 7.61 4.20
C ALA D 480 -9.04 6.59 5.32
N THR D 481 -9.09 5.30 5.00
CA THR D 481 -9.03 4.23 5.98
C THR D 481 -7.70 3.51 5.98
N ALA D 482 -6.60 4.21 5.69
CA ALA D 482 -5.29 3.57 5.71
C ALA D 482 -4.78 3.39 7.13
N ASN D 483 -4.98 4.41 7.97
CA ASN D 483 -4.48 4.38 9.34
C ASN D 483 -5.26 3.42 10.21
N GLN D 484 -6.58 3.35 10.00
CA GLN D 484 -7.44 2.45 10.77
C GLN D 484 -7.16 0.99 10.41
N ASN D 485 -6.97 0.70 9.13
CA ASN D 485 -6.68 -0.67 8.72
C ASN D 485 -5.25 -1.06 9.05
N TYR D 486 -4.32 -0.10 9.10
CA TYR D 486 -2.97 -0.40 9.56
C TYR D 486 -2.93 -0.69 11.05
N PHE D 487 -3.71 0.07 11.84
CA PHE D 487 -3.84 -0.17 13.27
C PHE D 487 -4.51 -1.51 13.56
N ARG D 488 -5.54 -1.85 12.77
CA ARG D 488 -6.21 -3.13 12.93
C ARG D 488 -5.32 -4.29 12.51
N ALA D 489 -4.46 -4.08 11.49
CA ALA D 489 -3.54 -5.12 11.07
C ALA D 489 -2.46 -5.38 12.12
N CYS D 490 -1.96 -4.32 12.76
CA CYS D 490 -0.98 -4.50 13.82
C CYS D 490 -1.61 -5.08 15.08
N MET D 491 -2.88 -4.74 15.36
CA MET D 491 -3.58 -5.33 16.50
C MET D 491 -3.89 -6.80 16.28
N ASP D 492 -4.26 -7.18 15.05
CA ASP D 492 -4.48 -8.60 14.78
C ASP D 492 -3.17 -9.38 14.68
N ASP D 493 -2.07 -8.70 14.33
CA ASP D 493 -0.76 -9.35 14.41
C ASP D 493 -0.36 -9.64 15.84
N THR D 494 -0.62 -8.69 16.75
CA THR D 494 -0.34 -8.91 18.17
C THR D 494 -1.25 -9.96 18.78
N ILE D 495 -2.52 -9.99 18.35
CA ILE D 495 -3.48 -10.98 18.85
C ILE D 495 -3.14 -12.38 18.33
N ALA D 496 -2.68 -12.48 17.08
CA ALA D 496 -2.26 -13.77 16.54
C ALA D 496 -0.94 -14.24 17.16
N TYR D 497 -0.05 -13.30 17.52
CA TYR D 497 1.15 -13.66 18.25
C TYR D 497 0.82 -14.17 19.65
N MET D 498 -0.14 -13.53 20.32
CA MET D 498 -0.50 -13.97 21.67
C MET D 498 -1.29 -15.27 21.66
N ASN D 499 -2.05 -15.52 20.60
CA ASN D 499 -2.75 -16.79 20.47
C ASN D 499 -1.81 -17.90 20.02
N ASN D 500 -0.71 -17.55 19.36
CA ASN D 500 0.28 -18.55 18.98
C ASN D 500 1.03 -19.11 20.19
N TYR D 501 1.20 -18.30 21.23
CA TYR D 501 2.02 -18.69 22.39
C TYR D 501 1.19 -19.04 23.61
N SER D 502 -0.15 -19.12 23.46
CA SER D 502 -1.11 -19.52 24.50
C SER D 502 -1.06 -18.62 25.72
N ILE D 503 -0.94 -17.32 25.48
CA ILE D 503 -0.91 -16.28 26.51
C ILE D 503 -2.34 -16.15 27.04
N PRO D 504 -2.55 -16.06 28.36
CA PRO D 504 -3.92 -16.10 28.90
C PRO D 504 -4.74 -14.86 28.57
N LYS D 505 -6.05 -15.01 28.73
CA LYS D 505 -7.01 -14.01 28.27
C LYS D 505 -7.06 -12.76 29.12
N LEU D 506 -6.51 -12.79 30.34
CA LEU D 506 -6.36 -11.56 31.11
C LEU D 506 -5.30 -10.65 30.49
N VAL D 507 -4.19 -11.24 30.05
CA VAL D 507 -3.12 -10.48 29.41
C VAL D 507 -3.56 -10.03 28.02
N GLN D 508 -4.32 -10.86 27.31
CA GLN D 508 -4.84 -10.47 26.00
C GLN D 508 -5.92 -9.40 26.12
N LYS D 509 -6.70 -9.44 27.21
CA LYS D 509 -7.68 -8.39 27.47
C LYS D 509 -7.00 -7.07 27.81
N ARG D 510 -5.86 -7.13 28.52
CA ARG D 510 -5.11 -5.92 28.83
C ARG D 510 -4.44 -5.34 27.59
N VAL D 511 -3.97 -6.21 26.69
CA VAL D 511 -3.36 -5.75 25.44
C VAL D 511 -4.40 -5.14 24.52
N ARG D 512 -5.59 -5.76 24.43
CA ARG D 512 -6.68 -5.20 23.65
C ARG D 512 -7.23 -3.90 24.24
N THR D 513 -7.23 -3.77 25.58
CA THR D 513 -7.61 -2.52 26.22
C THR D 513 -6.61 -1.41 25.94
N TRP D 514 -5.31 -1.76 25.88
CA TRP D 514 -4.27 -0.80 25.51
C TRP D 514 -4.41 -0.34 24.07
N TYR D 515 -4.68 -1.28 23.16
CA TYR D 515 -4.84 -0.93 21.75
C TYR D 515 -6.08 -0.09 21.51
N GLU D 516 -7.16 -0.37 22.27
CA GLU D 516 -8.37 0.42 22.15
C GLU D 516 -8.20 1.83 22.70
N TYR D 517 -7.51 1.98 23.83
CA TYR D 517 -7.31 3.33 24.35
C TYR D 517 -6.26 4.10 23.57
N THR D 518 -5.29 3.41 22.95
CA THR D 518 -4.32 4.09 22.10
C THR D 518 -4.97 4.54 20.79
N TRP D 519 -5.97 3.81 20.30
CA TRP D 519 -6.70 4.31 19.14
C TRP D 519 -7.67 5.43 19.53
N ASP D 520 -8.28 5.35 20.71
CA ASP D 520 -9.23 6.38 21.11
C ASP D 520 -8.55 7.68 21.48
N SER D 521 -7.31 7.63 21.96
CA SER D 521 -6.61 8.83 22.40
C SER D 521 -5.67 9.40 21.33
N GLN D 522 -4.75 8.58 20.82
CA GLN D 522 -3.72 9.06 19.90
C GLN D 522 -4.16 9.01 18.43
N ARG D 523 -5.04 8.06 18.10
CA ARG D 523 -5.36 7.60 16.74
C ARG D 523 -4.12 7.15 15.97
N MET D 524 -3.12 6.59 16.66
CA MET D 524 -1.91 6.06 16.05
C MET D 524 -1.27 5.10 17.05
N LEU D 525 -0.40 4.22 16.52
CA LEU D 525 0.31 3.28 17.39
C LEU D 525 1.36 3.98 18.23
N ASP D 526 2.30 4.64 17.57
CA ASP D 526 3.48 5.19 18.23
C ASP D 526 3.62 6.63 17.75
N GLU D 527 3.89 7.55 18.67
CA GLU D 527 4.25 8.88 18.25
C GLU D 527 5.72 8.99 17.89
N SER D 528 6.53 7.98 18.25
CA SER D 528 7.96 8.02 18.01
C SER D 528 8.30 7.84 16.55
N ASP D 529 7.62 6.93 15.85
CA ASP D 529 7.92 6.73 14.44
C ASP D 529 7.31 7.83 13.58
N LEU D 530 6.33 8.57 14.11
CA LEU D 530 5.91 9.78 13.43
C LEU D 530 6.93 10.89 13.61
N LEU D 531 7.40 11.09 14.84
CA LEU D 531 8.29 12.21 15.14
C LEU D 531 9.68 12.00 14.58
N LYS D 532 10.11 10.74 14.39
CA LYS D 532 11.45 10.49 13.87
C LYS D 532 11.57 10.77 12.37
N THR D 533 10.45 10.89 11.65
CA THR D 533 10.52 11.26 10.24
C THR D 533 10.49 12.78 10.06
N LEU D 534 10.17 13.53 11.11
CA LEU D 534 10.18 14.97 11.03
C LEU D 534 11.62 15.49 11.10
N PRO D 535 11.88 16.71 10.64
CA PRO D 535 13.18 17.34 10.90
C PRO D 535 13.34 17.71 12.37
N THR D 536 14.57 18.06 12.73
CA THR D 536 14.92 18.22 14.14
C THR D 536 14.38 19.52 14.73
N THR D 537 14.11 20.53 13.91
CA THR D 537 13.65 21.81 14.44
C THR D 537 12.18 21.75 14.82
N VAL D 538 11.36 21.08 13.99
CA VAL D 538 9.95 20.92 14.32
C VAL D 538 9.79 19.91 15.46
N GLN D 539 10.72 18.95 15.58
CA GLN D 539 10.78 18.06 16.73
C GLN D 539 11.09 18.81 18.01
N LEU D 540 12.04 19.76 17.93
CA LEU D 540 12.40 20.54 19.10
C LEU D 540 11.29 21.51 19.49
N ALA D 541 10.59 22.06 18.51
CA ALA D 541 9.48 22.97 18.80
C ALA D 541 8.30 22.25 19.42
N LEU D 542 7.97 21.06 18.90
CA LEU D 542 6.91 20.26 19.48
C LEU D 542 7.30 19.68 20.83
N ALA D 543 8.59 19.47 21.08
CA ALA D 543 9.00 19.04 22.41
C ALA D 543 9.00 20.20 23.41
N ILE D 544 9.29 21.42 22.95
CA ILE D 544 9.30 22.58 23.84
C ILE D 544 7.88 22.97 24.22
N ASP D 545 6.93 22.92 23.27
CA ASP D 545 5.59 23.40 23.56
C ASP D 545 4.78 22.42 24.41
N VAL D 546 5.27 21.19 24.58
CA VAL D 546 4.56 20.21 25.37
C VAL D 546 5.14 20.08 26.78
N ASN D 547 6.47 19.93 26.92
CA ASN D 547 7.04 19.57 28.22
C ASN D 547 8.09 20.51 28.79
N PHE D 548 8.45 21.61 28.12
CA PHE D 548 9.57 22.42 28.60
C PHE D 548 9.20 23.24 29.83
N SER D 549 7.94 23.66 29.95
CA SER D 549 7.49 24.31 31.17
C SER D 549 7.43 23.33 32.34
N ILE D 550 7.11 22.07 32.06
CA ILE D 550 7.05 21.04 33.09
C ILE D 550 8.44 20.69 33.60
N ILE D 551 9.42 20.59 32.70
CA ILE D 551 10.77 20.31 33.14
C ILE D 551 11.44 21.56 33.73
N SER D 552 11.00 22.75 33.34
CA SER D 552 11.49 23.95 34.03
C SER D 552 10.85 24.13 35.40
N LYS D 553 9.75 23.42 35.68
CA LYS D 553 9.27 23.35 37.06
C LYS D 553 10.12 22.45 37.96
N VAL D 554 10.97 21.60 37.39
CA VAL D 554 11.71 20.61 38.18
C VAL D 554 12.91 21.27 38.85
N ASP D 555 12.98 21.14 40.18
CA ASP D 555 14.07 21.72 40.95
C ASP D 555 15.39 20.96 40.75
N LEU D 556 15.34 19.73 40.24
CA LEU D 556 16.57 19.01 39.95
C LEU D 556 17.25 19.56 38.70
N PHE D 557 16.47 19.81 37.64
CA PHE D 557 16.98 20.37 36.41
C PHE D 557 16.77 21.87 36.31
N LYS D 558 16.55 22.55 37.44
CA LYS D 558 16.48 24.01 37.43
C LYS D 558 17.83 24.64 37.11
N GLY D 559 18.91 24.07 37.63
CA GLY D 559 20.21 24.68 37.41
C GLY D 559 20.90 24.32 36.12
N CYS D 560 20.35 23.38 35.35
CA CYS D 560 21.06 22.83 34.20
C CYS D 560 20.94 23.77 33.00
N ASP D 561 21.79 23.52 32.00
CA ASP D 561 21.75 24.33 30.80
C ASP D 561 20.65 23.84 29.87
N THR D 562 20.15 24.76 29.04
CA THR D 562 18.90 24.56 28.32
C THR D 562 19.02 23.59 27.16
N GLN D 563 20.23 23.41 26.61
CA GLN D 563 20.41 22.49 25.49
C GLN D 563 20.33 21.03 25.93
N MET D 564 20.80 20.73 27.14
CA MET D 564 20.68 19.38 27.68
C MET D 564 19.23 19.08 28.04
N ILE D 565 18.50 20.10 28.50
CA ILE D 565 17.06 19.99 28.73
C ILE D 565 16.33 19.75 27.42
N TYR D 566 16.80 20.38 26.33
CA TYR D 566 16.18 20.18 25.01
C TYR D 566 16.45 18.78 24.48
N ASP D 567 17.62 18.23 24.75
CA ASP D 567 17.90 16.86 24.33
C ASP D 567 17.13 15.84 25.16
N MET D 568 16.91 16.11 26.45
CA MET D 568 16.05 15.20 27.21
C MET D 568 14.58 15.41 26.88
N LEU D 569 14.20 16.57 26.33
CA LEU D 569 12.86 16.73 25.75
C LEU D 569 12.70 15.86 24.52
N LEU D 570 13.74 15.80 23.69
CA LEU D 570 13.69 15.01 22.48
C LEU D 570 13.73 13.51 22.77
N ARG D 571 14.38 13.10 23.85
CA ARG D 571 14.51 11.68 24.15
C ARG D 571 13.51 11.18 25.20
N LEU D 572 12.39 11.87 25.38
CA LEU D 572 11.31 11.36 26.21
C LEU D 572 10.55 10.27 25.47
N LYS D 573 10.11 9.25 26.20
CA LYS D 573 9.37 8.14 25.63
C LYS D 573 8.00 8.06 26.27
N SER D 574 6.96 7.94 25.44
CA SER D 574 5.59 7.96 25.89
C SER D 574 5.11 6.53 26.11
N VAL D 575 4.67 6.23 27.33
CA VAL D 575 4.13 4.93 27.67
C VAL D 575 2.75 5.12 28.28
N LEU D 576 1.82 4.24 27.91
CA LEU D 576 0.46 4.27 28.44
C LEU D 576 0.32 3.19 29.49
N TYR D 577 -0.14 3.58 30.68
CA TYR D 577 -0.38 2.64 31.76
C TYR D 577 -1.88 2.47 31.94
N LEU D 578 -2.30 1.24 32.16
CA LEU D 578 -3.70 0.88 32.29
C LEU D 578 -4.19 1.25 33.70
N PRO D 579 -5.50 1.23 33.96
CA PRO D 579 -5.97 1.39 35.35
C PRO D 579 -5.54 0.23 36.24
N GLY D 580 -4.95 0.58 37.38
CA GLY D 580 -4.39 -0.40 38.28
C GLY D 580 -2.96 -0.79 38.00
N ASP D 581 -2.37 -0.31 36.91
CA ASP D 581 -1.00 -0.64 36.57
C ASP D 581 -0.03 0.10 37.48
N PHE D 582 1.04 -0.60 37.86
CA PHE D 582 2.08 -0.04 38.71
C PHE D 582 3.06 0.72 37.83
N VAL D 583 3.24 2.01 38.09
CA VAL D 583 4.37 2.70 37.46
C VAL D 583 5.61 2.59 38.33
N CYS D 584 5.45 2.30 39.62
CA CYS D 584 6.54 2.17 40.58
C CYS D 584 6.10 1.16 41.63
N LYS D 585 6.76 0.00 41.70
CA LYS D 585 6.48 -0.97 42.75
C LYS D 585 7.42 -0.72 43.92
N LYS D 586 6.92 -0.95 45.13
CA LYS D 586 7.74 -0.73 46.33
C LYS D 586 8.77 -1.84 46.45
N GLY D 587 10.04 -1.48 46.22
CA GLY D 587 11.13 -2.43 46.30
C GLY D 587 11.77 -2.77 44.98
N GLU D 588 11.18 -2.36 43.86
CA GLU D 588 11.79 -2.60 42.56
C GLU D 588 12.92 -1.60 42.32
N ILE D 589 13.69 -1.87 41.26
CA ILE D 589 14.80 -0.99 40.93
C ILE D 589 14.27 0.30 40.31
N GLY D 590 15.03 1.38 40.46
CA GLY D 590 14.62 2.65 39.90
C GLY D 590 15.54 3.07 38.78
N LYS D 591 14.96 3.36 37.62
CA LYS D 591 15.76 3.83 36.51
C LYS D 591 15.13 4.96 35.70
N GLU D 592 13.93 5.41 36.01
CA GLU D 592 13.19 6.27 35.11
C GLU D 592 12.59 7.47 35.84
N MET D 593 12.43 8.55 35.10
CA MET D 593 11.74 9.75 35.56
C MET D 593 10.43 9.86 34.80
N TYR D 594 9.34 10.08 35.54
CA TYR D 594 8.00 9.98 34.99
C TYR D 594 7.37 11.37 34.95
N ILE D 595 6.92 11.78 33.77
CA ILE D 595 6.18 13.02 33.57
C ILE D 595 4.77 12.64 33.18
N ILE D 596 3.84 12.75 34.12
CA ILE D 596 2.46 12.35 33.85
C ILE D 596 1.72 13.46 33.12
N LYS D 597 1.20 13.14 31.95
CA LYS D 597 0.35 14.03 31.17
C LYS D 597 -0.88 13.28 30.73
N HIS D 598 -2.05 13.87 30.99
CA HIS D 598 -3.39 13.31 30.75
C HIS D 598 -3.57 11.95 31.46
N GLY D 599 -3.49 12.03 32.78
CA GLY D 599 -3.79 10.88 33.60
C GLY D 599 -3.63 11.24 35.06
N GLU D 600 -3.82 10.24 35.91
CA GLU D 600 -3.59 10.41 37.35
C GLU D 600 -2.96 9.15 37.90
N VAL D 601 -1.89 9.31 38.64
CA VAL D 601 -1.31 8.21 39.39
C VAL D 601 -1.54 8.48 40.87
N GLN D 602 -1.51 7.42 41.67
CA GLN D 602 -1.80 7.50 43.09
C GLN D 602 -0.70 6.83 43.88
N VAL D 603 -0.14 7.56 44.84
CA VAL D 603 0.98 7.07 45.66
C VAL D 603 0.38 6.33 46.85
N LEU D 604 0.40 5.01 46.79
CA LEU D 604 -0.16 4.18 47.85
C LEU D 604 0.86 4.06 48.97
N GLY D 605 0.63 4.79 50.07
CA GLY D 605 1.57 4.77 51.16
C GLY D 605 0.95 4.62 52.53
N GLY D 606 -0.14 3.85 52.62
CA GLY D 606 -0.82 3.69 53.88
C GLY D 606 -0.15 2.69 54.80
N PRO D 607 -0.79 2.42 55.94
CA PRO D 607 -0.26 1.38 56.83
C PRO D 607 -0.44 -0.02 56.28
N ASP D 608 -1.58 -0.31 55.67
CA ASP D 608 -1.80 -1.59 55.02
C ASP D 608 -1.22 -1.63 53.61
N GLY D 609 -0.97 -0.46 53.00
CA GLY D 609 -0.34 -0.39 51.70
C GLY D 609 -1.28 -0.01 50.57
N THR D 610 -2.53 0.34 50.84
CA THR D 610 -3.48 0.68 49.80
C THR D 610 -4.17 2.02 50.02
N LYS D 611 -3.88 2.73 51.10
CA LYS D 611 -4.43 4.06 51.32
C LYS D 611 -3.71 5.05 50.42
N VAL D 612 -4.48 5.81 49.65
CA VAL D 612 -3.93 6.77 48.68
C VAL D 612 -3.43 7.98 49.45
N LEU D 613 -2.11 8.18 49.47
CA LEU D 613 -1.53 9.35 50.11
C LEU D 613 -1.59 10.58 49.21
N VAL D 614 -0.91 10.52 48.07
CA VAL D 614 -0.84 11.63 47.13
C VAL D 614 -1.40 11.15 45.79
N THR D 615 -2.35 11.89 45.24
CA THR D 615 -2.79 11.69 43.86
C THR D 615 -2.13 12.74 42.97
N LEU D 616 -1.32 12.30 42.03
CA LEU D 616 -0.57 13.18 41.16
C LEU D 616 -1.32 13.35 39.84
N LYS D 617 -1.73 14.58 39.55
CA LYS D 617 -2.49 14.86 38.35
C LYS D 617 -1.54 15.14 37.19
N ALA D 618 -2.08 15.65 36.08
CA ALA D 618 -1.29 15.83 34.88
C ALA D 618 -0.34 17.02 35.00
N GLY D 619 0.85 16.87 34.44
CA GLY D 619 1.87 17.88 34.54
C GLY D 619 2.80 17.72 35.72
N SER D 620 2.74 16.59 36.42
CA SER D 620 3.62 16.36 37.56
C SER D 620 4.83 15.53 37.14
N VAL D 621 5.90 15.70 37.88
CA VAL D 621 7.14 14.95 37.69
C VAL D 621 7.46 14.26 39.00
N PHE D 622 7.68 12.94 38.95
CA PHE D 622 8.02 12.18 40.14
C PHE D 622 9.05 11.13 39.77
N GLY D 623 9.90 10.80 40.74
CA GLY D 623 10.97 9.85 40.49
C GLY D 623 12.10 10.42 39.66
N GLU D 624 12.38 11.72 39.79
CA GLU D 624 13.47 12.35 39.05
C GLU D 624 14.81 12.21 39.75
N ILE D 625 14.82 11.93 41.06
CA ILE D 625 16.05 11.73 41.79
C ILE D 625 16.63 10.34 41.53
N SER D 626 15.83 9.45 40.95
CA SER D 626 16.28 8.11 40.61
C SER D 626 17.21 8.08 39.40
N LEU D 627 17.25 9.16 38.62
CA LEU D 627 18.10 9.26 37.44
C LEU D 627 19.56 9.52 37.78
N LEU D 628 19.88 9.88 39.02
CA LEU D 628 21.24 10.22 39.39
C LEU D 628 21.96 9.13 40.16
N ALA D 629 21.22 8.18 40.74
CA ALA D 629 21.85 7.07 41.44
C ALA D 629 22.47 6.09 40.45
N ALA D 630 23.57 5.46 40.86
CA ALA D 630 24.33 4.61 39.97
C ALA D 630 24.26 3.15 40.45
N GLY D 631 24.42 2.24 39.51
CA GLY D 631 24.41 0.81 39.80
C GLY D 631 23.04 0.32 40.18
N GLY D 632 22.92 -0.27 41.36
CA GLY D 632 21.63 -0.55 41.94
C GLY D 632 20.96 0.76 42.31
N GLY D 633 21.55 1.44 43.31
CA GLY D 633 21.21 2.82 43.58
C GLY D 633 19.84 3.05 44.17
N ASN D 634 18.96 3.62 43.37
CA ASN D 634 17.63 4.00 43.83
C ASN D 634 16.67 2.82 43.75
N ARG D 635 16.06 2.50 44.88
CA ARG D 635 14.93 1.60 44.95
C ARG D 635 13.69 2.42 45.24
N ARG D 636 12.57 2.06 44.60
CA ARG D 636 11.34 2.82 44.75
C ARG D 636 10.74 2.58 46.13
N THR D 637 10.48 3.66 46.86
CA THR D 637 10.13 3.54 48.27
C THR D 637 8.64 3.32 48.48
N ALA D 638 7.80 3.64 47.50
CA ALA D 638 6.36 3.53 47.67
C ALA D 638 5.72 3.00 46.40
N ASN D 639 4.56 2.35 46.56
CA ASN D 639 3.79 1.90 45.42
C ASN D 639 3.07 3.08 44.79
N VAL D 640 3.29 3.29 43.50
CA VAL D 640 2.57 4.30 42.72
C VAL D 640 1.80 3.57 41.64
N VAL D 641 0.49 3.49 41.79
CA VAL D 641 -0.35 2.84 40.80
C VAL D 641 -1.08 3.92 40.00
N ALA D 642 -1.51 3.57 38.80
CA ALA D 642 -2.29 4.49 38.00
C ALA D 642 -3.75 4.44 38.44
N HIS D 643 -4.37 5.61 38.55
CA HIS D 643 -5.78 5.66 38.92
C HIS D 643 -6.66 5.23 37.75
N GLY D 644 -6.55 5.92 36.63
CA GLY D 644 -7.17 5.53 35.39
C GLY D 644 -6.12 5.24 34.34
N PHE D 645 -6.47 5.53 33.09
CA PHE D 645 -5.49 5.40 32.02
C PHE D 645 -4.53 6.58 32.09
N ALA D 646 -3.28 6.29 32.41
CA ALA D 646 -2.28 7.31 32.67
C ALA D 646 -1.22 7.26 31.59
N ASN D 647 -1.06 8.35 30.85
CA ASN D 647 -0.10 8.42 29.75
C ASN D 647 1.19 9.04 30.28
N LEU D 648 2.09 8.19 30.74
CA LEU D 648 3.33 8.69 31.31
C LEU D 648 4.33 9.03 30.22
N LEU D 649 5.16 10.02 30.47
CA LEU D 649 6.33 10.31 29.67
C LEU D 649 7.58 9.96 30.47
N THR D 650 8.49 9.23 29.85
CA THR D 650 9.51 8.48 30.56
C THR D 650 10.89 8.82 30.03
N LEU D 651 11.78 9.24 30.92
CA LEU D 651 13.20 9.44 30.59
C LEU D 651 14.01 8.45 31.42
N ASP D 652 14.74 7.58 30.73
CA ASP D 652 15.51 6.54 31.40
C ASP D 652 16.78 7.12 32.00
N LYS D 653 17.41 6.35 32.89
CA LYS D 653 18.73 6.70 33.38
C LYS D 653 19.79 6.54 32.30
N LYS D 654 19.61 5.51 31.45
CA LYS D 654 20.55 5.20 30.38
C LYS D 654 20.56 6.29 29.31
N THR D 655 19.38 6.78 28.95
CA THR D 655 19.32 7.85 27.96
C THR D 655 19.75 9.19 28.55
N LEU D 656 19.56 9.39 29.87
CA LEU D 656 20.08 10.59 30.51
C LEU D 656 21.60 10.59 30.53
N GLN D 657 22.21 9.41 30.73
CA GLN D 657 23.68 9.33 30.67
C GLN D 657 24.19 9.50 29.25
N GLU D 658 23.45 8.97 28.26
CA GLU D 658 23.81 9.16 26.86
C GLU D 658 23.63 10.60 26.40
N ILE D 659 22.76 11.36 27.06
CA ILE D 659 22.69 12.79 26.80
C ILE D 659 23.80 13.53 27.54
N LEU D 660 24.06 13.15 28.79
CA LEU D 660 24.99 13.84 29.66
C LEU D 660 26.46 13.57 29.36
N VAL D 661 26.78 12.66 28.43
CA VAL D 661 28.17 12.59 27.99
C VAL D 661 28.54 13.77 27.08
N HIS D 662 27.56 14.51 26.55
CA HIS D 662 27.87 15.68 25.73
C HIS D 662 27.96 16.95 26.56
N TYR D 663 27.46 16.94 27.80
CA TYR D 663 27.31 18.16 28.59
C TYR D 663 27.94 17.95 29.97
N PRO D 664 29.19 18.36 30.19
CA PRO D 664 29.85 18.07 31.47
C PRO D 664 29.47 19.01 32.60
N ASP D 665 29.08 20.24 32.26
CA ASP D 665 28.76 21.24 33.29
C ASP D 665 27.44 20.92 33.98
N SER D 666 26.41 20.58 33.20
CA SER D 666 25.13 20.17 33.78
C SER D 666 25.24 18.82 34.47
N GLU D 667 26.14 17.95 33.99
CA GLU D 667 26.45 16.70 34.69
C GLU D 667 27.08 16.96 36.04
N ARG D 668 27.94 17.99 36.14
CA ARG D 668 28.54 18.36 37.42
C ARG D 668 27.51 18.96 38.36
N ILE D 669 26.56 19.74 37.83
CA ILE D 669 25.49 20.31 38.65
C ILE D 669 24.55 19.22 39.17
N LEU D 670 24.25 18.22 38.32
CA LEU D 670 23.38 17.12 38.74
C LEU D 670 24.07 16.21 39.74
N MET D 671 25.37 15.94 39.56
CA MET D 671 26.08 15.11 40.52
C MET D 671 26.32 15.83 41.85
N LYS D 672 26.50 17.15 41.85
CA LYS D 672 26.65 17.83 43.14
C LYS D 672 25.29 17.97 43.83
N LYS D 673 24.19 18.04 43.07
CA LYS D 673 22.87 17.98 43.68
C LYS D 673 22.57 16.60 44.26
N ALA D 674 23.08 15.55 43.60
CA ALA D 674 22.96 14.19 44.14
C ALA D 674 23.79 14.02 45.42
N ARG D 675 25.00 14.57 45.44
CA ARG D 675 25.83 14.48 46.65
C ARG D 675 25.29 15.34 47.79
N VAL D 676 24.58 16.43 47.48
CA VAL D 676 23.99 17.24 48.53
C VAL D 676 22.74 16.58 49.10
N LEU D 677 21.83 16.13 48.22
CA LEU D 677 20.54 15.67 48.73
C LEU D 677 20.58 14.22 49.19
N LEU D 678 21.36 13.37 48.53
CA LEU D 678 21.43 11.96 48.93
C LEU D 678 22.40 11.78 50.09
#